data_8TP5
#
_entry.id   8TP5
#
_cell.length_a   1.00
_cell.length_b   1.00
_cell.length_c   1.00
_cell.angle_alpha   90.00
_cell.angle_beta   90.00
_cell.angle_gamma   90.00
#
_symmetry.space_group_name_H-M   'P 1'
#
loop_
_entity.id
_entity.type
_entity.pdbx_description
1 polymer 'Hemagglutinin HA1 chain'
2 polymer 'Hemagglutinin HA2 chain'
3 polymer 'Heavy chain of Fab 1-1-1E04'
4 polymer 'Light chain of Fab 1-1-1E04'
5 branched 2-acetamido-2-deoxy-beta-D-glucopyranose-(1-4)-2-acetamido-2-deoxy-beta-D-glucopyranose
6 non-polymer 2-acetamido-2-deoxy-beta-D-glucopyranose
#
loop_
_entity_poly.entity_id
_entity_poly.type
_entity_poly.pdbx_seq_one_letter_code
_entity_poly.pdbx_strand_id
1 'polypeptide(L)'
;DTICIGYHANNSTDTVDTVLEKNVTVTHSVNLLEDSHNGKLCLLKGIAPLQLGNCSVAGWILGNPECELLISKESWSYIV
ETPNPENGTCYPGYFADYEELREQLSSVSSFERFEIFPKESSWPNHTVTGVSASCSHNGKSSFYRNLLWLTGKNGLYPNL
SKSYVNNKEKEVLVLWGVHHPPNIGNQRALYHTENAYVSVVSSHYSRRFTPEIAKRPKVRDQEGRINYYWTLLEPGDTII
FEANGNLIAPWYAFALSRGFGSGIITSNAPMDECDAKCQTPQGAINSSLPFQNVHPVTIGECPKYVRSAKLRMVTGLRNI
PS
;
A,C,G
2 'polypeptide(L)'
;GLFGAIAGFIEGGWTGMVDGWYGYHHQNEQGSGYAADQKSTQNAINGITNKVNSVIEKMNTQFTAVGKEFNKLERRMENL
NKKVDDGFLDIWTYNAELLVLLENERTLDFHDSNVKNLYEKVKSQLKNNAKEIGNGCFEFYHKCNNECMESVKNGTYDYP
KYSEESKLNRE
;
B,D,I
3 'polypeptide(L)'
;QVQLVQSGAQLRKPGSSVTVSCKASGDTFNSYSIHWVRQAPGQGLEWMGRIIPVFGMTHYAQRFRGRITVSADKSTRTAY
MELTSLTSADTAMYYCARDGGDKFHSSGHFETNQGYFDHWGQGALVTVSS
;
E,H,J
4 'polypeptide(L)'
;QSVLTQPPSVSGAPGQRVTVSCTGSSSNLGATYEVHWYQQFPGTAPKLLIYGSTNRPSGVPERFSGSKSGTSASLTITGL
QAEDEADYYCQSYDTSLRGFYVFGTGTKVTVL
;
F,K,L
#
loop_
_chem_comp.id
_chem_comp.type
_chem_comp.name
_chem_comp.formula
NAG D-saccharide, beta linking 2-acetamido-2-deoxy-beta-D-glucopyranose 'C8 H15 N O6'
#
# COMPACT_ATOMS: atom_id res chain seq x y z
N ASP A 1 -16.09 -65.39 48.80
CA ASP A 1 -15.91 -63.95 48.97
C ASP A 1 -15.04 -63.43 47.81
N THR A 2 -15.44 -62.29 47.21
CA THR A 2 -14.78 -61.66 46.03
C THR A 2 -14.55 -60.15 46.16
N ILE A 3 -13.40 -59.70 45.64
CA ILE A 3 -13.17 -58.26 45.47
C ILE A 3 -12.90 -58.08 43.97
N CYS A 4 -13.58 -57.10 43.31
CA CYS A 4 -13.46 -56.80 41.88
C CYS A 4 -13.03 -55.37 41.65
N ILE A 5 -12.23 -55.18 40.61
CA ILE A 5 -11.77 -53.86 40.21
C ILE A 5 -12.32 -53.47 38.88
N GLY A 6 -12.90 -52.29 38.87
CA GLY A 6 -13.54 -51.78 37.68
C GLY A 6 -13.58 -50.29 37.65
N TYR A 7 -14.42 -49.78 36.80
CA TYR A 7 -14.53 -48.37 36.58
C TYR A 7 -15.97 -47.98 36.30
N HIS A 8 -16.25 -46.71 36.47
CA HIS A 8 -17.54 -46.05 36.29
C HIS A 8 -18.13 -46.05 34.88
N ALA A 9 -19.45 -46.17 34.82
CA ALA A 9 -20.18 -46.07 33.55
C ALA A 9 -21.51 -45.37 33.81
N ASN A 10 -22.09 -44.76 32.79
CA ASN A 10 -23.35 -44.04 32.97
C ASN A 10 -24.19 -44.08 31.68
N ASN A 11 -25.21 -43.20 31.56
CA ASN A 11 -26.15 -43.09 30.43
C ASN A 11 -25.74 -42.01 29.39
N SER A 12 -24.50 -41.45 29.48
CA SER A 12 -23.97 -40.41 28.59
C SER A 12 -23.80 -40.83 27.15
N THR A 13 -24.10 -39.89 26.27
CA THR A 13 -23.96 -40.03 24.84
C THR A 13 -22.89 -39.08 24.30
N ASP A 14 -22.19 -38.39 25.21
CA ASP A 14 -21.18 -37.45 24.75
C ASP A 14 -20.21 -38.24 23.92
N THR A 15 -19.94 -37.77 22.72
CA THR A 15 -19.05 -38.51 21.85
C THR A 15 -17.87 -37.69 21.41
N VAL A 16 -16.68 -38.29 21.47
CA VAL A 16 -15.46 -37.62 21.06
C VAL A 16 -14.74 -38.40 19.97
N ASP A 17 -13.84 -37.71 19.29
CA ASP A 17 -13.05 -38.32 18.25
C ASP A 17 -11.63 -38.56 18.77
N THR A 18 -10.95 -39.59 18.26
CA THR A 18 -9.54 -39.77 18.60
C THR A 18 -8.80 -40.04 17.31
N VAL A 19 -7.48 -40.19 17.37
CA VAL A 19 -6.76 -40.48 16.13
C VAL A 19 -6.95 -41.92 15.66
N LEU A 20 -7.21 -42.85 16.58
CA LEU A 20 -7.36 -44.24 16.17
C LEU A 20 -8.82 -44.64 15.93
N GLU A 21 -9.78 -43.97 16.55
CA GLU A 21 -11.19 -44.35 16.45
C GLU A 21 -12.05 -43.11 16.22
N LYS A 22 -13.04 -43.20 15.32
CA LYS A 22 -13.81 -42.00 15.00
C LYS A 22 -15.09 -41.65 15.76
N ASN A 23 -15.67 -42.52 16.62
CA ASN A 23 -16.88 -42.20 17.41
C ASN A 23 -16.82 -42.94 18.75
N VAL A 24 -16.30 -42.26 19.80
CA VAL A 24 -16.06 -42.81 21.12
C VAL A 24 -17.01 -42.22 22.15
N THR A 25 -17.89 -43.03 22.72
CA THR A 25 -18.83 -42.51 23.71
C THR A 25 -18.09 -42.42 25.03
N VAL A 26 -18.19 -41.28 25.71
CA VAL A 26 -17.50 -41.09 26.98
C VAL A 26 -18.46 -40.67 28.09
N THR A 27 -18.04 -40.86 29.34
CA THR A 27 -18.90 -40.54 30.48
C THR A 27 -18.96 -39.06 30.80
N HIS A 28 -17.90 -38.34 30.48
CA HIS A 28 -17.80 -36.90 30.72
C HIS A 28 -16.97 -36.25 29.62
N SER A 29 -17.36 -35.04 29.20
CA SER A 29 -16.59 -34.32 28.21
C SER A 29 -16.70 -32.82 28.39
N VAL A 30 -15.77 -32.10 27.77
CA VAL A 30 -15.76 -30.65 27.78
C VAL A 30 -15.78 -30.09 26.35
N ASN A 31 -16.67 -29.15 26.13
CA ASN A 31 -16.81 -28.50 24.83
C ASN A 31 -15.86 -27.33 24.75
N LEU A 32 -14.91 -27.35 23.83
CA LEU A 32 -13.95 -26.26 23.73
C LEU A 32 -14.35 -25.22 22.67
N LEU A 33 -15.43 -25.48 21.93
CA LEU A 33 -15.83 -24.61 20.82
C LEU A 33 -17.21 -24.02 21.02
N GLU A 34 -17.29 -22.70 20.93
CA GLU A 34 -18.53 -21.95 21.08
C GLU A 34 -19.22 -21.68 19.73
N ASP A 35 -20.46 -22.12 19.58
CA ASP A 35 -21.18 -21.89 18.36
C ASP A 35 -22.45 -21.05 18.47
N SER A 36 -22.72 -20.40 19.60
CA SER A 36 -23.92 -19.59 19.70
C SER A 36 -23.62 -18.11 19.87
N HIS A 37 -24.63 -17.31 19.66
CA HIS A 37 -24.60 -15.88 19.87
C HIS A 37 -26.05 -15.50 20.11
N ASN A 38 -26.31 -14.31 20.64
CA ASN A 38 -27.70 -13.96 20.89
C ASN A 38 -28.44 -13.20 19.80
N GLY A 39 -27.84 -12.97 18.63
CA GLY A 39 -28.56 -12.27 17.56
C GLY A 39 -28.68 -10.76 17.76
N LYS A 40 -28.04 -10.22 18.80
CA LYS A 40 -28.19 -8.80 19.12
C LYS A 40 -26.90 -8.01 19.24
N LEU A 41 -27.03 -6.70 19.04
CA LEU A 41 -25.92 -5.78 19.27
C LEU A 41 -26.03 -5.30 20.72
N CYS A 42 -24.97 -5.58 21.50
CA CYS A 42 -24.87 -5.32 22.94
C CYS A 42 -23.85 -4.24 23.25
N LEU A 43 -23.93 -3.75 24.48
CA LEU A 43 -23.00 -2.76 24.99
C LEU A 43 -21.73 -3.50 25.32
N LEU A 44 -20.59 -2.84 25.23
CA LEU A 44 -19.36 -3.51 25.64
C LEU A 44 -18.91 -2.93 26.96
N LYS A 45 -19.00 -3.74 28.00
CA LYS A 45 -18.62 -3.32 29.33
C LYS A 45 -19.31 -2.00 29.72
N GLY A 46 -20.60 -1.89 29.42
CA GLY A 46 -21.42 -0.74 29.72
C GLY A 46 -21.48 0.38 28.66
N ILE A 47 -20.66 0.33 27.62
CA ILE A 47 -20.70 1.42 26.64
C ILE A 47 -21.38 1.00 25.33
N ALA A 48 -22.41 1.76 24.96
CA ALA A 48 -23.18 1.51 23.76
C ALA A 48 -22.39 1.84 22.50
N PRO A 49 -22.67 1.18 21.38
CA PRO A 49 -22.15 1.45 20.05
C PRO A 49 -22.75 2.69 19.44
N LEU A 50 -22.10 3.20 18.40
CA LEU A 50 -22.63 4.28 17.60
C LEU A 50 -23.39 3.66 16.47
N GLN A 51 -24.67 3.91 16.40
CA GLN A 51 -25.44 3.32 15.34
C GLN A 51 -25.59 4.34 14.28
N LEU A 52 -25.09 4.07 13.08
CA LEU A 52 -25.18 5.07 12.04
C LEU A 52 -26.48 4.96 11.27
N GLY A 53 -27.25 3.94 11.55
CA GLY A 53 -28.51 3.78 10.84
C GLY A 53 -28.24 3.59 9.35
N ASN A 54 -28.86 4.44 8.51
CA ASN A 54 -28.79 4.45 7.05
C ASN A 54 -27.60 5.27 6.51
N CYS A 55 -26.76 5.85 7.40
CA CYS A 55 -25.62 6.70 7.05
C CYS A 55 -24.32 5.91 6.92
N SER A 56 -23.52 6.32 5.98
CA SER A 56 -22.19 5.79 5.82
C SER A 56 -21.31 6.60 6.72
N VAL A 57 -20.06 6.21 6.88
CA VAL A 57 -19.17 7.02 7.68
C VAL A 57 -18.99 8.38 7.04
N ALA A 58 -18.86 8.44 5.70
CA ALA A 58 -18.72 9.75 5.05
C ALA A 58 -19.93 10.61 5.30
N GLY A 59 -21.11 10.02 5.25
CA GLY A 59 -22.34 10.77 5.46
C GLY A 59 -22.36 11.33 6.84
N TRP A 60 -22.01 10.52 7.80
CA TRP A 60 -21.98 10.98 9.16
C TRP A 60 -20.98 12.10 9.41
N ILE A 61 -19.74 11.89 9.04
CA ILE A 61 -18.69 12.81 9.41
C ILE A 61 -18.82 14.14 8.65
N LEU A 62 -19.38 14.11 7.43
CA LEU A 62 -19.58 15.33 6.65
C LEU A 62 -20.84 16.06 7.04
N GLY A 63 -21.68 15.49 7.87
CA GLY A 63 -22.93 16.15 8.16
C GLY A 63 -24.05 15.97 7.13
N ASN A 64 -24.15 14.85 6.46
CA ASN A 64 -25.24 14.69 5.51
C ASN A 64 -26.53 15.14 6.20
N PRO A 65 -27.39 15.94 5.56
CA PRO A 65 -28.63 16.45 6.11
C PRO A 65 -29.53 15.42 6.76
N GLU A 66 -29.49 14.19 6.27
CA GLU A 66 -30.34 13.11 6.80
C GLU A 66 -29.76 12.33 8.00
N CYS A 67 -28.54 12.70 8.45
CA CYS A 67 -27.74 12.07 9.50
C CYS A 67 -27.75 12.97 10.74
N GLU A 68 -28.76 13.83 10.86
CA GLU A 68 -28.86 14.79 11.97
C GLU A 68 -28.93 14.13 13.34
N LEU A 69 -29.39 12.91 13.38
CA LEU A 69 -29.58 12.18 14.61
C LEU A 69 -28.26 11.70 15.17
N LEU A 70 -27.20 11.82 14.38
CA LEU A 70 -25.89 11.36 14.77
C LEU A 70 -25.01 12.51 15.27
N ILE A 71 -25.56 13.72 15.33
CA ILE A 71 -24.80 14.89 15.78
C ILE A 71 -24.44 14.90 17.25
N SER A 72 -25.38 14.51 18.10
CA SER A 72 -25.23 14.50 19.55
C SER A 72 -24.50 13.28 20.07
N LYS A 73 -24.17 12.36 19.20
CA LYS A 73 -23.55 11.11 19.59
C LYS A 73 -22.05 11.28 19.80
N GLU A 74 -21.70 11.86 20.94
CA GLU A 74 -20.33 12.19 21.32
C GLU A 74 -19.43 11.01 21.69
N SER A 75 -19.99 9.90 22.15
CA SER A 75 -19.11 8.78 22.51
C SER A 75 -19.71 7.43 22.18
N TRP A 76 -18.84 6.43 21.97
CA TRP A 76 -19.24 5.08 21.63
C TRP A 76 -18.18 4.02 21.88
N SER A 77 -18.63 2.76 21.95
CA SER A 77 -17.71 1.61 22.06
C SER A 77 -17.24 0.99 20.75
N TYR A 78 -18.04 1.10 19.72
CA TYR A 78 -17.77 0.56 18.39
C TYR A 78 -18.72 1.24 17.42
N ILE A 79 -18.48 1.09 16.13
CA ILE A 79 -19.36 1.69 15.14
C ILE A 79 -20.10 0.64 14.35
N VAL A 80 -21.42 0.79 14.26
CA VAL A 80 -22.23 -0.13 13.52
C VAL A 80 -22.82 0.52 12.28
N GLU A 81 -22.53 -0.07 11.15
CA GLU A 81 -22.98 0.42 9.87
C GLU A 81 -23.87 -0.61 9.18
N THR A 82 -24.95 -0.17 8.54
CA THR A 82 -25.82 -1.08 7.82
C THR A 82 -25.05 -1.57 6.59
N PRO A 83 -25.25 -2.79 6.05
CA PRO A 83 -24.58 -3.29 4.85
C PRO A 83 -24.56 -2.42 3.62
N ASN A 84 -25.63 -1.68 3.38
CA ASN A 84 -25.67 -0.82 2.21
C ASN A 84 -26.23 0.54 2.55
N PRO A 85 -25.46 1.44 3.17
CA PRO A 85 -25.88 2.72 3.61
C PRO A 85 -26.31 3.48 2.40
N GLU A 86 -27.30 4.31 2.56
CA GLU A 86 -27.77 5.13 1.46
C GLU A 86 -27.38 6.61 1.52
N ASN A 87 -27.15 7.15 2.74
CA ASN A 87 -26.84 8.56 3.00
C ASN A 87 -25.33 8.74 3.25
N GLY A 88 -24.62 9.20 2.21
CA GLY A 88 -23.18 9.40 2.14
C GLY A 88 -22.90 10.76 1.59
N THR A 89 -22.12 10.79 0.53
CA THR A 89 -21.80 12.03 -0.11
C THR A 89 -22.96 12.46 -1.02
N CYS A 90 -23.98 13.19 -0.44
CA CYS A 90 -25.21 13.63 -1.12
C CYS A 90 -24.92 14.51 -2.32
N TYR A 91 -23.82 15.23 -2.29
CA TYR A 91 -23.41 15.98 -3.44
C TYR A 91 -22.25 15.11 -3.92
N PRO A 92 -22.31 14.51 -5.11
CA PRO A 92 -21.36 13.53 -5.55
C PRO A 92 -19.97 14.07 -5.69
N GLY A 93 -19.00 13.21 -5.45
CA GLY A 93 -17.60 13.56 -5.58
C GLY A 93 -16.75 12.46 -5.01
N TYR A 94 -15.44 12.67 -5.08
CA TYR A 94 -14.47 11.72 -4.59
C TYR A 94 -14.10 12.04 -3.16
N PHE A 95 -14.10 11.07 -2.28
CA PHE A 95 -13.73 11.34 -0.90
C PHE A 95 -12.30 10.85 -0.76
N ALA A 96 -11.35 11.75 -0.59
CA ALA A 96 -9.96 11.36 -0.55
C ALA A 96 -9.64 10.59 0.71
N ASP A 97 -8.86 9.54 0.56
CA ASP A 97 -8.40 8.77 1.69
C ASP A 97 -9.54 8.37 2.61
N TYR A 98 -10.63 7.91 2.02
CA TYR A 98 -11.79 7.54 2.78
C TYR A 98 -11.57 6.33 3.62
N GLU A 99 -10.97 5.31 3.05
CA GLU A 99 -10.75 4.06 3.76
C GLU A 99 -9.80 4.30 4.91
N GLU A 100 -8.84 5.19 4.69
CA GLU A 100 -7.87 5.53 5.70
C GLU A 100 -8.56 6.32 6.81
N LEU A 101 -9.49 7.21 6.47
CA LEU A 101 -10.20 7.95 7.50
C LEU A 101 -11.02 7.00 8.33
N ARG A 102 -11.68 6.02 7.71
CA ARG A 102 -12.50 5.07 8.45
C ARG A 102 -11.65 4.31 9.45
N GLU A 103 -10.44 3.91 9.03
CA GLU A 103 -9.52 3.17 9.88
C GLU A 103 -9.11 3.99 11.07
N GLN A 104 -8.98 5.30 10.90
CA GLN A 104 -8.57 6.12 12.02
C GLN A 104 -9.75 6.50 12.92
N LEU A 105 -10.94 6.74 12.35
CA LEU A 105 -12.10 7.08 13.17
C LEU A 105 -12.58 5.90 13.96
N SER A 106 -12.34 4.71 13.48
CA SER A 106 -12.80 3.54 14.17
C SER A 106 -12.15 3.40 15.53
N SER A 107 -11.01 4.05 15.77
CA SER A 107 -10.29 3.97 17.04
C SER A 107 -10.70 5.08 18.01
N VAL A 108 -11.54 6.01 17.56
CA VAL A 108 -11.95 7.15 18.36
C VAL A 108 -13.00 6.70 19.34
N SER A 109 -12.82 7.04 20.61
CA SER A 109 -13.82 6.64 21.58
C SER A 109 -14.85 7.73 21.71
N SER A 110 -14.39 8.95 21.49
CA SER A 110 -15.27 10.09 21.57
C SER A 110 -14.72 11.29 20.85
N PHE A 111 -15.58 12.26 20.60
CA PHE A 111 -15.10 13.51 20.09
C PHE A 111 -16.03 14.67 20.37
N GLU A 112 -15.47 15.86 20.29
CA GLU A 112 -16.24 17.07 20.38
C GLU A 112 -16.44 17.70 19.04
N ARG A 113 -17.68 17.97 18.68
CA ARG A 113 -17.96 18.67 17.46
C ARG A 113 -18.05 20.14 17.78
N PHE A 114 -17.17 20.95 17.20
CA PHE A 114 -17.15 22.36 17.52
C PHE A 114 -17.14 23.18 16.28
N GLU A 115 -17.57 24.42 16.36
CA GLU A 115 -17.61 25.23 15.16
C GLU A 115 -16.25 25.89 14.99
N ILE A 116 -15.57 25.55 13.90
CA ILE A 116 -14.21 26.02 13.64
C ILE A 116 -14.21 27.43 13.07
N PHE A 117 -15.13 27.68 12.15
CA PHE A 117 -15.27 28.97 11.49
C PHE A 117 -16.71 29.43 11.48
N PRO A 118 -17.20 30.12 12.51
CA PRO A 118 -18.59 30.44 12.66
C PRO A 118 -19.16 31.06 11.41
N LYS A 119 -20.29 30.52 11.00
CA LYS A 119 -20.94 30.92 9.76
C LYS A 119 -21.28 32.38 9.63
N GLU A 120 -21.81 32.95 10.68
CA GLU A 120 -22.23 34.32 10.70
C GLU A 120 -21.13 35.37 10.77
N SER A 121 -19.92 35.01 11.20
CA SER A 121 -18.92 36.05 11.33
C SER A 121 -17.66 35.81 10.53
N SER A 122 -17.46 34.59 10.04
CA SER A 122 -16.22 34.31 9.34
C SER A 122 -16.19 34.81 7.92
N TRP A 123 -17.32 34.92 7.24
CA TRP A 123 -17.23 35.37 5.86
C TRP A 123 -18.18 36.49 5.45
N PRO A 124 -18.02 37.72 5.96
CA PRO A 124 -18.82 38.90 5.67
C PRO A 124 -18.97 39.33 4.20
N ASN A 125 -17.99 38.96 3.34
CA ASN A 125 -17.95 39.33 1.92
C ASN A 125 -18.23 38.16 0.96
N HIS A 126 -18.82 37.03 1.45
CA HIS A 126 -19.15 35.87 0.61
C HIS A 126 -20.55 35.43 0.94
N THR A 127 -21.17 34.73 0.02
CA THR A 127 -22.48 34.19 0.28
C THR A 127 -22.26 32.83 0.91
N VAL A 128 -22.88 32.60 2.07
CA VAL A 128 -22.69 31.35 2.80
C VAL A 128 -23.98 30.56 2.93
N THR A 129 -24.97 30.92 2.16
CA THR A 129 -26.31 30.39 2.21
C THR A 129 -26.67 29.39 1.10
N GLY A 130 -25.67 28.92 0.35
CA GLY A 130 -25.89 27.99 -0.76
C GLY A 130 -26.37 26.61 -0.35
N VAL A 131 -27.33 26.10 -1.13
CA VAL A 131 -27.93 24.77 -0.98
C VAL A 131 -28.09 24.03 -2.29
N SER A 132 -28.27 22.72 -2.22
CA SER A 132 -28.50 21.88 -3.39
C SER A 132 -29.65 20.92 -3.22
N ALA A 133 -30.34 20.66 -4.33
CA ALA A 133 -31.49 19.73 -4.32
C ALA A 133 -31.02 18.34 -3.97
N SER A 134 -29.80 18.03 -4.34
CA SER A 134 -29.21 16.72 -4.15
C SER A 134 -29.03 16.35 -2.66
N CYS A 135 -29.02 17.36 -1.76
CA CYS A 135 -28.82 17.25 -0.33
C CYS A 135 -30.12 17.68 0.34
N SER A 136 -31.25 17.52 -0.32
CA SER A 136 -32.46 17.98 0.32
C SER A 136 -32.79 17.20 1.57
N HIS A 137 -33.52 17.86 2.45
CA HIS A 137 -33.95 17.32 3.73
C HIS A 137 -35.38 17.71 3.99
N ASN A 138 -36.25 16.74 4.18
CA ASN A 138 -37.66 17.01 4.43
C ASN A 138 -38.27 17.85 3.33
N GLY A 139 -37.86 17.59 2.09
CA GLY A 139 -38.42 18.29 0.95
C GLY A 139 -37.75 19.58 0.53
N LYS A 140 -36.79 20.11 1.28
CA LYS A 140 -36.21 21.37 0.82
C LYS A 140 -34.74 21.22 0.57
N SER A 141 -34.19 22.07 -0.28
CA SER A 141 -32.78 22.02 -0.58
C SER A 141 -31.97 22.31 0.66
N SER A 142 -30.81 21.67 0.76
CA SER A 142 -29.94 21.84 1.92
C SER A 142 -28.51 21.51 1.58
N PHE A 143 -27.67 21.38 2.58
CA PHE A 143 -26.27 21.06 2.32
C PHE A 143 -25.70 20.40 3.55
N TYR A 144 -24.46 20.01 3.48
CA TYR A 144 -23.82 19.34 4.57
C TYR A 144 -23.79 20.20 5.80
N ARG A 145 -24.12 19.62 6.93
CA ARG A 145 -24.17 20.34 8.18
C ARG A 145 -22.81 20.70 8.73
N ASN A 146 -21.74 20.06 8.26
CA ASN A 146 -20.43 20.42 8.77
C ASN A 146 -19.61 21.26 7.79
N LEU A 147 -20.18 21.56 6.61
CA LEU A 147 -19.45 22.29 5.56
C LEU A 147 -20.21 23.49 5.06
N LEU A 148 -19.52 24.50 4.61
CA LEU A 148 -20.21 25.67 4.12
C LEU A 148 -19.80 25.98 2.68
N TRP A 149 -20.77 26.14 1.78
CA TRP A 149 -20.41 26.40 0.38
C TRP A 149 -20.26 27.87 0.12
N LEU A 150 -19.05 28.35 -0.14
CA LEU A 150 -18.85 29.78 -0.30
C LEU A 150 -18.92 30.19 -1.75
N THR A 151 -19.79 31.14 -2.07
CA THR A 151 -19.93 31.66 -3.43
C THR A 151 -19.74 33.16 -3.36
N GLY A 152 -19.70 33.84 -4.48
CA GLY A 152 -19.46 35.28 -4.44
C GLY A 152 -20.62 36.10 -3.91
N LYS A 153 -20.36 37.39 -3.73
CA LYS A 153 -21.32 38.36 -3.23
C LYS A 153 -21.13 39.68 -3.95
N ASN A 154 -22.22 40.29 -4.40
CA ASN A 154 -22.15 41.57 -5.12
C ASN A 154 -21.25 41.50 -6.35
N GLY A 155 -21.21 40.36 -7.03
CA GLY A 155 -20.40 40.21 -8.24
C GLY A 155 -18.93 39.90 -8.00
N LEU A 156 -18.51 39.79 -6.75
CA LEU A 156 -17.13 39.53 -6.42
C LEU A 156 -16.87 38.28 -5.61
N TYR A 157 -15.70 37.71 -5.74
CA TYR A 157 -15.29 36.63 -4.85
C TYR A 157 -13.93 37.03 -4.29
N PRO A 158 -13.88 37.84 -3.24
CA PRO A 158 -12.67 38.35 -2.66
C PRO A 158 -11.79 37.21 -2.23
N ASN A 159 -10.49 37.41 -2.28
CA ASN A 159 -9.60 36.37 -1.85
C ASN A 159 -9.81 36.06 -0.37
N LEU A 160 -9.87 34.78 -0.08
CA LEU A 160 -10.03 34.27 1.27
C LEU A 160 -8.74 33.97 1.91
N SER A 161 -8.69 34.22 3.22
CA SER A 161 -7.59 33.81 4.05
C SER A 161 -8.07 33.64 5.48
N LYS A 162 -8.10 32.40 5.93
CA LYS A 162 -8.54 32.04 7.29
C LYS A 162 -7.65 31.03 7.92
N SER A 163 -7.53 31.11 9.23
CA SER A 163 -6.74 30.12 9.90
C SER A 163 -7.31 29.78 11.25
N TYR A 164 -6.92 28.61 11.70
CA TYR A 164 -7.30 28.10 12.99
C TYR A 164 -6.15 27.51 13.74
N VAL A 165 -6.04 27.87 15.01
CA VAL A 165 -4.98 27.35 15.85
C VAL A 165 -5.54 26.30 16.77
N ASN A 166 -4.91 25.15 16.80
CA ASN A 166 -5.45 24.07 17.58
C ASN A 166 -5.13 24.14 19.05
N ASN A 167 -6.00 24.85 19.73
CA ASN A 167 -5.89 25.08 21.15
C ASN A 167 -6.78 24.12 21.93
N LYS A 168 -7.23 23.04 21.27
CA LYS A 168 -8.10 22.06 21.91
C LYS A 168 -7.34 21.00 22.69
N GLU A 169 -6.03 20.93 22.46
CA GLU A 169 -5.13 19.93 23.04
C GLU A 169 -5.47 18.48 22.66
N LYS A 170 -6.10 18.34 21.51
CA LYS A 170 -6.50 17.08 20.90
C LYS A 170 -6.22 17.18 19.42
N GLU A 171 -6.13 16.05 18.74
CA GLU A 171 -6.03 16.16 17.30
C GLU A 171 -7.35 16.67 16.78
N VAL A 172 -7.32 17.55 15.81
CA VAL A 172 -8.55 18.06 15.24
C VAL A 172 -8.75 17.66 13.80
N LEU A 173 -9.86 17.03 13.53
CA LEU A 173 -10.16 16.61 12.20
C LEU A 173 -10.86 17.70 11.46
N VAL A 174 -10.23 18.17 10.40
CA VAL A 174 -10.76 19.26 9.62
C VAL A 174 -11.13 18.72 8.26
N LEU A 175 -12.38 18.92 7.88
CA LEU A 175 -12.89 18.45 6.60
C LEU A 175 -13.18 19.63 5.70
N TRP A 176 -12.93 19.51 4.41
CA TRP A 176 -13.26 20.59 3.48
C TRP A 176 -13.45 20.01 2.11
N GLY A 177 -13.89 20.80 1.17
CA GLY A 177 -13.95 20.27 -0.18
C GLY A 177 -13.64 21.29 -1.25
N VAL A 178 -13.56 20.82 -2.48
CA VAL A 178 -13.29 21.65 -3.64
C VAL A 178 -14.36 21.41 -4.68
N HIS A 179 -14.92 22.47 -5.19
CA HIS A 179 -15.97 22.37 -6.19
C HIS A 179 -15.42 22.35 -7.60
N HIS A 180 -15.85 21.38 -8.37
CA HIS A 180 -15.50 21.18 -9.76
C HIS A 180 -16.75 21.28 -10.66
N PRO A 181 -17.09 22.47 -11.19
CA PRO A 181 -18.26 22.76 -12.01
C PRO A 181 -18.29 21.98 -13.32
N PRO A 182 -19.48 21.79 -13.90
CA PRO A 182 -19.68 21.18 -15.18
C PRO A 182 -19.27 22.05 -16.37
N ASN A 183 -19.19 23.35 -16.16
CA ASN A 183 -18.88 24.23 -17.27
C ASN A 183 -18.32 25.57 -16.83
N ILE A 184 -17.97 26.38 -17.81
CA ILE A 184 -17.43 27.72 -17.59
C ILE A 184 -18.50 28.68 -17.11
N GLY A 185 -19.69 28.59 -17.66
CA GLY A 185 -20.73 29.51 -17.24
C GLY A 185 -21.01 29.39 -15.74
N ASN A 186 -20.96 28.18 -15.20
CA ASN A 186 -21.19 27.96 -13.78
C ASN A 186 -19.99 28.40 -12.98
N GLN A 187 -18.79 28.16 -13.49
CA GLN A 187 -17.60 28.60 -12.77
C GLN A 187 -17.61 30.10 -12.62
N ARG A 188 -18.04 30.82 -13.64
CA ARG A 188 -18.04 32.26 -13.52
C ARG A 188 -19.25 32.77 -12.77
N ALA A 189 -20.40 32.12 -12.89
CA ALA A 189 -21.57 32.58 -12.19
C ALA A 189 -21.38 32.54 -10.68
N LEU A 190 -20.66 31.54 -10.19
CA LEU A 190 -20.48 31.41 -8.76
C LEU A 190 -19.22 32.06 -8.21
N TYR A 191 -18.09 32.00 -8.94
CA TYR A 191 -16.87 32.48 -8.35
C TYR A 191 -16.28 33.71 -9.06
N HIS A 192 -16.85 34.09 -10.19
CA HIS A 192 -16.42 35.22 -10.97
C HIS A 192 -14.96 35.18 -11.42
N THR A 193 -14.46 33.99 -11.71
CA THR A 193 -13.11 33.81 -12.20
C THR A 193 -13.00 32.49 -12.91
N GLU A 194 -12.12 32.44 -13.90
CA GLU A 194 -11.86 31.19 -14.61
C GLU A 194 -10.61 30.49 -14.10
N ASN A 195 -9.90 31.09 -13.15
CA ASN A 195 -8.66 30.53 -12.65
C ASN A 195 -8.60 30.55 -11.14
N ALA A 196 -9.44 29.73 -10.55
CA ALA A 196 -9.51 29.62 -9.13
C ALA A 196 -8.51 28.62 -8.64
N TYR A 197 -8.09 28.77 -7.41
CA TYR A 197 -7.27 27.80 -6.73
C TYR A 197 -7.70 27.73 -5.29
N VAL A 198 -7.39 26.61 -4.67
CA VAL A 198 -7.59 26.42 -3.23
C VAL A 198 -6.28 25.94 -2.64
N SER A 199 -5.82 26.54 -1.57
CA SER A 199 -4.57 26.13 -0.95
C SER A 199 -4.68 25.93 0.54
N VAL A 200 -4.37 24.72 0.98
CA VAL A 200 -4.50 24.42 2.39
C VAL A 200 -3.16 23.94 2.95
N VAL A 201 -2.69 24.63 3.99
CA VAL A 201 -1.43 24.25 4.60
C VAL A 201 -1.48 24.16 6.11
N SER A 202 -0.55 23.43 6.70
CA SER A 202 -0.36 23.33 8.14
C SER A 202 1.13 23.20 8.31
N SER A 203 1.66 22.91 9.51
CA SER A 203 3.11 22.88 9.53
C SER A 203 3.66 21.80 8.65
N HIS A 204 2.96 20.66 8.61
CA HIS A 204 3.42 19.54 7.82
C HIS A 204 2.56 19.18 6.61
N TYR A 205 1.34 19.69 6.55
CA TYR A 205 0.44 19.40 5.43
C TYR A 205 0.54 20.49 4.39
N SER A 206 0.64 20.12 3.14
CA SER A 206 0.62 21.17 2.14
C SER A 206 0.04 20.66 0.86
N ARG A 207 -1.08 21.23 0.46
CA ARG A 207 -1.72 20.80 -0.76
C ARG A 207 -2.39 21.95 -1.50
N ARG A 208 -2.24 21.97 -2.82
CA ARG A 208 -2.92 22.99 -3.61
C ARG A 208 -3.82 22.27 -4.58
N PHE A 209 -5.01 22.79 -4.74
CA PHE A 209 -6.00 22.17 -5.58
C PHE A 209 -6.36 23.11 -6.70
N THR A 210 -6.67 22.55 -7.86
CA THR A 210 -7.14 23.32 -8.98
C THR A 210 -8.46 22.71 -9.44
N PRO A 211 -9.56 23.45 -9.55
CA PRO A 211 -10.82 22.98 -10.07
C PRO A 211 -10.70 22.52 -11.49
N GLU A 212 -11.42 21.47 -11.85
CA GLU A 212 -11.43 20.94 -13.18
C GLU A 212 -12.84 21.06 -13.74
N ILE A 213 -12.95 21.59 -14.94
CA ILE A 213 -14.24 21.77 -15.55
C ILE A 213 -14.47 20.67 -16.55
N ALA A 214 -15.55 19.92 -16.37
CA ALA A 214 -15.81 18.82 -17.30
C ALA A 214 -17.25 18.41 -17.32
N LYS A 215 -17.67 17.85 -18.44
CA LYS A 215 -19.01 17.30 -18.53
C LYS A 215 -18.93 15.93 -17.91
N ARG A 216 -19.80 15.59 -16.99
CA ARG A 216 -19.72 14.29 -16.35
C ARG A 216 -21.08 13.65 -16.42
N PRO A 217 -21.22 12.32 -16.33
CA PRO A 217 -22.48 11.64 -16.26
C PRO A 217 -23.18 12.14 -15.02
N LYS A 218 -24.51 12.24 -15.04
CA LYS A 218 -25.15 12.70 -13.84
C LYS A 218 -25.21 11.69 -12.74
N VAL A 219 -24.89 12.16 -11.55
CA VAL A 219 -25.01 11.36 -10.35
C VAL A 219 -25.84 12.18 -9.39
N ARG A 220 -26.96 11.65 -8.94
CA ARG A 220 -27.84 12.41 -8.06
C ARG A 220 -28.19 13.76 -8.65
N ASP A 221 -28.44 13.76 -9.95
CA ASP A 221 -28.80 14.94 -10.75
C ASP A 221 -27.73 16.01 -10.92
N GLN A 222 -26.49 15.75 -10.53
CA GLN A 222 -25.43 16.72 -10.73
C GLN A 222 -24.44 16.32 -11.79
N GLU A 223 -23.93 17.32 -12.51
CA GLU A 223 -22.87 17.13 -13.50
C GLU A 223 -21.51 17.56 -12.96
N GLY A 224 -21.51 18.38 -11.90
CA GLY A 224 -20.26 18.79 -11.30
C GLY A 224 -19.99 17.87 -10.15
N ARG A 225 -18.88 18.08 -9.48
CA ARG A 225 -18.50 17.27 -8.33
C ARG A 225 -17.88 18.07 -7.20
N ILE A 226 -18.02 17.62 -5.97
CA ILE A 226 -17.25 18.21 -4.86
C ILE A 226 -16.33 17.19 -4.28
N ASN A 227 -15.04 17.42 -4.34
CA ASN A 227 -14.17 16.41 -3.78
C ASN A 227 -13.99 16.74 -2.33
N TYR A 228 -13.81 15.71 -1.50
CA TYR A 228 -13.68 15.96 -0.09
C TYR A 228 -12.29 15.59 0.38
N TYR A 229 -11.75 16.42 1.23
CA TYR A 229 -10.41 16.25 1.75
C TYR A 229 -10.40 16.40 3.24
N TRP A 230 -9.41 15.82 3.89
CA TRP A 230 -9.31 15.98 5.33
C TRP A 230 -7.89 15.90 5.81
N THR A 231 -7.68 16.44 7.00
CA THR A 231 -6.40 16.29 7.67
C THR A 231 -6.57 16.36 9.17
N LEU A 232 -5.63 15.78 9.89
CA LEU A 232 -5.62 15.88 11.34
C LEU A 232 -4.62 16.89 11.78
N LEU A 233 -5.10 17.91 12.44
CA LEU A 233 -4.28 18.99 12.89
C LEU A 233 -3.78 18.65 14.29
N GLU A 234 -2.48 18.62 14.47
CA GLU A 234 -1.89 18.26 15.74
C GLU A 234 -2.09 19.38 16.74
N PRO A 235 -2.13 19.11 18.04
CA PRO A 235 -2.25 20.10 19.08
C PRO A 235 -1.18 21.14 18.92
N GLY A 236 -1.59 22.40 18.99
CA GLY A 236 -0.69 23.51 18.87
C GLY A 236 -0.40 23.95 17.44
N ASP A 237 -0.85 23.20 16.43
CA ASP A 237 -0.52 23.63 15.09
C ASP A 237 -1.55 24.61 14.55
N THR A 238 -1.33 25.08 13.33
CA THR A 238 -2.22 26.01 12.66
C THR A 238 -2.57 25.55 11.27
N ILE A 239 -3.84 25.62 10.91
CA ILE A 239 -4.23 25.29 9.54
C ILE A 239 -4.65 26.56 8.86
N ILE A 240 -4.14 26.78 7.65
CA ILE A 240 -4.45 27.98 6.89
C ILE A 240 -5.11 27.64 5.56
N PHE A 241 -6.24 28.29 5.32
CA PHE A 241 -7.00 28.15 4.09
C PHE A 241 -6.96 29.42 3.25
N GLU A 242 -6.44 29.31 2.04
CA GLU A 242 -6.38 30.45 1.12
C GLU A 242 -7.10 30.07 -0.18
N ALA A 243 -7.93 30.94 -0.70
CA ALA A 243 -8.60 30.58 -1.96
C ALA A 243 -9.17 31.78 -2.70
N ASN A 244 -9.33 31.64 -4.01
CA ASN A 244 -10.00 32.69 -4.77
C ASN A 244 -11.21 32.14 -5.49
N GLY A 245 -11.71 31.03 -5.03
CA GLY A 245 -12.88 30.41 -5.60
C GLY A 245 -12.87 28.92 -5.36
N ASN A 246 -14.03 28.32 -5.56
CA ASN A 246 -14.29 26.89 -5.47
C ASN A 246 -14.04 26.21 -4.12
N LEU A 247 -14.14 26.94 -3.02
CA LEU A 247 -13.94 26.35 -1.71
C LEU A 247 -15.23 26.06 -0.95
N ILE A 248 -15.30 24.82 -0.46
CA ILE A 248 -16.36 24.41 0.43
C ILE A 248 -15.65 24.42 1.77
N ALA A 249 -15.94 25.41 2.57
CA ALA A 249 -15.20 25.69 3.77
C ALA A 249 -15.56 24.77 4.89
N PRO A 250 -14.65 24.45 5.80
CA PRO A 250 -15.00 23.71 6.97
C PRO A 250 -15.86 24.65 7.77
N TRP A 251 -16.84 24.12 8.45
CA TRP A 251 -17.69 24.89 9.35
C TRP A 251 -17.50 24.30 10.72
N TYR A 252 -17.69 23.00 10.81
CA TYR A 252 -17.48 22.24 12.04
C TYR A 252 -16.28 21.37 11.91
N ALA A 253 -15.64 21.09 13.03
CA ALA A 253 -14.44 20.25 13.09
C ALA A 253 -14.50 19.40 14.33
N PHE A 254 -13.75 18.31 14.35
CA PHE A 254 -13.86 17.42 15.49
C PHE A 254 -12.60 17.27 16.32
N ALA A 255 -12.71 17.50 17.62
CA ALA A 255 -11.57 17.30 18.52
C ALA A 255 -11.63 15.86 18.99
N LEU A 256 -10.68 15.05 18.56
CA LEU A 256 -10.71 13.61 18.77
C LEU A 256 -10.01 13.11 20.01
N SER A 257 -10.56 12.07 20.61
CA SER A 257 -9.97 11.37 21.74
C SER A 257 -9.99 9.88 21.45
N ARG A 258 -8.80 9.31 21.32
CA ARG A 258 -8.67 7.91 20.93
C ARG A 258 -8.68 6.95 22.10
N GLY A 259 -9.22 5.75 21.85
CA GLY A 259 -9.26 4.68 22.85
C GLY A 259 -8.81 3.37 22.23
N PHE A 260 -9.10 2.27 22.92
CA PHE A 260 -8.66 0.97 22.44
C PHE A 260 -9.77 -0.06 22.42
N GLY A 261 -9.67 -1.00 21.48
CA GLY A 261 -10.58 -2.15 21.39
C GLY A 261 -11.76 -1.97 20.45
N SER A 262 -12.01 -0.75 20.00
CA SER A 262 -13.10 -0.44 19.10
C SER A 262 -12.79 -0.78 17.63
N GLY A 263 -13.82 -0.77 16.79
CA GLY A 263 -13.68 -1.03 15.36
C GLY A 263 -15.04 -0.83 14.66
N ILE A 264 -15.09 -1.08 13.36
CA ILE A 264 -16.35 -0.91 12.62
C ILE A 264 -16.86 -2.25 12.13
N ILE A 265 -18.12 -2.54 12.42
CA ILE A 265 -18.73 -3.76 11.92
C ILE A 265 -19.94 -3.42 11.10
N THR A 266 -20.24 -4.32 10.18
CA THR A 266 -21.36 -4.16 9.30
C THR A 266 -22.44 -5.12 9.73
N SER A 267 -23.60 -4.62 10.09
CA SER A 267 -24.62 -5.50 10.63
C SER A 267 -26.05 -4.98 10.58
N ASN A 268 -27.00 -5.90 10.37
CA ASN A 268 -28.43 -5.58 10.46
C ASN A 268 -29.04 -6.05 11.77
N ALA A 269 -28.20 -6.49 12.70
CA ALA A 269 -28.69 -6.95 13.97
C ALA A 269 -29.26 -5.74 14.71
N PRO A 270 -30.35 -5.89 15.50
CA PRO A 270 -30.92 -4.84 16.31
C PRO A 270 -30.10 -4.60 17.53
N MET A 271 -30.16 -3.39 18.06
CA MET A 271 -29.55 -3.09 19.34
C MET A 271 -30.55 -3.33 20.43
N ASP A 272 -30.09 -3.81 21.57
CA ASP A 272 -30.98 -3.99 22.69
C ASP A 272 -30.29 -3.73 24.03
N GLU A 273 -31.07 -3.85 25.09
CA GLU A 273 -30.58 -3.63 26.44
C GLU A 273 -29.88 -4.88 26.99
N CYS A 274 -28.64 -5.09 26.53
CA CYS A 274 -27.79 -6.23 26.82
C CYS A 274 -26.34 -5.79 26.86
N ASP A 275 -25.49 -6.66 27.37
CA ASP A 275 -24.08 -6.35 27.53
C ASP A 275 -23.28 -7.62 27.33
N ALA A 276 -22.13 -7.49 26.69
CA ALA A 276 -21.26 -8.62 26.45
C ALA A 276 -19.81 -8.18 26.41
N LYS A 277 -18.91 -9.11 26.61
CA LYS A 277 -17.51 -8.76 26.42
C LYS A 277 -16.98 -8.93 24.98
N CYS A 278 -17.76 -9.59 24.08
CA CYS A 278 -17.47 -9.92 22.68
C CYS A 278 -18.72 -9.72 21.83
N GLN A 279 -18.54 -9.09 20.69
CA GLN A 279 -19.58 -8.81 19.73
C GLN A 279 -19.18 -9.20 18.32
N THR A 280 -20.03 -9.95 17.63
CA THR A 280 -19.72 -10.25 16.24
C THR A 280 -20.84 -9.55 15.47
N PRO A 281 -20.74 -9.37 14.16
CA PRO A 281 -21.79 -8.85 13.30
C PRO A 281 -23.09 -9.66 13.34
N GLN A 282 -23.05 -10.91 13.79
CA GLN A 282 -24.26 -11.71 13.83
C GLN A 282 -24.94 -11.61 15.17
N GLY A 283 -24.28 -11.00 16.13
CA GLY A 283 -24.77 -10.94 17.49
C GLY A 283 -23.66 -11.17 18.51
N ALA A 284 -23.94 -10.80 19.75
CA ALA A 284 -23.02 -10.93 20.87
C ALA A 284 -22.79 -12.34 21.38
N ILE A 285 -21.57 -12.56 21.87
CA ILE A 285 -21.15 -13.84 22.45
C ILE A 285 -20.90 -13.78 23.95
N ASN A 286 -21.54 -14.69 24.68
CA ASN A 286 -21.36 -14.78 26.13
C ASN A 286 -20.74 -16.13 26.48
N SER A 287 -19.41 -16.23 26.36
CA SER A 287 -18.72 -17.51 26.53
C SER A 287 -17.27 -17.40 26.93
N SER A 288 -16.78 -18.41 27.66
CA SER A 288 -15.40 -18.52 28.11
C SER A 288 -14.54 -19.57 27.37
N LEU A 289 -15.08 -20.15 26.31
CA LEU A 289 -14.34 -21.19 25.60
C LEU A 289 -13.23 -20.59 24.74
N PRO A 290 -12.11 -21.31 24.48
CA PRO A 290 -10.99 -20.85 23.67
C PRO A 290 -11.26 -20.67 22.19
N PHE A 291 -12.28 -21.33 21.64
CA PHE A 291 -12.55 -21.21 20.22
C PHE A 291 -14.00 -20.93 19.96
N GLN A 292 -14.28 -20.34 18.79
CA GLN A 292 -15.64 -20.15 18.31
C GLN A 292 -15.71 -20.40 16.82
N ASN A 293 -16.89 -20.77 16.34
CA ASN A 293 -17.08 -20.95 14.91
C ASN A 293 -18.24 -20.11 14.40
N VAL A 294 -18.48 -18.98 15.05
CA VAL A 294 -19.56 -18.09 14.70
C VAL A 294 -19.16 -17.13 13.60
N HIS A 295 -18.06 -16.42 13.77
CA HIS A 295 -17.70 -15.43 12.75
C HIS A 295 -16.22 -14.97 12.88
N PRO A 296 -15.46 -14.79 11.78
CA PRO A 296 -14.08 -14.30 11.78
C PRO A 296 -13.82 -12.83 12.15
N VAL A 297 -14.83 -11.97 12.08
CA VAL A 297 -14.69 -10.54 12.37
C VAL A 297 -15.27 -10.16 13.70
N THR A 298 -14.43 -9.76 14.65
CA THR A 298 -15.00 -9.51 15.97
C THR A 298 -14.43 -8.31 16.72
N ILE A 299 -15.24 -7.81 17.65
CA ILE A 299 -14.88 -6.75 18.58
C ILE A 299 -15.03 -7.18 20.04
N GLY A 300 -14.01 -6.95 20.86
CA GLY A 300 -14.07 -7.31 22.27
C GLY A 300 -13.11 -8.46 22.57
N GLU A 301 -13.33 -9.09 23.72
CA GLU A 301 -12.50 -10.18 24.23
C GLU A 301 -13.16 -11.48 23.78
N CYS A 302 -12.72 -12.05 22.63
CA CYS A 302 -13.40 -13.13 21.93
C CYS A 302 -12.63 -14.48 21.92
N PRO A 303 -13.34 -15.60 21.79
CA PRO A 303 -12.78 -16.91 21.51
C PRO A 303 -12.15 -16.81 20.14
N LYS A 304 -11.16 -17.63 19.86
CA LYS A 304 -10.52 -17.60 18.55
C LYS A 304 -11.34 -18.26 17.46
N TYR A 305 -11.45 -17.63 16.30
CA TYR A 305 -12.24 -18.25 15.23
C TYR A 305 -11.54 -19.40 14.50
N VAL A 306 -12.24 -20.53 14.39
CA VAL A 306 -11.83 -21.73 13.65
C VAL A 306 -12.94 -22.24 12.75
N ARG A 307 -12.58 -23.07 11.77
CA ARG A 307 -13.57 -23.65 10.87
C ARG A 307 -14.13 -24.98 11.34
N SER A 308 -13.71 -25.41 12.52
CA SER A 308 -14.08 -26.66 13.09
C SER A 308 -15.56 -26.72 13.40
N ALA A 309 -16.18 -27.88 13.19
CA ALA A 309 -17.59 -28.03 13.55
C ALA A 309 -17.73 -28.29 15.04
N LYS A 310 -16.77 -29.04 15.58
CA LYS A 310 -16.76 -29.40 16.99
C LYS A 310 -15.35 -29.66 17.49
N LEU A 311 -15.09 -29.24 18.70
CA LEU A 311 -13.85 -29.52 19.39
C LEU A 311 -14.18 -30.03 20.77
N ARG A 312 -14.48 -31.30 20.86
CA ARG A 312 -14.88 -31.84 22.15
C ARG A 312 -13.81 -32.75 22.67
N MET A 313 -13.40 -32.45 23.88
CA MET A 313 -12.35 -33.17 24.57
C MET A 313 -12.96 -34.08 25.63
N VAL A 314 -12.37 -35.24 25.84
CA VAL A 314 -12.89 -36.17 26.84
C VAL A 314 -12.22 -35.98 28.15
N THR A 315 -13.00 -35.98 29.22
CA THR A 315 -12.41 -35.87 30.52
C THR A 315 -12.64 -37.14 31.31
N GLY A 316 -13.71 -37.86 30.98
CA GLY A 316 -14.11 -39.04 31.70
C GLY A 316 -13.62 -40.31 31.07
N LEU A 317 -14.35 -41.37 31.32
CA LEU A 317 -13.98 -42.71 30.94
C LEU A 317 -14.69 -43.13 29.69
N ARG A 318 -14.22 -44.18 29.07
CA ARG A 318 -14.95 -44.67 27.93
C ARG A 318 -16.28 -45.19 28.48
N ASN A 319 -17.40 -44.82 27.89
CA ASN A 319 -18.70 -45.22 28.44
C ASN A 319 -19.22 -46.54 27.94
N ILE A 320 -18.57 -47.60 28.37
CA ILE A 320 -18.99 -48.94 28.01
C ILE A 320 -19.37 -49.68 29.26
N PRO A 321 -20.66 -49.81 29.62
CA PRO A 321 -21.17 -50.49 30.79
C PRO A 321 -21.12 -52.00 30.55
N SER A 322 -21.01 -52.80 31.65
CA SER A 322 -21.08 -54.28 31.75
C SER A 322 -20.25 -54.73 32.96
N GLY B 1 -7.47 -48.50 24.74
CA GLY B 1 -6.17 -47.99 25.06
C GLY B 1 -5.12 -49.11 24.90
N LEU B 2 -3.84 -48.79 25.23
CA LEU B 2 -2.68 -49.71 25.13
C LEU B 2 -2.35 -50.49 26.39
N PHE B 3 -3.14 -50.35 27.45
CA PHE B 3 -2.87 -51.11 28.68
C PHE B 3 -3.84 -52.33 28.73
N GLY B 4 -4.98 -52.22 28.03
CA GLY B 4 -5.95 -53.32 27.89
C GLY B 4 -6.95 -53.57 29.04
N ALA B 5 -7.29 -52.55 29.79
CA ALA B 5 -8.23 -52.71 30.89
C ALA B 5 -9.66 -52.37 30.52
N ILE B 6 -9.82 -51.32 29.72
CA ILE B 6 -11.16 -50.83 29.43
C ILE B 6 -11.78 -51.66 28.33
N ALA B 7 -12.82 -52.39 28.73
CA ALA B 7 -13.54 -53.37 27.92
C ALA B 7 -12.55 -54.45 27.47
N GLY B 8 -11.55 -54.70 28.32
CA GLY B 8 -10.49 -55.69 28.15
C GLY B 8 -10.61 -56.68 29.29
N PHE B 9 -9.66 -56.64 30.24
CA PHE B 9 -9.81 -57.57 31.37
C PHE B 9 -11.08 -57.23 32.15
N ILE B 10 -11.52 -55.97 32.11
CA ILE B 10 -12.75 -55.56 32.77
C ILE B 10 -13.79 -55.61 31.66
N GLU B 11 -14.87 -56.35 31.84
CA GLU B 11 -15.86 -56.50 30.78
C GLU B 11 -16.53 -55.19 30.36
N GLY B 12 -16.72 -54.30 31.31
CA GLY B 12 -17.31 -52.99 31.09
C GLY B 12 -17.46 -52.33 32.44
N GLY B 13 -17.87 -51.09 32.45
CA GLY B 13 -17.99 -50.37 33.69
C GLY B 13 -19.26 -50.63 34.46
N TRP B 14 -19.28 -50.03 35.62
CA TRP B 14 -20.32 -50.15 36.59
C TRP B 14 -21.22 -48.96 36.67
N THR B 15 -22.48 -49.16 36.33
CA THR B 15 -23.45 -48.09 36.36
C THR B 15 -23.94 -47.90 37.79
N GLY B 16 -23.60 -48.88 38.63
CA GLY B 16 -23.94 -48.90 40.04
C GLY B 16 -22.90 -48.20 40.90
N MET B 17 -21.82 -47.68 40.30
CA MET B 17 -20.83 -47.01 41.12
C MET B 17 -21.01 -45.54 40.82
N VAL B 18 -21.24 -44.73 41.84
CA VAL B 18 -21.53 -43.31 41.57
C VAL B 18 -20.65 -42.28 42.25
N ASP B 19 -19.72 -42.71 43.09
CA ASP B 19 -18.88 -41.82 43.87
C ASP B 19 -17.45 -41.64 43.36
N GLY B 20 -17.20 -41.98 42.10
CA GLY B 20 -15.85 -41.83 41.57
C GLY B 20 -15.72 -42.47 40.21
N TRP B 21 -14.48 -42.58 39.72
CA TRP B 21 -14.20 -43.14 38.42
C TRP B 21 -13.65 -44.53 38.54
N TYR B 22 -12.78 -44.72 39.49
CA TYR B 22 -12.16 -46.01 39.66
C TYR B 22 -12.58 -46.54 40.96
N GLY B 23 -12.72 -47.85 41.07
CA GLY B 23 -13.15 -48.38 42.33
C GLY B 23 -13.25 -49.87 42.40
N TYR B 24 -13.92 -50.29 43.45
CA TYR B 24 -14.07 -51.66 43.80
C TYR B 24 -15.51 -52.10 43.98
N HIS B 25 -15.73 -53.37 43.76
CA HIS B 25 -16.99 -54.02 44.06
C HIS B 25 -16.70 -55.22 44.91
N HIS B 26 -17.51 -55.47 45.91
CA HIS B 26 -17.22 -56.63 46.72
C HIS B 26 -18.44 -57.38 47.15
N GLN B 27 -18.21 -58.63 47.50
CA GLN B 27 -19.22 -59.47 48.09
C GLN B 27 -18.65 -60.45 49.11
N ASN B 28 -19.27 -60.48 50.28
CA ASN B 28 -18.92 -61.38 51.37
C ASN B 28 -20.18 -61.67 52.19
N GLU B 29 -20.06 -62.41 53.28
CA GLU B 29 -21.23 -62.79 54.08
C GLU B 29 -21.96 -61.62 54.75
N GLN B 30 -21.27 -60.50 54.91
CA GLN B 30 -21.85 -59.34 55.57
C GLN B 30 -22.50 -58.35 54.60
N GLY B 31 -22.44 -58.62 53.31
CA GLY B 31 -23.02 -57.69 52.36
C GLY B 31 -22.24 -57.55 51.05
N SER B 32 -22.67 -56.61 50.24
CA SER B 32 -22.06 -56.38 48.95
C SER B 32 -22.30 -54.96 48.50
N GLY B 33 -21.55 -54.53 47.50
CA GLY B 33 -21.79 -53.20 46.95
C GLY B 33 -20.59 -52.62 46.23
N TYR B 34 -20.72 -51.36 45.84
CA TYR B 34 -19.67 -50.67 45.10
C TYR B 34 -19.14 -49.54 45.95
N ALA B 35 -17.86 -49.24 45.80
CA ALA B 35 -17.27 -48.08 46.44
C ALA B 35 -16.12 -47.56 45.60
N ALA B 36 -16.01 -46.25 45.47
CA ALA B 36 -14.91 -45.72 44.68
C ALA B 36 -13.62 -45.66 45.46
N ASP B 37 -12.54 -45.72 44.71
CA ASP B 37 -11.21 -45.50 45.21
C ASP B 37 -10.96 -44.03 45.10
N GLN B 38 -11.10 -43.32 46.21
CA GLN B 38 -11.04 -41.87 46.16
C GLN B 38 -9.66 -41.34 45.85
N LYS B 39 -8.62 -42.04 46.27
CA LYS B 39 -7.29 -41.53 45.99
C LYS B 39 -7.00 -41.64 44.50
N SER B 40 -7.34 -42.79 43.91
CA SER B 40 -7.06 -42.98 42.49
C SER B 40 -7.90 -42.02 41.66
N THR B 41 -9.19 -41.89 42.01
CA THR B 41 -10.05 -41.02 41.25
C THR B 41 -9.63 -39.59 41.36
N GLN B 42 -9.30 -39.11 42.55
CA GLN B 42 -8.97 -37.70 42.64
C GLN B 42 -7.69 -37.40 41.90
N ASN B 43 -6.72 -38.30 41.92
CA ASN B 43 -5.51 -37.98 41.19
C ASN B 43 -5.78 -37.94 39.70
N ALA B 44 -6.65 -38.83 39.22
CA ALA B 44 -6.99 -38.84 37.80
C ALA B 44 -7.69 -37.56 37.41
N ILE B 45 -8.55 -37.05 38.30
CA ILE B 45 -9.26 -35.82 38.04
C ILE B 45 -8.32 -34.67 37.99
N ASN B 46 -7.40 -34.58 38.94
CA ASN B 46 -6.52 -33.44 38.95
C ASN B 46 -5.65 -33.39 37.70
N GLY B 47 -5.20 -34.55 37.24
CA GLY B 47 -4.38 -34.61 36.05
C GLY B 47 -5.14 -34.10 34.84
N ILE B 48 -6.33 -34.62 34.66
CA ILE B 48 -7.15 -34.24 33.53
C ILE B 48 -7.57 -32.79 33.58
N THR B 49 -7.95 -32.32 34.76
CA THR B 49 -8.36 -30.94 34.89
C THR B 49 -7.21 -30.05 34.48
N ASN B 50 -5.98 -30.35 34.92
CA ASN B 50 -4.85 -29.53 34.53
C ASN B 50 -4.64 -29.58 33.02
N LYS B 51 -4.84 -30.73 32.40
CA LYS B 51 -4.67 -30.86 30.96
C LYS B 51 -5.66 -30.03 30.17
N VAL B 52 -6.93 -30.06 30.59
CA VAL B 52 -7.95 -29.31 29.89
C VAL B 52 -7.71 -27.84 30.06
N ASN B 53 -7.40 -27.43 31.29
CA ASN B 53 -7.17 -26.04 31.52
C ASN B 53 -5.92 -25.58 30.83
N SER B 54 -4.92 -26.43 30.68
CA SER B 54 -3.72 -26.00 29.97
C SER B 54 -4.05 -25.67 28.54
N VAL B 55 -4.83 -26.51 27.88
CA VAL B 55 -5.18 -26.25 26.49
C VAL B 55 -5.92 -24.93 26.32
N ILE B 56 -6.84 -24.64 27.25
CA ILE B 56 -7.63 -23.41 27.21
C ILE B 56 -6.86 -22.16 27.67
N GLU B 57 -6.20 -22.25 28.82
CA GLU B 57 -5.48 -21.15 29.46
C GLU B 57 -4.27 -20.69 28.70
N LYS B 58 -3.65 -21.57 27.92
CA LYS B 58 -2.49 -21.16 27.17
C LYS B 58 -2.88 -20.42 25.91
N MET B 59 -4.17 -20.38 25.61
CA MET B 59 -4.63 -19.69 24.43
C MET B 59 -4.82 -18.23 24.77
N ASN B 60 -4.39 -17.34 23.90
CA ASN B 60 -4.63 -15.94 24.15
C ASN B 60 -6.00 -15.54 23.68
N THR B 61 -6.51 -14.48 24.28
CA THR B 61 -7.76 -13.89 23.92
C THR B 61 -7.68 -13.36 22.51
N GLN B 62 -8.76 -13.52 21.74
CA GLN B 62 -8.75 -12.93 20.42
C GLN B 62 -9.11 -11.48 20.63
N PHE B 63 -8.21 -10.61 20.22
CA PHE B 63 -8.38 -9.19 20.40
C PHE B 63 -9.01 -8.62 19.18
N THR B 64 -9.64 -7.47 19.33
CA THR B 64 -10.34 -6.90 18.23
C THR B 64 -9.52 -6.85 16.98
N ALA B 65 -10.14 -7.38 15.95
CA ALA B 65 -9.60 -7.46 14.63
C ALA B 65 -10.77 -7.56 13.71
N VAL B 66 -10.80 -6.65 12.77
CA VAL B 66 -11.87 -6.60 11.81
C VAL B 66 -11.25 -6.54 10.43
N GLY B 67 -12.06 -6.63 9.40
CA GLY B 67 -11.48 -6.57 8.08
C GLY B 67 -11.18 -5.12 7.79
N LYS B 68 -10.62 -4.84 6.63
CA LYS B 68 -10.27 -3.48 6.28
C LYS B 68 -10.85 -3.16 4.95
N GLU B 69 -11.27 -1.93 4.76
CA GLU B 69 -11.74 -1.52 3.48
C GLU B 69 -10.59 -1.18 2.58
N PHE B 70 -10.74 -1.54 1.32
CA PHE B 70 -9.78 -1.20 0.29
C PHE B 70 -10.54 -0.63 -0.88
N ASN B 71 -9.93 0.25 -1.63
CA ASN B 71 -10.63 0.80 -2.78
C ASN B 71 -10.39 -0.09 -4.00
N LYS B 72 -10.92 0.29 -5.12
CA LYS B 72 -10.83 -0.57 -6.30
C LYS B 72 -9.44 -0.72 -6.89
N LEU B 73 -8.52 0.15 -6.52
CA LEU B 73 -7.16 0.07 -7.02
C LEU B 73 -6.21 -0.48 -5.98
N GLU B 74 -6.76 -1.06 -4.94
CA GLU B 74 -5.99 -1.65 -3.87
C GLU B 74 -6.25 -3.14 -3.76
N ARG B 75 -6.53 -3.81 -4.88
CA ARG B 75 -6.83 -5.23 -4.87
C ARG B 75 -5.64 -6.03 -4.45
N ARG B 76 -4.42 -5.60 -4.78
CA ARG B 76 -3.30 -6.41 -4.33
C ARG B 76 -3.23 -6.42 -2.81
N MET B 77 -3.58 -5.30 -2.16
CA MET B 77 -3.50 -5.24 -0.72
C MET B 77 -4.66 -5.95 -0.09
N GLU B 78 -5.82 -5.92 -0.75
CA GLU B 78 -6.97 -6.61 -0.24
C GLU B 78 -6.70 -8.10 -0.25
N ASN B 79 -6.06 -8.58 -1.32
CA ASN B 79 -5.75 -9.97 -1.44
C ASN B 79 -4.67 -10.37 -0.44
N LEU B 80 -3.74 -9.47 -0.10
CA LEU B 80 -2.76 -9.79 0.92
C LEU B 80 -3.43 -9.88 2.26
N ASN B 81 -4.35 -8.96 2.57
CA ASN B 81 -5.04 -8.99 3.83
C ASN B 81 -5.78 -10.30 3.97
N LYS B 82 -6.45 -10.72 2.90
CA LYS B 82 -7.18 -11.97 2.93
C LYS B 82 -6.24 -13.14 3.10
N LYS B 83 -5.11 -13.15 2.41
CA LYS B 83 -4.17 -14.24 2.52
C LYS B 83 -3.72 -14.43 3.96
N VAL B 84 -3.49 -13.33 4.66
CA VAL B 84 -3.06 -13.40 6.03
C VAL B 84 -4.16 -14.02 6.88
N ASP B 85 -5.41 -13.60 6.70
CA ASP B 85 -6.49 -14.17 7.49
C ASP B 85 -6.75 -15.63 7.18
N ASP B 86 -6.64 -16.03 5.93
CA ASP B 86 -6.91 -17.41 5.59
C ASP B 86 -5.80 -18.29 6.09
N GLY B 87 -4.56 -17.81 6.03
CA GLY B 87 -3.44 -18.58 6.51
C GLY B 87 -3.54 -18.81 8.00
N PHE B 88 -3.89 -17.77 8.75
CA PHE B 88 -3.99 -17.95 10.19
C PHE B 88 -5.15 -18.86 10.53
N LEU B 89 -6.26 -18.77 9.80
CA LEU B 89 -7.38 -19.63 10.07
C LEU B 89 -7.03 -21.08 9.81
N ASP B 90 -6.31 -21.35 8.72
CA ASP B 90 -5.93 -22.71 8.37
C ASP B 90 -4.98 -23.29 9.41
N ILE B 91 -4.06 -22.48 9.91
CA ILE B 91 -3.13 -22.96 10.92
C ILE B 91 -3.85 -23.29 12.21
N TRP B 92 -4.71 -22.39 12.67
CA TRP B 92 -5.38 -22.65 13.92
C TRP B 92 -6.42 -23.74 13.83
N THR B 93 -7.08 -23.90 12.70
CA THR B 93 -8.07 -24.96 12.61
C THR B 93 -7.34 -26.29 12.63
N TYR B 94 -6.26 -26.42 11.85
CA TYR B 94 -5.55 -27.69 11.79
C TYR B 94 -5.02 -28.03 13.15
N ASN B 95 -4.40 -27.06 13.83
CA ASN B 95 -3.84 -27.35 15.12
C ASN B 95 -4.89 -27.64 16.15
N ALA B 96 -6.01 -26.93 16.16
CA ALA B 96 -7.03 -27.17 17.15
C ALA B 96 -7.63 -28.54 17.02
N GLU B 97 -7.90 -28.98 15.80
CA GLU B 97 -8.52 -30.27 15.65
C GLU B 97 -7.56 -31.38 15.93
N LEU B 98 -6.34 -31.24 15.46
CA LEU B 98 -5.40 -32.31 15.65
C LEU B 98 -5.01 -32.41 17.10
N LEU B 99 -4.85 -31.28 17.80
CA LEU B 99 -4.52 -31.33 19.20
C LEU B 99 -5.57 -32.04 19.99
N VAL B 100 -6.84 -31.75 19.73
CA VAL B 100 -7.88 -32.40 20.48
C VAL B 100 -7.86 -33.89 20.21
N LEU B 101 -7.68 -34.31 18.96
CA LEU B 101 -7.67 -35.74 18.70
C LEU B 101 -6.52 -36.45 19.40
N LEU B 102 -5.35 -35.84 19.38
CA LEU B 102 -4.19 -36.46 20.01
C LEU B 102 -4.37 -36.55 21.51
N GLU B 103 -4.92 -35.51 22.12
CA GLU B 103 -5.12 -35.51 23.55
C GLU B 103 -6.25 -36.42 23.97
N ASN B 104 -7.31 -36.56 23.17
CA ASN B 104 -8.36 -37.47 23.57
C ASN B 104 -7.84 -38.90 23.60
N GLU B 105 -6.94 -39.23 22.66
CA GLU B 105 -6.40 -40.58 22.67
C GLU B 105 -5.55 -40.79 23.92
N ARG B 106 -4.76 -39.79 24.28
CA ARG B 106 -3.92 -39.94 25.45
C ARG B 106 -4.72 -40.04 26.73
N THR B 107 -5.83 -39.31 26.82
CA THR B 107 -6.68 -39.35 28.01
C THR B 107 -7.24 -40.73 28.20
N LEU B 108 -7.67 -41.36 27.12
CA LEU B 108 -8.21 -42.68 27.29
C LEU B 108 -7.11 -43.68 27.71
N ASP B 109 -5.86 -43.53 27.24
CA ASP B 109 -4.77 -44.40 27.72
C ASP B 109 -4.44 -44.13 29.18
N PHE B 110 -4.56 -42.89 29.60
CA PHE B 110 -4.33 -42.48 30.97
C PHE B 110 -5.26 -43.26 31.88
N HIS B 111 -6.54 -43.26 31.51
CA HIS B 111 -7.55 -43.95 32.29
C HIS B 111 -7.38 -45.46 32.24
N ASP B 112 -6.96 -45.98 31.10
CA ASP B 112 -6.78 -47.42 30.94
C ASP B 112 -5.66 -47.88 31.87
N SER B 113 -4.58 -47.11 31.96
CA SER B 113 -3.52 -47.47 32.88
C SER B 113 -3.96 -47.34 34.32
N ASN B 114 -4.67 -46.27 34.67
CA ASN B 114 -5.03 -46.10 36.07
C ASN B 114 -5.87 -47.24 36.61
N VAL B 115 -6.80 -47.77 35.83
CA VAL B 115 -7.58 -48.88 36.37
C VAL B 115 -6.73 -50.15 36.39
N LYS B 116 -5.86 -50.34 35.39
CA LYS B 116 -5.00 -51.52 35.39
C LYS B 116 -4.05 -51.51 36.58
N ASN B 117 -3.54 -50.35 36.95
CA ASN B 117 -2.62 -50.25 38.06
C ASN B 117 -3.33 -50.56 39.37
N LEU B 118 -4.60 -50.21 39.45
CA LEU B 118 -5.38 -50.50 40.65
C LEU B 118 -5.51 -52.01 40.76
N TYR B 119 -5.75 -52.67 39.62
CA TYR B 119 -5.86 -54.12 39.58
C TYR B 119 -4.59 -54.78 40.07
N GLU B 120 -3.44 -54.30 39.58
CA GLU B 120 -2.17 -54.88 39.99
C GLU B 120 -1.90 -54.63 41.47
N LYS B 121 -2.29 -53.46 41.99
CA LYS B 121 -2.09 -53.19 43.41
C LYS B 121 -2.73 -54.29 44.24
N VAL B 122 -3.97 -54.65 43.90
CA VAL B 122 -4.60 -55.70 44.65
C VAL B 122 -3.93 -57.04 44.40
N LYS B 123 -3.59 -57.37 43.16
CA LYS B 123 -2.94 -58.65 42.93
C LYS B 123 -1.71 -58.84 43.81
N SER B 124 -0.90 -57.77 43.97
CA SER B 124 0.30 -57.79 44.77
C SER B 124 0.01 -57.93 46.27
N GLN B 125 -1.15 -57.43 46.72
CA GLN B 125 -1.55 -57.56 48.11
C GLN B 125 -2.00 -58.97 48.43
N LEU B 126 -2.77 -59.55 47.52
CA LEU B 126 -3.36 -60.85 47.79
C LEU B 126 -2.44 -62.03 47.53
N LYS B 127 -1.52 -61.93 46.59
CA LYS B 127 -0.59 -63.01 46.34
C LYS B 127 -1.31 -64.35 46.15
N ASN B 128 -1.06 -65.30 47.04
CA ASN B 128 -1.63 -66.65 46.92
C ASN B 128 -2.90 -66.86 47.71
N ASN B 129 -3.46 -65.79 48.28
CA ASN B 129 -4.66 -65.91 49.08
C ASN B 129 -5.94 -65.71 48.27
N ALA B 130 -5.80 -65.51 46.96
CA ALA B 130 -6.93 -65.34 46.05
C ALA B 130 -6.51 -65.72 44.64
N LYS B 131 -7.47 -66.10 43.81
CA LYS B 131 -7.13 -66.38 42.41
C LYS B 131 -7.70 -65.38 41.45
N GLU B 132 -7.02 -65.19 40.33
CA GLU B 132 -7.55 -64.33 39.30
C GLU B 132 -8.58 -65.05 38.48
N ILE B 133 -9.69 -64.37 38.25
CA ILE B 133 -10.78 -64.84 37.43
C ILE B 133 -11.00 -63.74 36.40
N GLY B 134 -11.89 -63.95 35.42
CA GLY B 134 -12.08 -62.90 34.43
C GLY B 134 -12.85 -61.73 35.01
N ASN B 135 -13.05 -60.69 34.20
CA ASN B 135 -13.68 -59.46 34.60
C ASN B 135 -12.94 -58.71 35.71
N GLY B 136 -11.62 -58.85 35.80
CA GLY B 136 -10.91 -58.07 36.79
C GLY B 136 -11.19 -58.40 38.26
N CYS B 137 -11.54 -59.65 38.59
CA CYS B 137 -11.92 -60.07 39.94
C CYS B 137 -10.94 -61.04 40.58
N PHE B 138 -10.84 -60.92 41.89
CA PHE B 138 -10.05 -61.82 42.70
C PHE B 138 -10.95 -62.60 43.62
N GLU B 139 -10.91 -63.90 43.47
CA GLU B 139 -11.75 -64.77 44.27
C GLU B 139 -10.92 -65.28 45.45
N PHE B 140 -11.36 -64.98 46.66
CA PHE B 140 -10.58 -65.29 47.84
C PHE B 140 -10.63 -66.75 48.21
N TYR B 141 -9.55 -67.22 48.80
CA TYR B 141 -9.49 -68.59 49.29
C TYR B 141 -9.69 -68.68 50.79
N HIS B 142 -10.09 -67.59 51.40
CA HIS B 142 -10.33 -67.52 52.83
C HIS B 142 -11.50 -66.60 53.07
N LYS B 143 -12.14 -66.73 54.21
CA LYS B 143 -13.21 -65.80 54.50
C LYS B 143 -12.60 -64.38 54.64
N CYS B 144 -13.20 -63.38 53.94
CA CYS B 144 -12.77 -61.99 53.92
C CYS B 144 -13.97 -61.10 54.24
N ASN B 145 -14.04 -60.70 55.51
CA ASN B 145 -15.15 -59.94 56.07
C ASN B 145 -15.00 -58.47 55.73
N ASN B 146 -15.89 -57.62 56.23
CA ASN B 146 -15.81 -56.23 55.82
C ASN B 146 -14.50 -55.57 56.24
N GLU B 147 -13.95 -55.94 57.40
CA GLU B 147 -12.68 -55.33 57.83
C GLU B 147 -11.53 -55.67 56.85
N CYS B 148 -11.49 -56.94 56.35
CA CYS B 148 -10.58 -57.47 55.35
C CYS B 148 -10.76 -56.70 54.04
N MET B 149 -11.99 -56.51 53.59
CA MET B 149 -12.15 -55.82 52.34
C MET B 149 -11.60 -54.40 52.44
N GLU B 150 -11.78 -53.73 53.59
CA GLU B 150 -11.23 -52.39 53.71
C GLU B 150 -9.71 -52.43 53.72
N SER B 151 -9.15 -53.45 54.36
CA SER B 151 -7.71 -53.63 54.45
C SER B 151 -7.09 -53.85 53.07
N VAL B 152 -7.76 -54.64 52.21
CA VAL B 152 -7.24 -54.89 50.88
C VAL B 152 -7.27 -53.59 50.07
N LYS B 153 -8.40 -52.88 50.13
CA LYS B 153 -8.56 -51.63 49.40
C LYS B 153 -7.55 -50.57 49.80
N ASN B 154 -7.20 -50.54 51.09
CA ASN B 154 -6.27 -49.56 51.62
C ASN B 154 -4.81 -49.94 51.44
N GLY B 155 -4.53 -51.12 50.90
CA GLY B 155 -3.16 -51.55 50.72
C GLY B 155 -2.48 -52.04 52.01
N THR B 156 -3.27 -52.49 52.99
CA THR B 156 -2.76 -52.92 54.28
C THR B 156 -3.05 -54.39 54.57
N TYR B 157 -3.31 -55.19 53.54
CA TYR B 157 -3.66 -56.58 53.76
C TYR B 157 -2.54 -57.37 54.39
N ASP B 158 -2.85 -58.06 55.48
CA ASP B 158 -1.84 -58.80 56.20
C ASP B 158 -1.70 -60.20 55.62
N TYR B 159 -1.08 -60.30 54.47
CA TYR B 159 -1.01 -61.58 53.75
C TYR B 159 -0.81 -62.86 54.55
N PRO B 160 0.25 -63.04 55.38
CA PRO B 160 0.53 -64.31 56.02
C PRO B 160 -0.55 -64.73 57.00
N LYS B 161 -1.34 -63.78 57.47
CA LYS B 161 -2.40 -64.00 58.43
C LYS B 161 -3.44 -64.95 57.94
N TYR B 162 -3.64 -64.97 56.63
CA TYR B 162 -4.68 -65.75 56.04
C TYR B 162 -4.10 -66.92 55.27
N SER B 163 -2.79 -67.13 55.38
CA SER B 163 -2.17 -68.15 54.54
C SER B 163 -2.49 -69.57 54.96
N GLU B 164 -2.77 -69.82 56.24
CA GLU B 164 -3.05 -71.21 56.57
C GLU B 164 -4.41 -71.59 56.05
N GLU B 165 -5.35 -70.65 56.17
CA GLU B 165 -6.69 -70.94 55.73
C GLU B 165 -6.71 -71.14 54.24
N SER B 166 -6.02 -70.27 53.48
CA SER B 166 -6.05 -70.42 52.05
C SER B 166 -5.35 -71.68 51.61
N LYS B 167 -4.25 -72.08 52.26
CA LYS B 167 -3.61 -73.32 51.85
C LYS B 167 -4.55 -74.50 51.96
N LEU B 168 -5.36 -74.52 53.01
CA LEU B 168 -6.29 -75.62 53.15
C LEU B 168 -7.43 -75.54 52.13
N ASN B 169 -7.96 -74.35 51.89
CA ASN B 169 -9.08 -74.17 50.97
C ASN B 169 -8.68 -74.40 49.51
N ARG B 170 -7.43 -74.16 49.20
CA ARG B 170 -6.88 -74.39 47.86
C ARG B 170 -6.73 -75.88 47.44
N GLU B 171 -6.77 -76.85 48.41
CA GLU B 171 -6.59 -78.30 48.23
C GLU B 171 -5.34 -78.70 47.38
N ASP C 1 5.74 -79.81 22.67
CA ASP C 1 4.81 -78.98 21.91
C ASP C 1 4.95 -77.52 22.39
N THR C 2 5.01 -76.57 21.43
CA THR C 2 5.20 -75.11 21.68
C THR C 2 4.26 -74.19 20.92
N ILE C 3 3.82 -73.12 21.58
CA ILE C 3 3.11 -72.04 20.89
C ILE C 3 3.96 -70.78 21.15
N CYS C 4 4.27 -69.99 20.10
CA CYS C 4 5.09 -68.77 20.16
C CYS C 4 4.32 -67.57 19.63
N ILE C 5 4.57 -66.43 20.25
CA ILE C 5 3.98 -65.18 19.82
C ILE C 5 5.00 -64.22 19.30
N GLY C 6 4.72 -63.72 18.13
CA GLY C 6 5.63 -62.84 17.45
C GLY C 6 4.92 -61.93 16.49
N TYR C 7 5.70 -61.35 15.61
CA TYR C 7 5.21 -60.38 14.68
C TYR C 7 5.92 -60.52 13.35
N HIS C 8 5.31 -59.97 12.32
CA HIS C 8 5.75 -59.93 10.93
C HIS C 8 7.05 -59.19 10.63
N ALA C 9 7.82 -59.73 9.68
CA ALA C 9 9.03 -59.07 9.19
C ALA C 9 9.16 -59.34 7.71
N ASN C 10 9.87 -58.49 6.99
CA ASN C 10 10.01 -58.66 5.54
C ASN C 10 11.37 -58.11 5.06
N ASN C 11 11.53 -57.89 3.73
CA ASN C 11 12.74 -57.40 3.06
C ASN C 11 12.74 -55.87 2.82
N SER C 12 11.78 -55.10 3.43
CA SER C 12 11.63 -53.65 3.30
C SER C 12 12.78 -52.84 3.84
N THR C 13 13.09 -51.78 3.12
CA THR C 13 14.11 -50.81 3.48
C THR C 13 13.48 -49.46 3.78
N ASP C 14 12.15 -49.39 3.80
CA ASP C 14 11.50 -48.12 4.05
C ASP C 14 12.01 -47.64 5.38
N THR C 15 12.50 -46.42 5.43
CA THR C 15 13.04 -45.92 6.67
C THR C 15 12.35 -44.66 7.13
N VAL C 16 12.02 -44.61 8.42
CA VAL C 16 11.39 -43.45 9.01
C VAL C 16 12.17 -42.88 10.16
N ASP C 17 11.87 -41.64 10.51
CA ASP C 17 12.52 -40.99 11.62
C ASP C 17 11.58 -40.95 12.81
N THR C 18 12.11 -40.95 14.03
CA THR C 18 11.25 -40.76 15.19
C THR C 18 11.93 -39.74 16.09
N VAL C 19 11.30 -39.36 17.19
CA VAL C 19 11.98 -38.40 18.07
C VAL C 19 13.11 -39.02 18.87
N LEU C 20 13.06 -40.32 19.15
CA LEU C 20 14.11 -40.95 19.93
C LEU C 20 15.21 -41.59 19.08
N GLU C 21 14.90 -41.97 17.84
CA GLU C 21 15.87 -42.68 17.00
C GLU C 21 15.85 -42.10 15.58
N LYS C 22 17.02 -41.91 14.98
CA LYS C 22 17.03 -41.26 13.67
C LYS C 22 16.97 -42.07 12.36
N ASN C 23 17.07 -43.42 12.36
CA ASN C 23 16.95 -44.24 11.14
C ASN C 23 16.34 -45.60 11.50
N VAL C 24 15.00 -45.71 11.36
CA VAL C 24 14.20 -46.87 11.75
C VAL C 24 13.65 -47.60 10.53
N THR C 25 14.09 -48.82 10.29
CA THR C 25 13.60 -49.55 9.12
C THR C 25 12.24 -50.13 9.50
N VAL C 26 11.24 -49.96 8.63
CA VAL C 26 9.90 -50.45 8.91
C VAL C 26 9.38 -51.33 7.79
N THR C 27 8.37 -52.16 8.09
CA THR C 27 7.83 -53.08 7.10
C THR C 27 6.91 -52.43 6.09
N HIS C 28 6.25 -51.36 6.51
CA HIS C 28 5.32 -50.61 5.67
C HIS C 28 5.36 -49.14 6.04
N SER C 29 5.25 -48.26 5.03
CA SER C 29 5.21 -46.84 5.30
C SER C 29 4.40 -46.09 4.25
N VAL C 30 4.02 -44.87 4.60
CA VAL C 30 3.28 -43.99 3.71
C VAL C 30 4.03 -42.67 3.50
N ASN C 31 4.17 -42.28 2.25
CA ASN C 31 4.83 -41.05 1.88
C ASN C 31 3.83 -39.91 1.90
N LEU C 32 4.03 -38.92 2.76
CA LEU C 32 3.09 -37.81 2.83
C LEU C 32 3.52 -36.60 2.00
N LEU C 33 4.72 -36.66 1.41
CA LEU C 33 5.27 -35.52 0.68
C LEU C 33 5.53 -35.82 -0.79
N GLU C 34 4.96 -35.00 -1.66
CA GLU C 34 5.12 -35.12 -3.10
C GLU C 34 6.28 -34.29 -3.66
N ASP C 35 7.22 -34.93 -4.33
CA ASP C 35 8.33 -34.23 -4.90
C ASP C 35 8.47 -34.29 -6.43
N SER C 36 7.48 -34.78 -7.16
CA SER C 36 7.60 -34.82 -8.61
C SER C 36 6.59 -33.92 -9.30
N HIS C 37 6.85 -33.68 -10.57
CA HIS C 37 5.98 -32.95 -11.46
C HIS C 37 6.34 -33.44 -12.84
N ASN C 38 5.50 -33.18 -13.83
CA ASN C 38 5.84 -33.68 -15.16
C ASN C 38 6.62 -32.75 -16.08
N GLY C 39 7.03 -31.57 -15.64
CA GLY C 39 7.79 -30.67 -16.50
C GLY C 39 6.96 -29.95 -17.57
N LYS C 40 5.64 -30.09 -17.52
CA LYS C 40 4.78 -29.51 -18.54
C LYS C 40 3.66 -28.61 -18.04
N LEU C 41 3.21 -27.73 -18.93
CA LEU C 41 2.06 -26.90 -18.67
C LEU C 41 0.83 -27.66 -19.21
N CYS C 42 -0.11 -27.97 -18.31
CA CYS C 42 -1.31 -28.77 -18.55
C CYS C 42 -2.58 -27.93 -18.46
N LEU C 43 -3.65 -28.50 -18.96
CA LEU C 43 -4.98 -27.90 -18.91
C LEU C 43 -5.48 -28.09 -17.50
N LEU C 44 -6.30 -27.19 -17.01
CA LEU C 44 -6.88 -27.42 -15.69
C LEU C 44 -8.31 -27.80 -15.84
N LYS C 45 -8.62 -29.04 -15.52
CA LYS C 45 -9.97 -29.57 -15.65
C LYS C 45 -10.55 -29.30 -17.03
N GLY C 46 -9.74 -29.53 -18.07
CA GLY C 46 -10.13 -29.36 -19.46
C GLY C 46 -9.90 -27.96 -20.08
N ILE C 47 -9.54 -26.95 -19.30
CA ILE C 47 -9.36 -25.62 -19.89
C ILE C 47 -7.90 -25.23 -20.02
N ALA C 48 -7.49 -24.91 -21.25
CA ALA C 48 -6.13 -24.53 -21.56
C ALA C 48 -5.78 -23.15 -21.00
N PRO C 49 -4.52 -22.88 -20.69
CA PRO C 49 -3.97 -21.59 -20.32
C PRO C 49 -3.85 -20.65 -21.49
N LEU C 50 -3.70 -19.37 -21.18
CA LEU C 50 -3.39 -18.36 -22.17
C LEU C 50 -1.91 -18.25 -22.25
N GLN C 51 -1.34 -18.54 -23.40
CA GLN C 51 0.08 -18.46 -23.50
C GLN C 51 0.41 -17.16 -24.14
N LEU C 52 1.15 -16.31 -23.45
CA LEU C 52 1.43 -15.01 -24.03
C LEU C 52 2.69 -15.04 -24.88
N GLY C 53 3.37 -16.15 -24.89
CA GLY C 53 4.59 -16.25 -25.68
C GLY C 53 5.61 -15.22 -25.19
N ASN C 54 6.09 -14.37 -26.12
CA ASN C 54 7.10 -13.32 -25.90
C ASN C 54 6.48 -11.98 -25.41
N CYS C 55 5.14 -11.92 -25.22
CA CYS C 55 4.40 -10.73 -24.83
C CYS C 55 4.24 -10.62 -23.32
N SER C 56 4.30 -9.40 -22.85
CA SER C 56 4.02 -9.10 -21.47
C SER C 56 2.54 -8.89 -21.38
N VAL C 57 2.00 -8.76 -20.19
CA VAL C 57 0.57 -8.47 -20.09
C VAL C 57 0.28 -7.13 -20.72
N ALA C 58 1.13 -6.11 -20.51
CA ALA C 58 0.88 -4.82 -21.14
C ALA C 58 0.88 -4.94 -22.65
N GLY C 59 1.80 -5.71 -23.19
CA GLY C 59 1.88 -5.88 -24.63
C GLY C 59 0.63 -6.50 -25.15
N TRP C 60 0.17 -7.53 -24.48
CA TRP C 60 -1.04 -8.18 -24.89
C TRP C 60 -2.26 -7.29 -24.84
N ILE C 61 -2.52 -6.68 -23.70
CA ILE C 61 -3.76 -5.97 -23.49
C ILE C 61 -3.81 -4.69 -24.34
N LEU C 62 -2.66 -4.07 -24.62
CA LEU C 62 -2.60 -2.87 -25.45
C LEU C 62 -2.62 -3.18 -26.92
N GLY C 63 -2.51 -4.43 -27.32
CA GLY C 63 -2.42 -4.71 -28.72
C GLY C 63 -1.05 -4.54 -29.37
N ASN C 64 0.04 -4.80 -28.67
CA ASN C 64 1.33 -4.65 -29.32
C ASN C 64 1.28 -5.35 -30.68
N PRO C 65 1.76 -4.76 -31.77
CA PRO C 65 1.72 -5.31 -33.11
C PRO C 65 2.22 -6.74 -33.25
N GLU C 66 3.17 -7.13 -32.40
CA GLU C 66 3.75 -8.48 -32.45
C GLU C 66 2.99 -9.56 -31.64
N CYS C 67 1.87 -9.18 -30.98
CA CYS C 67 1.05 -9.98 -30.08
C CYS C 67 -0.28 -10.30 -30.78
N GLU C 68 -0.29 -10.25 -32.11
CA GLU C 68 -1.50 -10.47 -32.90
C GLU C 68 -2.12 -11.85 -32.70
N LEU C 69 -1.30 -12.80 -32.30
CA LEU C 69 -1.73 -14.17 -32.14
C LEU C 69 -2.54 -14.34 -30.88
N LEU C 70 -2.56 -13.31 -30.04
CA LEU C 70 -3.27 -13.36 -28.79
C LEU C 70 -4.64 -12.66 -28.86
N ILE C 71 -5.01 -12.18 -30.05
CA ILE C 71 -6.29 -11.49 -30.23
C ILE C 71 -7.51 -12.37 -30.13
N SER C 72 -7.45 -13.55 -30.71
CA SER C 72 -8.56 -14.51 -30.75
C SER C 72 -8.69 -15.33 -29.48
N LYS C 73 -7.76 -15.16 -28.56
CA LYS C 73 -7.75 -15.95 -27.34
C LYS C 73 -8.72 -15.41 -26.30
N GLU C 74 -10.00 -15.71 -26.52
CA GLU C 74 -11.12 -15.25 -25.70
C GLU C 74 -11.23 -15.87 -24.31
N SER C 75 -10.73 -17.09 -24.11
CA SER C 75 -10.88 -17.67 -22.76
C SER C 75 -9.67 -18.50 -22.36
N TRP C 76 -9.46 -18.61 -21.04
CA TRP C 76 -8.34 -19.36 -20.49
C TRP C 76 -8.51 -19.77 -19.03
N SER C 77 -7.72 -20.75 -18.59
CA SER C 77 -7.69 -21.18 -17.19
C SER C 77 -6.69 -20.46 -16.29
N TYR C 78 -5.60 -19.99 -16.87
CA TYR C 78 -4.53 -19.29 -16.18
C TYR C 78 -3.70 -18.57 -17.23
N ILE C 79 -2.82 -17.67 -16.81
CA ILE C 79 -1.98 -16.96 -17.76
C ILE C 79 -0.53 -17.34 -17.59
N VAL C 80 0.11 -17.70 -18.70
CA VAL C 80 1.51 -18.06 -18.68
C VAL C 80 2.35 -17.03 -19.40
N GLU C 81 3.31 -16.49 -18.68
CA GLU C 81 4.19 -15.47 -19.19
C GLU C 81 5.64 -15.97 -19.17
N THR C 82 6.41 -15.67 -20.21
CA THR C 82 7.82 -16.07 -20.25
C THR C 82 8.55 -15.21 -19.20
N PRO C 83 9.64 -15.65 -18.55
CA PRO C 83 10.41 -14.87 -17.58
C PRO C 83 10.83 -13.48 -17.98
N ASN C 84 11.18 -13.27 -19.23
CA ASN C 84 11.60 -11.95 -19.67
C ASN C 84 10.96 -11.58 -20.99
N PRO C 85 9.70 -11.16 -21.01
CA PRO C 85 8.95 -10.85 -22.19
C PRO C 85 9.65 -9.73 -22.86
N GLU C 86 9.61 -9.71 -24.17
CA GLU C 86 10.23 -8.64 -24.91
C GLU C 86 9.25 -7.62 -25.53
N ASN C 87 7.99 -8.05 -25.83
CA ASN C 87 6.97 -7.25 -26.49
C ASN C 87 5.95 -6.74 -25.46
N GLY C 88 6.11 -5.46 -25.08
CA GLY C 88 5.34 -4.73 -24.07
C GLY C 88 4.92 -3.41 -24.63
N THR C 89 5.26 -2.37 -23.93
CA THR C 89 4.94 -1.04 -24.39
C THR C 89 5.96 -0.60 -25.45
N CYS C 90 5.69 -0.94 -26.75
CA CYS C 90 6.57 -0.69 -27.91
C CYS C 90 6.84 0.80 -28.09
N TYR C 91 5.91 1.63 -27.68
CA TYR C 91 6.15 3.05 -27.71
C TYR C 91 6.36 3.30 -26.22
N PRO C 92 7.53 3.74 -25.76
CA PRO C 92 7.87 3.82 -24.36
C PRO C 92 6.99 4.78 -23.61
N GLY C 93 6.77 4.47 -22.35
CA GLY C 93 5.99 5.30 -21.46
C GLY C 93 5.70 4.58 -20.18
N TYR C 94 5.02 5.25 -19.29
CA TYR C 94 4.65 4.71 -18.00
C TYR C 94 3.29 4.06 -18.07
N PHE C 95 3.14 2.85 -17.57
CA PHE C 95 1.84 2.21 -17.59
C PHE C 95 1.27 2.36 -16.20
N ALA C 96 0.25 3.16 -16.04
CA ALA C 96 -0.29 3.43 -14.72
C ALA C 96 -0.96 2.22 -14.14
N ASP C 97 -0.74 1.98 -12.85
CA ASP C 97 -1.39 0.91 -12.15
C ASP C 97 -1.27 -0.41 -12.89
N TYR C 98 -0.07 -0.70 -13.38
CA TYR C 98 0.14 -1.91 -14.14
C TYR C 98 0.04 -3.14 -13.31
N GLU C 99 0.66 -3.13 -12.15
CA GLU C 99 0.65 -4.29 -11.28
C GLU C 99 -0.75 -4.58 -10.82
N GLU C 100 -1.51 -3.52 -10.60
CA GLU C 100 -2.88 -3.64 -10.17
C GLU C 100 -3.74 -4.19 -11.31
N LEU C 101 -3.46 -3.78 -12.56
CA LEU C 101 -4.21 -4.31 -13.68
C LEU C 101 -3.92 -5.79 -13.82
N ARG C 102 -2.66 -6.21 -13.66
CA ARG C 102 -2.32 -7.61 -13.78
C ARG C 102 -3.06 -8.44 -12.76
N GLU C 103 -3.17 -7.92 -11.53
CA GLU C 103 -3.86 -8.61 -10.45
C GLU C 103 -5.33 -8.78 -10.77
N GLN C 104 -5.93 -7.81 -11.45
CA GLN C 104 -7.33 -7.94 -11.78
C GLN C 104 -7.56 -8.79 -13.04
N LEU C 105 -6.69 -8.70 -14.04
CA LEU C 105 -6.87 -9.52 -15.25
C LEU C 105 -6.62 -10.96 -14.97
N SER C 106 -5.79 -11.26 -14.00
CA SER C 106 -5.48 -12.63 -13.70
C SER C 106 -6.70 -13.41 -13.27
N SER C 107 -7.76 -12.73 -12.80
CA SER C 107 -8.98 -13.39 -12.34
C SER C 107 -10.02 -13.54 -13.45
N VAL C 108 -9.74 -12.99 -14.62
CA VAL C 108 -10.66 -13.01 -15.74
C VAL C 108 -10.62 -14.37 -16.38
N SER C 109 -11.78 -14.98 -16.60
CA SER C 109 -11.77 -16.28 -17.23
C SER C 109 -11.90 -16.11 -18.72
N SER C 110 -12.57 -15.04 -19.10
CA SER C 110 -12.76 -14.74 -20.50
C SER C 110 -13.11 -13.29 -20.73
N PHE C 111 -13.00 -12.87 -21.97
CA PHE C 111 -13.50 -11.57 -22.33
C PHE C 111 -13.80 -11.42 -23.78
N GLU C 112 -14.61 -10.42 -24.09
CA GLU C 112 -14.90 -10.05 -25.45
C GLU C 112 -14.15 -8.81 -25.84
N ARG C 113 -13.43 -8.88 -26.94
CA ARG C 113 -12.75 -7.71 -27.45
C ARG C 113 -13.67 -7.07 -28.46
N PHE C 114 -14.09 -5.85 -28.23
CA PHE C 114 -15.04 -5.21 -29.12
C PHE C 114 -14.56 -3.83 -29.47
N GLU C 115 -15.03 -3.31 -30.60
CA GLU C 115 -14.57 -2.00 -31.00
C GLU C 115 -15.44 -0.96 -30.32
N ILE C 116 -14.83 -0.14 -29.46
CA ILE C 116 -15.56 0.85 -28.68
C ILE C 116 -15.85 2.10 -29.49
N PHE C 117 -14.86 2.53 -30.26
CA PHE C 117 -14.96 3.72 -31.09
C PHE C 117 -14.47 3.45 -32.49
N PRO C 118 -15.30 2.97 -33.41
CA PRO C 118 -14.87 2.52 -34.71
C PRO C 118 -14.02 3.55 -35.40
N LYS C 119 -12.88 3.06 -35.91
CA LYS C 119 -11.87 3.92 -36.51
C LYS C 119 -12.34 4.77 -37.67
N GLU C 120 -13.11 4.17 -38.55
CA GLU C 120 -13.60 4.83 -39.73
C GLU C 120 -14.71 5.85 -39.53
N SER C 121 -15.44 5.80 -38.42
CA SER C 121 -16.55 6.73 -38.29
C SER C 121 -16.48 7.62 -37.08
N SER C 122 -15.64 7.30 -36.12
CA SER C 122 -15.61 8.09 -34.91
C SER C 122 -14.87 9.40 -35.03
N TRP C 123 -13.87 9.50 -35.90
CA TRP C 123 -13.15 10.76 -35.96
C TRP C 123 -12.95 11.36 -37.36
N PRO C 124 -14.00 11.82 -38.05
CA PRO C 124 -13.98 12.42 -39.37
C PRO C 124 -13.08 13.64 -39.59
N ASN C 125 -12.77 14.40 -38.51
CA ASN C 125 -11.96 15.62 -38.55
C ASN C 125 -10.56 15.46 -37.94
N HIS C 126 -10.05 14.21 -37.75
CA HIS C 126 -8.72 13.96 -37.19
C HIS C 126 -8.03 12.93 -38.03
N THR C 127 -6.72 12.90 -37.98
CA THR C 127 -5.99 11.88 -38.70
C THR C 127 -5.87 10.70 -37.75
N VAL C 128 -6.27 9.53 -38.21
CA VAL C 128 -6.26 8.32 -37.38
C VAL C 128 -5.32 7.26 -37.90
N THR C 129 -4.47 7.64 -38.81
CA THR C 129 -3.56 6.76 -39.52
C THR C 129 -2.11 6.78 -39.06
N GLY C 130 -1.84 7.40 -37.91
CA GLY C 130 -0.47 7.52 -37.39
C GLY C 130 0.17 6.21 -36.94
N VAL C 131 1.44 6.07 -37.29
CA VAL C 131 2.29 4.93 -36.95
C VAL C 131 3.67 5.33 -36.46
N SER C 132 4.36 4.41 -35.81
CA SER C 132 5.72 4.63 -35.33
C SER C 132 6.65 3.49 -35.65
N ALA C 133 7.92 3.83 -35.90
CA ALA C 133 8.94 2.81 -36.22
C ALA C 133 9.16 1.90 -35.03
N SER C 134 8.96 2.45 -33.84
CA SER C 134 9.18 1.74 -32.60
C SER C 134 8.21 0.56 -32.39
N CYS C 135 7.06 0.55 -33.11
CA CYS C 135 6.01 -0.43 -33.05
C CYS C 135 5.97 -1.14 -34.40
N SER C 136 7.07 -1.21 -35.11
CA SER C 136 7.00 -1.84 -36.40
C SER C 136 6.66 -3.32 -36.31
N HIS C 137 6.07 -3.81 -37.38
CA HIS C 137 5.64 -5.19 -37.52
C HIS C 137 5.96 -5.68 -38.91
N ASN C 138 6.74 -6.75 -39.00
CA ASN C 138 7.12 -7.30 -40.29
C ASN C 138 7.81 -6.26 -41.16
N GLY C 139 8.61 -5.40 -40.55
CA GLY C 139 9.36 -4.40 -41.29
C GLY C 139 8.68 -3.07 -41.52
N LYS C 140 7.40 -2.90 -41.19
CA LYS C 140 6.81 -1.59 -41.47
C LYS C 140 6.34 -0.93 -40.20
N SER C 141 6.25 0.38 -40.22
CA SER C 141 5.79 1.11 -39.05
C SER C 141 4.35 0.74 -38.73
N SER C 142 4.03 0.73 -37.45
CA SER C 142 2.68 0.36 -37.01
C SER C 142 2.37 0.95 -35.66
N PHE C 143 1.31 0.50 -35.03
CA PHE C 143 0.96 1.03 -33.72
C PHE C 143 0.13 0.00 -33.00
N TYR C 144 -0.24 0.29 -31.79
CA TYR C 144 -1.00 -0.63 -30.99
C TYR C 144 -2.33 -0.95 -31.65
N ARG C 145 -2.68 -2.21 -31.67
CA ARG C 145 -3.89 -2.66 -32.28
C ARG C 145 -5.14 -2.30 -31.52
N ASN C 146 -5.03 -1.95 -30.23
CA ASN C 146 -6.21 -1.59 -29.51
C ASN C 146 -6.34 -0.07 -29.28
N LEU C 147 -5.37 0.71 -29.77
CA LEU C 147 -5.35 2.16 -29.54
C LEU C 147 -5.20 2.94 -30.82
N LEU C 148 -5.74 4.14 -30.86
CA LEU C 148 -5.62 4.92 -32.07
C LEU C 148 -4.95 6.27 -31.79
N TRP C 149 -3.92 6.62 -32.54
CA TRP C 149 -3.21 7.89 -32.27
C TRP C 149 -3.84 9.02 -33.03
N LEU C 150 -4.51 9.95 -32.36
CA LEU C 150 -5.19 11.01 -33.08
C LEU C 150 -4.33 12.23 -33.23
N THR C 151 -4.14 12.70 -34.46
CA THR C 151 -3.36 13.91 -34.73
C THR C 151 -4.26 14.84 -35.53
N GLY C 152 -3.81 16.06 -35.79
CA GLY C 152 -4.69 16.99 -36.50
C GLY C 152 -4.88 16.67 -37.98
N LYS C 153 -5.78 17.43 -38.59
CA LYS C 153 -6.14 17.30 -39.98
C LYS C 153 -6.37 18.69 -40.58
N ASN C 154 -5.82 18.95 -41.75
CA ASN C 154 -5.97 20.24 -42.42
C ASN C 154 -5.51 21.40 -41.54
N GLY C 155 -4.48 21.20 -40.72
CA GLY C 155 -3.95 22.26 -39.88
C GLY C 155 -4.70 22.48 -38.57
N LEU C 156 -5.74 21.70 -38.31
CA LEU C 156 -6.54 21.86 -37.10
C LEU C 156 -6.62 20.62 -36.23
N TYR C 157 -6.82 20.84 -34.94
CA TYR C 157 -7.12 19.71 -34.06
C TYR C 157 -8.40 20.09 -33.31
N PRO C 158 -9.58 19.87 -33.88
CA PRO C 158 -10.84 20.24 -33.33
C PRO C 158 -11.02 19.59 -31.99
N ASN C 159 -11.73 20.25 -31.10
CA ASN C 159 -11.97 19.67 -29.80
C ASN C 159 -12.75 18.37 -29.94
N LEU C 160 -12.30 17.36 -29.23
CA LEU C 160 -12.92 16.06 -29.18
C LEU C 160 -13.87 15.93 -28.07
N SER C 161 -14.95 15.20 -28.33
CA SER C 161 -15.89 14.80 -27.31
C SER C 161 -16.58 13.51 -27.73
N LYS C 162 -16.28 12.44 -27.04
CA LYS C 162 -16.84 11.12 -27.30
C LYS C 162 -17.24 10.40 -26.06
N SER C 163 -18.26 9.59 -26.16
CA SER C 163 -18.64 8.82 -25.02
C SER C 163 -19.16 7.46 -25.38
N TYR C 164 -19.08 6.59 -24.41
CA TYR C 164 -19.56 5.23 -24.53
C TYR C 164 -20.38 4.80 -23.35
N VAL C 165 -21.51 4.18 -23.63
CA VAL C 165 -22.37 3.69 -22.58
C VAL C 165 -22.24 2.20 -22.46
N ASN C 166 -21.99 1.72 -21.26
CA ASN C 166 -21.75 0.32 -21.09
C ASN C 166 -22.99 -0.53 -21.06
N ASN C 167 -23.40 -0.91 -22.25
CA ASN C 167 -24.57 -1.71 -22.46
C ASN C 167 -24.19 -3.19 -22.64
N LYS C 168 -22.97 -3.56 -22.25
CA LYS C 168 -22.50 -4.93 -22.39
C LYS C 168 -22.93 -5.82 -21.22
N GLU C 169 -23.36 -5.20 -20.14
CA GLU C 169 -23.74 -5.87 -18.88
C GLU C 169 -22.58 -6.61 -18.21
N LYS C 170 -21.38 -6.14 -18.48
CA LYS C 170 -20.12 -6.63 -17.94
C LYS C 170 -19.25 -5.45 -17.63
N GLU C 171 -18.25 -5.62 -16.79
CA GLU C 171 -17.33 -4.52 -16.61
C GLU C 171 -16.56 -4.36 -17.89
N VAL C 172 -16.32 -3.14 -18.31
CA VAL C 172 -15.55 -2.91 -19.52
C VAL C 172 -14.24 -2.23 -19.27
N LEU C 173 -13.17 -2.86 -19.71
CA LEU C 173 -11.87 -2.30 -19.53
C LEU C 173 -11.54 -1.40 -20.68
N VAL C 174 -11.33 -0.13 -20.36
CA VAL C 174 -11.05 0.86 -21.36
C VAL C 174 -9.64 1.34 -21.17
N LEU C 175 -8.84 1.25 -22.22
CA LEU C 175 -7.44 1.65 -22.18
C LEU C 175 -7.24 2.88 -23.03
N TRP C 176 -6.39 3.79 -22.62
CA TRP C 176 -6.10 4.97 -23.45
C TRP C 176 -4.74 5.49 -23.09
N GLY C 177 -4.25 6.46 -23.81
CA GLY C 177 -2.99 7.05 -23.38
C GLY C 177 -2.90 8.53 -23.65
N VAL C 178 -1.82 9.13 -23.18
CA VAL C 178 -1.55 10.54 -23.34
C VAL C 178 -0.16 10.71 -23.90
N HIS C 179 -0.03 11.48 -24.96
CA HIS C 179 1.24 11.71 -25.59
C HIS C 179 1.98 12.89 -24.99
N HIS C 180 3.23 12.67 -24.65
CA HIS C 180 4.14 13.65 -24.10
C HIS C 180 5.36 13.86 -25.02
N PRO C 181 5.31 14.81 -25.97
CA PRO C 181 6.33 15.10 -26.97
C PRO C 181 7.66 15.52 -26.37
N PRO C 182 8.76 15.35 -27.10
CA PRO C 182 10.08 15.79 -26.74
C PRO C 182 10.29 17.30 -26.84
N ASN C 183 9.45 17.99 -27.61
CA ASN C 183 9.65 19.40 -27.78
C ASN C 183 8.39 20.13 -28.23
N ILE C 184 8.51 21.44 -28.35
CA ILE C 184 7.43 22.30 -28.79
C ILE C 184 7.14 22.15 -30.26
N GLY C 185 8.17 22.01 -31.08
CA GLY C 185 7.93 21.87 -32.50
C GLY C 185 7.07 20.66 -32.81
N ASN C 186 7.25 19.56 -32.08
CA ASN C 186 6.47 18.36 -32.28
C ASN C 186 5.08 18.54 -31.71
N GLN C 187 4.96 19.21 -30.57
CA GLN C 187 3.65 19.43 -29.99
C GLN C 187 2.80 20.23 -30.95
N ARG C 188 3.38 21.22 -31.62
CA ARG C 188 2.59 22.01 -32.53
C ARG C 188 2.39 21.32 -33.86
N ALA C 189 3.38 20.58 -34.34
CA ALA C 189 3.23 19.91 -35.61
C ALA C 189 2.09 18.91 -35.60
N LEU C 190 1.87 18.24 -34.48
CA LEU C 190 0.83 17.25 -34.42
C LEU C 190 -0.51 17.75 -33.91
N TYR C 191 -0.52 18.65 -32.91
CA TYR C 191 -1.79 19.01 -32.32
C TYR C 191 -2.19 20.47 -32.55
N HIS C 192 -1.29 21.27 -33.10
CA HIS C 192 -1.51 22.67 -33.38
C HIS C 192 -1.90 23.51 -32.18
N THR C 193 -1.34 23.19 -31.01
CA THR C 193 -1.58 23.93 -29.80
C THR C 193 -0.48 23.67 -28.83
N GLU C 194 -0.19 24.66 -28.00
CA GLU C 194 0.81 24.50 -26.95
C GLU C 194 0.18 24.20 -25.59
N ASN C 195 -1.15 24.18 -25.53
CA ASN C 195 -1.85 23.98 -24.26
C ASN C 195 -2.95 22.96 -24.40
N ALA C 196 -2.55 21.73 -24.61
CA ALA C 196 -3.48 20.65 -24.76
C ALA C 196 -3.82 20.09 -23.40
N TYR C 197 -4.98 19.49 -23.32
CA TYR C 197 -5.39 18.75 -22.14
C TYR C 197 -6.16 17.54 -22.59
N VAL C 198 -6.21 16.55 -21.73
CA VAL C 198 -7.03 15.36 -21.93
C VAL C 198 -7.88 15.17 -20.67
N SER C 199 -9.17 14.96 -20.81
CA SER C 199 -10.02 14.77 -19.64
C SER C 199 -10.93 13.57 -19.77
N VAL C 200 -10.80 12.64 -18.83
CA VAL C 200 -11.58 11.44 -18.90
C VAL C 200 -12.41 11.27 -17.63
N VAL C 201 -13.72 11.15 -17.80
CA VAL C 201 -14.59 10.99 -16.65
C VAL C 201 -15.61 9.86 -16.81
N SER C 202 -16.12 9.38 -15.69
CA SER C 202 -17.20 8.39 -15.64
C SER C 202 -17.99 8.77 -14.42
N SER C 203 -18.96 7.97 -13.96
CA SER C 203 -19.70 8.49 -12.83
C SER C 203 -18.80 8.65 -11.63
N HIS C 204 -17.86 7.72 -11.46
CA HIS C 204 -16.97 7.77 -10.31
C HIS C 204 -15.49 8.06 -10.63
N TYR C 205 -15.10 7.94 -11.89
CA TYR C 205 -13.71 8.19 -12.29
C TYR C 205 -13.57 9.61 -12.77
N SER C 206 -12.54 10.29 -12.33
CA SER C 206 -12.33 11.62 -12.88
C SER C 206 -10.89 11.97 -12.88
N ARG C 207 -10.32 12.16 -14.06
CA ARG C 207 -8.92 12.50 -14.14
C ARG C 207 -8.64 13.45 -15.30
N ARG C 208 -7.79 14.43 -15.06
CA ARG C 208 -7.39 15.34 -16.12
C ARG C 208 -5.90 15.23 -16.27
N PHE C 209 -5.44 15.20 -17.50
CA PHE C 209 -4.05 15.02 -17.79
C PHE C 209 -3.54 16.23 -18.53
N THR C 210 -2.29 16.57 -18.29
CA THR C 210 -1.64 17.64 -19.02
C THR C 210 -0.35 17.07 -19.61
N PRO C 211 -0.08 17.18 -20.91
CA PRO C 211 1.13 16.76 -21.55
C PRO C 211 2.32 17.52 -21.00
N GLU C 212 3.44 16.85 -20.88
CA GLU C 212 4.68 17.45 -20.42
C GLU C 212 5.71 17.37 -21.51
N ILE C 213 6.35 18.48 -21.79
CA ILE C 213 7.34 18.52 -22.84
C ILE C 213 8.71 18.45 -22.23
N ALA C 214 9.49 17.45 -22.62
CA ALA C 214 10.83 17.33 -22.04
C ALA C 214 11.77 16.53 -22.91
N LYS C 215 13.05 16.81 -22.77
CA LYS C 215 14.05 16.02 -23.45
C LYS C 215 14.25 14.79 -22.60
N ARG C 216 14.20 13.61 -23.17
CA ARG C 216 14.35 12.41 -22.37
C ARG C 216 15.39 11.53 -23.03
N PRO C 217 16.06 10.62 -22.31
CA PRO C 217 16.97 9.67 -22.89
C PRO C 217 16.20 8.83 -23.88
N LYS C 218 16.82 8.41 -24.96
CA LYS C 218 16.05 7.60 -25.88
C LYS C 218 15.80 6.20 -25.42
N VAL C 219 14.56 5.78 -25.59
CA VAL C 219 14.15 4.42 -25.33
C VAL C 219 13.49 3.93 -26.58
N ARG C 220 13.99 2.86 -27.17
CA ARG C 220 13.42 2.36 -28.43
C ARG C 220 13.34 3.47 -29.47
N ASP C 221 14.39 4.27 -29.53
CA ASP C 221 14.57 5.41 -30.44
C ASP C 221 13.61 6.59 -30.26
N GLN C 222 12.85 6.63 -29.17
CA GLN C 222 11.99 7.78 -28.94
C GLN C 222 12.45 8.65 -27.80
N GLU C 223 12.22 9.95 -27.95
CA GLU C 223 12.48 10.93 -26.90
C GLU C 223 11.20 11.35 -26.17
N GLY C 224 10.05 11.11 -26.78
CA GLY C 224 8.79 11.43 -26.14
C GLY C 224 8.30 10.18 -25.48
N ARG C 225 7.15 10.26 -24.83
CA ARG C 225 6.55 9.12 -24.16
C ARG C 225 5.04 9.06 -24.31
N ILE C 226 4.47 7.89 -24.26
CA ILE C 226 3.01 7.77 -24.16
C ILE C 226 2.63 7.11 -22.87
N ASN C 227 1.92 7.78 -22.01
CA ASN C 227 1.58 7.12 -20.77
C ASN C 227 0.31 6.38 -20.99
N TYR C 228 0.13 5.24 -20.31
CA TYR C 228 -1.06 4.47 -20.52
C TYR C 228 -1.89 4.45 -19.26
N TYR C 229 -3.19 4.58 -19.44
CA TYR C 229 -4.14 4.63 -18.36
C TYR C 229 -5.28 3.69 -18.61
N TRP C 230 -5.94 3.28 -17.55
CA TRP C 230 -7.10 2.41 -17.73
C TRP C 230 -8.11 2.57 -16.63
N THR C 231 -9.32 2.16 -16.94
CA THR C 231 -10.36 2.10 -15.93
C THR C 231 -11.38 1.04 -16.26
N LEU C 232 -12.07 0.54 -15.25
CA LEU C 232 -13.16 -0.40 -15.47
C LEU C 232 -14.47 0.30 -15.35
N LEU C 233 -15.20 0.27 -16.44
CA LEU C 233 -16.47 0.94 -16.53
C LEU C 233 -17.54 -0.04 -16.08
N GLU C 234 -18.30 0.32 -15.07
CA GLU C 234 -19.33 -0.55 -14.53
C GLU C 234 -20.49 -0.64 -15.48
N PRO C 235 -21.27 -1.73 -15.49
CA PRO C 235 -22.43 -1.90 -16.32
C PRO C 235 -23.36 -0.74 -16.12
N GLY C 236 -23.83 -0.18 -17.22
CA GLY C 236 -24.76 0.92 -17.20
C GLY C 236 -24.10 2.29 -17.08
N ASP C 237 -22.79 2.36 -16.86
CA ASP C 237 -22.20 3.69 -16.71
C ASP C 237 -21.79 4.26 -18.06
N THR C 238 -21.27 5.48 -18.05
CA THR C 238 -20.82 6.16 -19.25
C THR C 238 -19.42 6.71 -19.08
N ILE C 239 -18.57 6.51 -20.07
CA ILE C 239 -17.24 7.11 -20.01
C ILE C 239 -17.17 8.19 -21.05
N ILE C 240 -16.68 9.36 -20.66
CA ILE C 240 -16.58 10.49 -21.56
C ILE C 240 -15.14 10.95 -21.73
N PHE C 241 -14.72 11.08 -22.98
CA PHE C 241 -13.40 11.56 -23.35
C PHE C 241 -13.46 12.92 -24.01
N GLU C 242 -12.80 13.90 -23.41
CA GLU C 242 -12.74 15.25 -23.96
C GLU C 242 -11.28 15.65 -24.14
N ALA C 243 -10.91 16.22 -25.27
CA ALA C 243 -9.51 16.61 -25.43
C ALA C 243 -9.28 17.64 -26.52
N ASN C 244 -8.21 18.39 -26.42
CA ASN C 244 -7.86 19.30 -27.51
C ASN C 244 -6.47 19.00 -28.03
N GLY C 245 -6.00 17.81 -27.78
CA GLY C 245 -4.70 17.38 -28.25
C GLY C 245 -4.15 16.31 -27.34
N ASN C 246 -3.12 15.64 -27.85
CA ASN C 246 -2.35 14.61 -27.17
C ASN C 246 -3.09 13.36 -26.71
N LEU C 247 -4.19 13.00 -27.36
CA LEU C 247 -4.92 11.80 -26.98
C LEU C 247 -4.68 10.61 -27.88
N ILE C 248 -4.39 9.48 -27.23
CA ILE C 248 -4.28 8.21 -27.90
C ILE C 248 -5.59 7.55 -27.49
N ALA C 249 -6.52 7.49 -28.43
CA ALA C 249 -7.87 7.12 -28.15
C ALA C 249 -8.03 5.64 -27.98
N PRO C 250 -8.98 5.16 -27.19
CA PRO C 250 -9.27 3.77 -27.14
C PRO C 250 -9.87 3.45 -28.46
N TRP C 251 -9.61 2.28 -28.97
CA TRP C 251 -10.21 1.80 -30.20
C TRP C 251 -10.99 0.56 -29.84
N TYR C 252 -10.32 -0.37 -29.19
CA TYR C 252 -10.92 -1.60 -28.71
C TYR C 252 -10.99 -1.57 -27.20
N ALA C 253 -11.96 -2.28 -26.66
CA ALA C 253 -12.18 -2.36 -25.22
C ALA C 253 -12.62 -3.76 -24.87
N PHE C 254 -12.47 -4.15 -23.61
CA PHE C 254 -12.79 -5.52 -23.27
C PHE C 254 -13.92 -5.71 -22.30
N ALA C 255 -14.91 -6.51 -22.67
CA ALA C 255 -16.01 -6.82 -21.75
C ALA C 255 -15.60 -8.04 -20.97
N LEU C 256 -15.36 -7.87 -19.67
CA LEU C 256 -14.79 -8.90 -18.84
C LEU C 256 -15.78 -9.79 -18.12
N SER C 257 -15.40 -11.05 -17.96
CA SER C 257 -16.15 -12.03 -17.19
C SER C 257 -15.20 -12.74 -16.25
N ARG C 258 -15.41 -12.55 -14.96
CA ARG C 258 -14.51 -13.07 -13.94
C ARG C 258 -14.85 -14.47 -13.49
N GLY C 259 -13.82 -15.23 -13.13
CA GLY C 259 -13.97 -16.58 -12.61
C GLY C 259 -13.12 -16.78 -11.38
N PHE C 260 -12.91 -18.05 -11.01
CA PHE C 260 -12.14 -18.33 -9.80
C PHE C 260 -11.06 -19.37 -10.02
N GLY C 261 -9.98 -19.25 -9.26
CA GLY C 261 -8.89 -20.23 -9.24
C GLY C 261 -7.72 -19.94 -10.17
N SER C 262 -7.88 -18.97 -11.06
CA SER C 262 -6.85 -18.59 -12.01
C SER C 262 -5.80 -17.65 -11.39
N GLY C 263 -4.70 -17.46 -12.11
CA GLY C 263 -3.61 -16.58 -11.68
C GLY C 263 -2.55 -16.49 -12.77
N ILE C 264 -1.46 -15.76 -12.52
CA ILE C 264 -0.40 -15.63 -13.52
C ILE C 264 0.87 -16.30 -13.04
N ILE C 265 1.43 -17.16 -13.87
CA ILE C 265 2.69 -17.80 -13.53
C ILE C 265 3.72 -17.48 -14.58
N THR C 266 4.96 -17.51 -14.16
CA THR C 266 6.06 -17.24 -15.04
C THR C 266 6.79 -18.54 -15.32
N SER C 267 6.85 -18.93 -16.58
CA SER C 267 7.41 -20.24 -16.89
C SER C 267 7.90 -20.44 -18.31
N ASN C 268 8.98 -21.22 -18.45
CA ASN C 268 9.46 -21.64 -19.77
C ASN C 268 9.07 -23.07 -20.10
N ALA C 269 8.21 -23.65 -19.28
CA ALA C 269 7.78 -25.01 -19.51
C ALA C 269 6.94 -25.01 -20.79
N PRO C 270 6.99 -26.06 -21.62
CA PRO C 270 6.18 -26.22 -22.82
C PRO C 270 4.77 -26.59 -22.45
N MET C 271 3.83 -26.25 -23.31
CA MET C 271 2.47 -26.72 -23.16
C MET C 271 2.32 -28.01 -23.91
N ASP C 272 1.50 -28.91 -23.37
CA ASP C 272 1.24 -30.14 -24.09
C ASP C 272 -0.18 -30.66 -23.87
N GLU C 273 -0.49 -31.76 -24.51
CA GLU C 273 -1.80 -32.37 -24.41
C GLU C 273 -1.92 -33.24 -23.16
N CYS C 274 -2.11 -32.57 -22.01
CA CYS C 274 -2.17 -33.14 -20.68
C CYS C 274 -3.14 -32.34 -19.83
N ASP C 275 -3.50 -32.89 -18.68
CA ASP C 275 -4.45 -32.27 -17.80
C ASP C 275 -4.09 -32.59 -16.37
N ALA C 276 -4.27 -31.63 -15.49
CA ALA C 276 -3.98 -31.81 -14.08
C ALA C 276 -4.87 -30.95 -13.23
N LYS C 277 -5.01 -31.31 -11.97
CA LYS C 277 -5.75 -30.42 -11.08
C LYS C 277 -4.89 -29.32 -10.40
N CYS C 278 -3.55 -29.40 -10.51
CA CYS C 278 -2.53 -28.53 -9.92
C CYS C 278 -1.40 -28.29 -10.92
N GLN C 279 -1.00 -27.04 -11.04
CA GLN C 279 0.07 -26.61 -11.92
C GLN C 279 1.07 -25.71 -11.21
N THR C 280 2.36 -26.02 -11.32
CA THR C 280 3.34 -25.12 -10.74
C THR C 280 4.09 -24.59 -11.96
N PRO C 281 4.89 -23.54 -11.86
CA PRO C 281 5.76 -23.02 -12.89
C PRO C 281 6.78 -24.05 -13.41
N GLN C 282 7.07 -25.11 -12.65
CA GLN C 282 8.04 -26.08 -13.10
C GLN C 282 7.38 -27.22 -13.85
N GLY C 283 6.06 -27.26 -13.83
CA GLY C 283 5.30 -28.36 -14.39
C GLY C 283 4.14 -28.78 -13.49
N ALA C 284 3.22 -29.52 -14.08
CA ALA C 284 2.03 -30.02 -13.41
C ALA C 284 2.25 -31.13 -12.40
N ILE C 285 1.40 -31.15 -11.37
CA ILE C 285 1.41 -32.16 -10.32
C ILE C 285 0.19 -33.07 -10.33
N ASN C 286 0.45 -34.37 -10.34
CA ASN C 286 -0.63 -35.36 -10.30
C ASN C 286 -0.52 -36.19 -9.02
N SER C 287 -1.04 -35.66 -7.92
CA SER C 287 -0.87 -36.29 -6.61
C SER C 287 -1.93 -35.94 -5.59
N SER C 288 -2.19 -36.86 -4.66
CA SER C 288 -3.15 -36.71 -3.57
C SER C 288 -2.54 -36.50 -2.18
N LEU C 289 -1.23 -36.33 -2.11
CA LEU C 289 -0.57 -36.18 -0.81
C LEU C 289 -0.81 -34.79 -0.23
N PRO C 290 -0.82 -34.62 1.11
CA PRO C 290 -1.03 -33.34 1.79
C PRO C 290 0.07 -32.31 1.63
N PHE C 291 1.30 -32.72 1.30
CA PHE C 291 2.38 -31.77 1.17
C PHE C 291 3.15 -31.97 -0.10
N GLN C 292 3.82 -30.91 -0.55
CA GLN C 292 4.75 -30.99 -1.67
C GLN C 292 5.97 -30.14 -1.41
N ASN C 293 7.08 -30.48 -2.04
CA ASN C 293 8.29 -29.68 -1.92
C ASN C 293 8.81 -29.27 -3.29
N VAL C 294 7.90 -29.12 -4.24
CA VAL C 294 8.25 -28.76 -5.60
C VAL C 294 8.36 -27.25 -5.76
N HIS C 295 7.33 -26.51 -5.36
CA HIS C 295 7.39 -25.06 -5.58
C HIS C 295 6.33 -24.30 -4.74
N PRO C 296 6.64 -23.14 -4.13
CA PRO C 296 5.71 -22.30 -3.37
C PRO C 296 4.59 -21.57 -4.12
N VAL C 297 4.72 -21.39 -5.43
CA VAL C 297 3.74 -20.66 -6.23
C VAL C 297 2.89 -21.58 -7.06
N THR C 298 1.60 -21.67 -6.77
CA THR C 298 0.82 -22.66 -7.51
C THR C 298 -0.59 -22.23 -7.90
N ILE C 299 -1.11 -22.89 -8.95
CA ILE C 299 -2.48 -22.75 -9.42
C ILE C 299 -3.22 -24.07 -9.42
N GLY C 300 -4.42 -24.11 -8.87
CA GLY C 300 -5.21 -25.33 -8.84
C GLY C 300 -5.35 -25.87 -7.42
N GLU C 301 -5.74 -27.13 -7.32
CA GLU C 301 -5.97 -27.83 -6.06
C GLU C 301 -4.68 -28.56 -5.72
N CYS C 302 -3.80 -27.94 -4.90
CA CYS C 302 -2.42 -28.38 -4.69
C CYS C 302 -2.13 -28.89 -3.25
N PRO C 303 -1.13 -29.75 -3.09
CA PRO C 303 -0.56 -30.13 -1.81
C PRO C 303 0.07 -28.89 -1.23
N LYS C 304 0.17 -28.80 0.08
CA LYS C 304 0.77 -27.63 0.69
C LYS C 304 2.28 -27.59 0.59
N TYR C 305 2.85 -26.44 0.24
CA TYR C 305 4.31 -26.39 0.13
C TYR C 305 5.05 -26.30 1.47
N VAL C 306 6.05 -27.19 1.63
CA VAL C 306 6.96 -27.25 2.78
C VAL C 306 8.39 -27.36 2.34
N ARG C 307 9.33 -27.05 3.24
CA ARG C 307 10.75 -27.16 2.93
C ARG C 307 11.35 -28.51 3.27
N SER C 308 10.53 -29.41 3.74
CA SER C 308 10.93 -30.73 4.15
C SER C 308 11.47 -31.54 3.01
N ALA C 309 12.50 -32.34 3.27
CA ALA C 309 13.02 -33.23 2.23
C ALA C 309 12.16 -34.47 2.11
N LYS C 310 11.66 -34.93 3.26
CA LYS C 310 10.84 -36.12 3.34
C LYS C 310 9.92 -36.09 4.54
N LEU C 311 8.71 -36.58 4.35
CA LEU C 311 7.74 -36.74 5.42
C LEU C 311 7.19 -38.14 5.32
N ARG C 312 7.89 -39.09 5.87
CA ARG C 312 7.45 -40.47 5.74
C ARG C 312 6.99 -40.97 7.08
N MET C 313 5.78 -41.46 7.09
CA MET C 313 5.13 -41.97 8.26
C MET C 313 5.13 -43.50 8.24
N VAL C 314 5.27 -44.12 9.40
CA VAL C 314 5.27 -45.59 9.46
C VAL C 314 3.91 -46.11 9.72
N THR C 315 3.53 -47.16 8.99
CA THR C 315 2.26 -47.77 9.25
C THR C 315 2.44 -49.18 9.76
N GLY C 316 3.56 -49.80 9.41
CA GLY C 316 3.85 -51.17 9.76
C GLY C 316 4.67 -51.31 10.99
N LEU C 317 5.37 -52.41 11.06
CA LEU C 317 6.13 -52.83 12.21
C LEU C 317 7.58 -52.48 12.06
N ARG C 318 8.32 -52.51 13.15
CA ARG C 318 9.74 -52.29 13.02
C ARG C 318 10.27 -53.51 12.25
N ASN C 319 11.06 -53.30 11.21
CA ASN C 319 11.50 -54.43 10.38
C ASN C 319 12.77 -55.09 10.86
N ILE C 320 12.68 -55.78 11.97
CA ILE C 320 13.80 -56.51 12.51
C ILE C 320 13.47 -57.97 12.54
N PRO C 321 13.92 -58.80 11.58
CA PRO C 321 13.69 -60.22 11.48
C PRO C 321 14.57 -60.95 12.48
N SER C 322 14.13 -62.16 12.94
CA SER C 322 14.83 -63.15 13.79
C SER C 322 13.80 -63.95 14.58
N GLY D 1 10.19 -49.52 21.55
CA GLY D 1 9.05 -48.92 22.22
C GLY D 1 9.20 -49.10 23.73
N LEU D 2 8.17 -48.63 24.49
CA LEU D 2 8.13 -48.67 25.97
C LEU D 2 7.46 -49.89 26.58
N PHE D 3 7.02 -50.85 25.76
CA PHE D 3 6.40 -52.06 26.31
C PHE D 3 7.45 -53.21 26.30
N GLY D 4 8.45 -53.10 25.42
CA GLY D 4 9.58 -54.05 25.36
C GLY D 4 9.38 -55.38 24.63
N ALA D 5 8.51 -55.41 23.64
CA ALA D 5 8.27 -56.64 22.89
C ALA D 5 9.09 -56.73 21.61
N ILE D 6 9.21 -55.60 20.92
CA ILE D 6 9.84 -55.62 19.61
C ILE D 6 11.34 -55.59 19.77
N ALA D 7 11.94 -56.72 19.36
CA ALA D 7 13.35 -57.03 19.51
C ALA D 7 13.73 -56.99 21.00
N GLY D 8 12.75 -57.34 21.83
CA GLY D 8 12.84 -57.42 23.28
C GLY D 8 12.57 -58.86 23.69
N PHE D 9 11.40 -59.13 24.29
CA PHE D 9 11.13 -60.53 24.62
C PHE D 9 11.04 -61.36 23.35
N ILE D 10 10.66 -60.74 22.22
CA ILE D 10 10.60 -61.43 20.94
C ILE D 10 11.93 -61.08 20.29
N GLU D 11 12.71 -62.08 19.88
CA GLU D 11 14.04 -61.82 19.33
C GLU D 11 14.00 -60.99 18.04
N GLY D 12 12.99 -61.18 17.23
CA GLY D 12 12.80 -60.46 15.99
C GLY D 12 11.58 -61.05 15.32
N GLY D 13 11.16 -60.46 14.23
CA GLY D 13 9.98 -60.93 13.55
C GLY D 13 10.19 -62.12 12.63
N TRP D 14 9.07 -62.56 12.13
CA TRP D 14 8.97 -63.71 11.29
C TRP D 14 8.76 -63.39 9.84
N THR D 15 9.73 -63.77 9.02
CA THR D 15 9.65 -63.51 7.60
C THR D 15 8.79 -64.58 6.95
N GLY D 16 8.51 -65.62 7.72
CA GLY D 16 7.69 -66.74 7.31
C GLY D 16 6.21 -66.51 7.59
N MET D 17 5.85 -65.37 8.17
CA MET D 17 4.43 -65.14 8.44
C MET D 17 4.01 -64.11 7.43
N VAL D 18 2.99 -64.42 6.62
CA VAL D 18 2.63 -63.48 5.55
C VAL D 18 1.19 -62.98 5.53
N ASP D 19 0.35 -63.47 6.42
CA ASP D 19 -1.07 -63.15 6.44
C ASP D 19 -1.50 -62.13 7.49
N GLY D 20 -0.57 -61.36 8.03
CA GLY D 20 -0.94 -60.38 9.05
C GLY D 20 0.29 -59.77 9.70
N TRP D 21 0.07 -59.03 10.78
CA TRP D 21 1.15 -58.35 11.49
C TRP D 21 1.47 -59.07 12.76
N TYR D 22 0.46 -59.51 13.46
CA TYR D 22 0.66 -60.17 14.72
C TYR D 22 0.21 -61.57 14.57
N GLY D 23 0.85 -62.48 15.27
CA GLY D 23 0.43 -63.84 15.13
C GLY D 23 1.17 -64.83 15.96
N TYR D 24 0.97 -66.08 15.58
CA TYR D 24 1.47 -67.21 16.28
C TYR D 24 2.28 -68.16 15.42
N HIS D 25 3.17 -68.87 16.05
CA HIS D 25 3.91 -69.96 15.45
C HIS D 25 3.74 -71.16 16.32
N HIS D 26 3.57 -72.33 15.74
CA HIS D 26 3.43 -73.48 16.60
C HIS D 26 4.11 -74.70 16.07
N GLN D 27 4.36 -75.61 16.99
CA GLN D 27 4.86 -76.93 16.65
C GLN D 27 4.33 -78.01 17.58
N ASN D 28 3.83 -79.08 16.99
CA ASN D 28 3.33 -80.25 17.72
C ASN D 28 3.51 -81.48 16.82
N GLU D 29 3.04 -82.64 17.26
CA GLU D 29 3.24 -83.88 16.48
C GLU D 29 2.55 -83.91 15.12
N GLN D 30 1.54 -83.08 14.94
CA GLN D 30 0.78 -83.06 13.70
C GLN D 30 1.30 -82.04 12.69
N GLY D 31 2.33 -81.28 13.05
CA GLY D 31 2.83 -80.27 12.13
C GLY D 31 3.30 -78.98 12.79
N SER D 32 3.63 -78.02 11.96
CA SER D 32 4.12 -76.74 12.44
C SER D 32 3.86 -75.66 11.42
N GLY D 33 3.98 -74.41 11.84
CA GLY D 33 3.84 -73.31 10.90
C GLY D 33 3.47 -72.01 11.55
N TYR D 34 3.18 -71.02 10.71
CA TYR D 34 2.84 -69.69 11.17
C TYR D 34 1.42 -69.38 10.79
N ALA D 35 0.74 -68.60 11.61
CA ALA D 35 -0.59 -68.11 11.28
C ALA D 35 -0.82 -66.77 11.95
N ALA D 36 -1.43 -65.84 11.23
CA ALA D 36 -1.68 -64.54 11.84
C ALA D 36 -2.91 -64.55 12.72
N ASP D 37 -2.89 -63.66 13.68
CA ASP D 37 -4.01 -63.34 14.53
C ASP D 37 -4.79 -62.28 13.82
N GLN D 38 -5.86 -62.68 13.14
CA GLN D 38 -6.57 -61.74 12.30
C GLN D 38 -7.29 -60.67 13.08
N LYS D 39 -7.77 -60.98 14.28
CA LYS D 39 -8.48 -59.96 15.02
C LYS D 39 -7.52 -58.88 15.48
N SER D 40 -6.36 -59.30 16.00
CA SER D 40 -5.39 -58.32 16.48
C SER D 40 -4.86 -57.49 15.33
N THR D 41 -4.53 -58.15 14.21
CA THR D 41 -4.00 -57.43 13.08
C THR D 41 -4.99 -56.47 12.51
N GLN D 42 -6.25 -56.88 12.33
CA GLN D 42 -7.16 -55.95 11.71
C GLN D 42 -7.43 -54.77 12.59
N ASN D 43 -7.47 -54.95 13.91
CA ASN D 43 -7.72 -53.79 14.73
C ASN D 43 -6.54 -52.83 14.65
N ALA D 44 -5.31 -53.37 14.60
CA ALA D 44 -4.14 -52.53 14.48
C ALA D 44 -4.16 -51.75 13.19
N ILE D 45 -4.59 -52.39 12.12
CA ILE D 45 -4.67 -51.74 10.83
C ILE D 45 -5.69 -50.64 10.85
N ASN D 46 -6.87 -50.89 11.40
CA ASN D 46 -7.88 -49.86 11.37
C ASN D 46 -7.44 -48.63 12.16
N GLY D 47 -6.77 -48.84 13.28
CA GLY D 47 -6.30 -47.73 14.09
C GLY D 47 -5.31 -46.88 13.32
N ILE D 48 -4.33 -47.53 12.73
CA ILE D 48 -3.31 -46.83 11.98
C ILE D 48 -3.85 -46.16 10.75
N THR D 49 -4.74 -46.82 10.03
CA THR D 49 -5.32 -46.24 8.85
C THR D 49 -6.03 -44.97 9.23
N ASN D 50 -6.80 -44.98 10.33
CA ASN D 50 -7.49 -43.77 10.74
C ASN D 50 -6.51 -42.68 11.11
N LYS D 51 -5.39 -43.02 11.73
CA LYS D 51 -4.39 -42.04 12.10
C LYS D 51 -3.76 -41.37 10.90
N VAL D 52 -3.40 -42.16 9.89
CA VAL D 52 -2.76 -41.62 8.71
C VAL D 52 -3.74 -40.75 7.96
N ASN D 53 -4.97 -41.23 7.82
CA ASN D 53 -5.93 -40.46 7.11
C ASN D 53 -6.30 -39.22 7.87
N SER D 54 -6.27 -39.24 9.19
CA SER D 54 -6.58 -38.03 9.92
C SER D 54 -5.55 -36.96 9.63
N VAL D 55 -4.28 -37.32 9.61
CA VAL D 55 -3.25 -36.33 9.33
C VAL D 55 -3.41 -35.70 7.96
N ILE D 56 -3.75 -36.52 6.96
CA ILE D 56 -3.95 -36.05 5.59
C ILE D 56 -5.27 -35.32 5.36
N GLU D 57 -6.37 -35.91 5.81
CA GLU D 57 -7.73 -35.41 5.61
C GLU D 57 -8.02 -34.13 6.35
N LYS D 58 -7.34 -33.89 7.47
CA LYS D 58 -7.59 -32.67 8.19
C LYS D 58 -6.87 -31.50 7.58
N MET D 59 -6.03 -31.76 6.57
CA MET D 59 -5.30 -30.70 5.93
C MET D 59 -6.18 -30.13 4.83
N ASN D 60 -6.21 -28.82 4.71
CA ASN D 60 -6.97 -28.22 3.63
C ASN D 60 -6.15 -28.19 2.37
N THR D 61 -6.86 -28.16 1.26
CA THR D 61 -6.26 -28.04 -0.06
C THR D 61 -5.56 -26.71 -0.17
N GLN D 62 -4.40 -26.68 -0.81
CA GLN D 62 -3.76 -25.41 -1.03
C GLN D 62 -4.46 -24.81 -2.23
N PHE D 63 -5.04 -23.65 -2.02
CA PHE D 63 -5.79 -22.98 -3.06
C PHE D 63 -4.88 -22.04 -3.77
N THR D 64 -5.25 -21.68 -4.98
CA THR D 64 -4.40 -20.84 -5.77
C THR D 64 -3.95 -19.62 -5.02
N ALA D 65 -2.65 -19.47 -5.06
CA ALA D 65 -1.94 -18.39 -4.45
C ALA D 65 -0.65 -18.27 -5.18
N VAL D 66 -0.41 -17.08 -5.67
CA VAL D 66 0.77 -16.79 -6.42
C VAL D 66 1.42 -15.56 -5.83
N GLY D 67 2.61 -15.21 -6.29
CA GLY D 67 3.23 -14.03 -5.73
C GLY D 67 2.56 -12.85 -6.38
N LYS D 68 2.97 -11.65 -5.99
CA LYS D 68 2.36 -10.44 -6.51
C LYS D 68 3.45 -9.55 -7.01
N GLU D 69 3.17 -8.83 -8.07
CA GLU D 69 4.12 -7.88 -8.57
C GLU D 69 4.02 -6.60 -7.78
N PHE D 70 5.17 -6.00 -7.53
CA PHE D 70 5.25 -4.71 -6.88
C PHE D 70 6.18 -3.85 -7.71
N ASN D 71 5.98 -2.55 -7.69
CA ASN D 71 6.86 -1.70 -8.44
C ASN D 71 8.05 -1.30 -7.58
N LYS D 72 8.94 -0.49 -8.09
CA LYS D 72 10.15 -0.16 -7.36
C LYS D 72 9.96 0.69 -6.12
N LEU D 73 8.80 1.32 -5.99
CA LEU D 73 8.51 2.14 -4.83
C LEU D 73 7.58 1.46 -3.87
N GLU D 74 7.40 0.16 -4.06
CA GLU D 74 6.56 -0.63 -3.21
C GLU D 74 7.34 -1.71 -2.49
N ARG D 75 8.61 -1.45 -2.17
CA ARG D 75 9.46 -2.44 -1.53
C ARG D 75 8.96 -2.76 -0.15
N ARG D 76 8.39 -1.80 0.56
CA ARG D 76 7.91 -2.16 1.88
C ARG D 76 6.79 -3.20 1.79
N MET D 77 5.95 -3.10 0.74
CA MET D 77 4.85 -4.03 0.61
C MET D 77 5.34 -5.35 0.08
N GLU D 78 6.36 -5.32 -0.76
CA GLU D 78 6.92 -6.55 -1.28
C GLU D 78 7.52 -7.33 -0.15
N ASN D 79 8.21 -6.64 0.75
CA ASN D 79 8.83 -7.28 1.88
C ASN D 79 7.78 -7.80 2.85
N LEU D 80 6.63 -7.13 2.97
CA LEU D 80 5.57 -7.65 3.83
C LEU D 80 5.00 -8.90 3.21
N ASN D 81 4.78 -8.90 1.91
CA ASN D 81 4.24 -10.06 1.23
C ASN D 81 5.16 -11.25 1.45
N LYS D 82 6.47 -11.02 1.31
CA LYS D 82 7.43 -12.09 1.52
C LYS D 82 7.41 -12.55 2.96
N LYS D 83 7.36 -11.64 3.91
CA LYS D 83 7.34 -12.02 5.31
C LYS D 83 6.20 -12.95 5.62
N VAL D 84 5.04 -12.68 5.04
CA VAL D 84 3.88 -13.51 5.27
C VAL D 84 4.13 -14.90 4.70
N ASP D 85 4.67 -15.00 3.49
CA ASP D 85 4.94 -16.31 2.92
C ASP D 85 6.00 -17.09 3.66
N ASP D 86 7.05 -16.42 4.13
CA ASP D 86 8.10 -17.13 4.82
C ASP D 86 7.63 -17.58 6.17
N GLY D 87 6.82 -16.77 6.84
CA GLY D 87 6.31 -17.13 8.14
C GLY D 87 5.41 -18.34 8.03
N PHE D 88 4.53 -18.37 7.03
CA PHE D 88 3.65 -19.52 6.91
C PHE D 88 4.43 -20.75 6.54
N LEU D 89 5.45 -20.62 5.71
CA LEU D 89 6.25 -21.76 5.33
C LEU D 89 6.99 -22.33 6.53
N ASP D 90 7.54 -21.47 7.37
CA ASP D 90 8.26 -21.90 8.55
C ASP D 90 7.34 -22.60 9.54
N ILE D 91 6.12 -22.10 9.70
CA ILE D 91 5.19 -22.74 10.60
C ILE D 91 4.78 -24.10 10.11
N TRP D 92 4.44 -24.21 8.83
CA TRP D 92 4.01 -25.50 8.34
C TRP D 92 5.13 -26.50 8.21
N THR D 93 6.35 -26.07 7.91
CA THR D 93 7.43 -27.03 7.82
C THR D 93 7.72 -27.58 9.21
N TYR D 94 7.80 -26.70 10.21
CA TYR D 94 8.12 -27.15 11.56
C TYR D 94 7.05 -28.10 12.03
N ASN D 95 5.78 -27.74 11.85
CA ASN D 95 4.74 -28.59 12.31
C ASN D 95 4.66 -29.89 11.56
N ALA D 96 4.87 -29.89 10.25
CA ALA D 96 4.77 -31.12 9.50
C ALA D 96 5.85 -32.10 9.89
N GLU D 97 7.07 -31.62 10.10
CA GLU D 97 8.12 -32.55 10.43
C GLU D 97 8.00 -33.04 11.83
N LEU D 98 7.66 -32.16 12.75
CA LEU D 98 7.59 -32.57 14.12
C LEU D 98 6.41 -33.49 14.33
N LEU D 99 5.28 -33.23 13.68
CA LEU D 99 4.13 -34.10 13.80
C LEU D 99 4.46 -35.49 13.34
N VAL D 100 5.11 -35.63 12.20
CA VAL D 100 5.42 -36.94 11.72
C VAL D 100 6.35 -37.65 12.68
N LEU D 101 7.36 -36.96 13.23
CA LEU D 101 8.25 -37.65 14.14
C LEU D 101 7.54 -38.12 15.40
N LEU D 102 6.66 -37.29 15.93
CA LEU D 102 5.96 -37.65 17.14
C LEU D 102 5.01 -38.82 16.90
N GLU D 103 4.32 -38.82 15.77
CA GLU D 103 3.42 -39.89 15.45
C GLU D 103 4.13 -41.18 15.08
N ASN D 104 5.30 -41.11 14.45
CA ASN D 104 5.99 -42.35 14.15
C ASN D 104 6.42 -43.03 15.44
N GLU D 105 6.79 -42.24 16.44
CA GLU D 105 7.19 -42.86 17.70
C GLU D 105 6.00 -43.53 18.34
N ARG D 106 4.84 -42.87 18.30
CA ARG D 106 3.66 -43.44 18.93
C ARG D 106 3.19 -44.70 18.21
N THR D 107 3.32 -44.74 16.89
CA THR D 107 2.92 -45.93 16.12
C THR D 107 3.75 -47.11 16.53
N LEU D 108 5.04 -46.91 16.70
CA LEU D 108 5.86 -48.04 17.08
C LEU D 108 5.50 -48.52 18.50
N ASP D 109 5.14 -47.61 19.44
CA ASP D 109 4.69 -48.05 20.77
C ASP D 109 3.36 -48.77 20.71
N PHE D 110 2.49 -48.36 19.79
CA PHE D 110 1.20 -48.97 19.57
C PHE D 110 1.41 -50.44 19.22
N HIS D 111 2.30 -50.68 18.27
CA HIS D 111 2.60 -52.03 17.84
C HIS D 111 3.29 -52.84 18.91
N ASP D 112 4.16 -52.20 19.68
CA ASP D 112 4.89 -52.90 20.72
C ASP D 112 3.91 -53.39 21.79
N SER D 113 2.92 -52.57 22.14
CA SER D 113 1.92 -53.01 23.07
C SER D 113 1.04 -54.11 22.50
N ASN D 114 0.61 -53.98 21.25
CA ASN D 114 -0.29 -54.98 20.71
C ASN D 114 0.31 -56.37 20.70
N VAL D 115 1.60 -56.52 20.40
CA VAL D 115 2.14 -57.86 20.42
C VAL D 115 2.34 -58.32 21.86
N LYS D 116 2.72 -57.40 22.77
CA LYS D 116 2.87 -57.79 24.16
C LYS D 116 1.56 -58.24 24.77
N ASN D 117 0.45 -57.59 24.40
CA ASN D 117 -0.84 -57.95 24.93
C ASN D 117 -1.27 -59.32 24.43
N LEU D 118 -0.86 -59.66 23.21
CA LEU D 118 -1.19 -60.96 22.67
C LEU D 118 -0.44 -62.01 23.49
N TYR D 119 0.80 -61.71 23.82
CA TYR D 119 1.61 -62.60 24.65
C TYR D 119 0.96 -62.85 25.99
N GLU D 120 0.50 -61.78 26.63
CA GLU D 120 -0.14 -61.93 27.94
C GLU D 120 -1.45 -62.70 27.83
N LYS D 121 -2.21 -62.50 26.75
CA LYS D 121 -3.45 -63.25 26.58
C LYS D 121 -3.18 -64.73 26.68
N VAL D 122 -2.14 -65.19 25.97
CA VAL D 122 -1.84 -66.60 26.05
C VAL D 122 -1.33 -66.98 27.42
N LYS D 123 -0.45 -66.19 28.04
CA LYS D 123 0.02 -66.56 29.36
C LYS D 123 -1.12 -66.81 30.33
N SER D 124 -2.16 -65.96 30.28
CA SER D 124 -3.32 -66.06 31.14
C SER D 124 -4.17 -67.30 30.83
N GLN D 125 -4.17 -67.75 29.58
CA GLN D 125 -4.90 -68.95 29.18
C GLN D 125 -4.19 -70.21 29.68
N LEU D 126 -2.87 -70.22 29.54
CA LEU D 126 -2.13 -71.43 29.86
C LEU D 126 -1.83 -71.62 31.32
N LYS D 127 -1.67 -70.54 32.09
CA LYS D 127 -1.40 -70.66 33.51
C LYS D 127 -0.25 -71.62 33.80
N ASN D 128 -0.53 -72.72 34.50
CA ASN D 128 0.51 -73.67 34.90
C ASN D 128 0.67 -74.85 33.94
N ASN D 129 0.02 -74.81 32.79
CA ASN D 129 0.12 -75.90 31.84
C ASN D 129 1.23 -75.71 30.81
N ALA D 130 1.99 -74.63 30.94
CA ALA D 130 3.11 -74.33 30.07
C ALA D 130 4.09 -73.42 30.78
N LYS D 131 5.35 -73.44 30.36
CA LYS D 131 6.31 -72.51 30.96
C LYS D 131 6.79 -71.46 29.99
N GLU D 132 7.16 -70.30 30.53
CA GLU D 132 7.72 -69.26 29.70
C GLU D 132 9.18 -69.54 29.43
N ILE D 133 9.55 -69.39 28.18
CA ILE D 133 10.91 -69.53 27.72
C ILE D 133 11.21 -68.24 26.97
N GLY D 134 12.44 -68.02 26.52
CA GLY D 134 12.73 -66.77 25.84
C GLY D 134 12.12 -66.76 24.44
N ASN D 135 12.28 -65.64 23.74
CA ASN D 135 11.69 -65.42 22.43
C ASN D 135 10.17 -65.44 22.43
N GLY D 136 9.52 -65.09 23.53
CA GLY D 136 8.06 -65.02 23.48
C GLY D 136 7.33 -66.35 23.31
N CYS D 137 7.89 -67.48 23.78
CA CYS D 137 7.32 -68.81 23.59
C CYS D 137 6.87 -69.47 24.88
N PHE D 138 5.82 -70.27 24.74
CA PHE D 138 5.29 -71.07 25.82
C PHE D 138 5.48 -72.53 25.50
N GLU D 139 6.21 -73.21 26.36
CA GLU D 139 6.49 -74.62 26.16
C GLU D 139 5.50 -75.42 26.99
N PHE D 140 4.70 -76.25 26.33
CA PHE D 140 3.62 -76.95 27.00
C PHE D 140 4.12 -78.11 27.83
N TYR D 141 3.39 -78.39 28.89
CA TYR D 141 3.68 -79.53 29.74
C TYR D 141 2.77 -80.71 29.46
N HIS D 142 2.00 -80.63 28.41
CA HIS D 142 1.06 -81.67 28.02
C HIS D 142 1.01 -81.72 26.53
N LYS D 143 0.58 -82.85 25.98
CA LYS D 143 0.44 -82.90 24.53
C LYS D 143 -0.65 -81.90 24.11
N CYS D 144 -0.35 -81.04 23.11
CA CYS D 144 -1.25 -80.01 22.58
C CYS D 144 -1.32 -80.16 21.06
N ASN D 145 -2.38 -80.82 20.62
CA ASN D 145 -2.61 -81.17 19.23
C ASN D 145 -3.16 -79.99 18.46
N ASN D 146 -3.51 -80.16 17.19
CA ASN D 146 -3.95 -79.00 16.45
C ASN D 146 -5.23 -78.39 17.00
N GLU D 147 -6.14 -79.20 17.53
CA GLU D 147 -7.38 -78.65 18.09
C GLU D 147 -7.09 -77.73 19.30
N CYS D 148 -6.12 -78.14 20.17
CA CYS D 148 -5.59 -77.41 21.32
C CYS D 148 -4.97 -76.10 20.85
N MET D 149 -4.12 -76.16 19.82
CA MET D 149 -3.49 -74.93 19.41
C MET D 149 -4.55 -73.92 18.95
N GLU D 150 -5.61 -74.38 18.27
CA GLU D 150 -6.63 -73.44 17.84
C GLU D 150 -7.37 -72.88 19.05
N SER D 151 -7.61 -73.73 20.05
CA SER D 151 -8.29 -73.34 21.27
C SER D 151 -7.50 -72.28 22.03
N VAL D 152 -6.17 -72.43 22.10
CA VAL D 152 -5.37 -71.45 22.81
C VAL D 152 -5.41 -70.12 22.07
N LYS D 153 -5.25 -70.16 20.74
CA LYS D 153 -5.26 -68.95 19.93
C LYS D 153 -6.58 -68.19 20.01
N ASN D 154 -7.68 -68.94 20.12
CA ASN D 154 -9.01 -68.35 20.18
C ASN D 154 -9.42 -67.89 21.57
N GLY D 155 -8.59 -68.12 22.57
CA GLY D 155 -8.93 -67.73 23.93
C GLY D 155 -9.95 -68.66 24.61
N THR D 156 -10.03 -69.92 24.18
CA THR D 156 -10.98 -70.88 24.69
C THR D 156 -10.31 -72.09 25.35
N TYR D 157 -9.06 -71.96 25.76
CA TYR D 157 -8.34 -73.10 26.31
C TYR D 157 -8.96 -73.58 27.61
N ASP D 158 -9.25 -74.87 27.67
CA ASP D 158 -9.90 -75.43 28.85
C ASP D 158 -8.86 -75.82 29.88
N TYR D 159 -8.29 -74.85 30.56
CA TYR D 159 -7.18 -75.10 31.47
C TYR D 159 -7.22 -76.35 32.34
N PRO D 160 -8.24 -76.63 33.18
CA PRO D 160 -8.21 -77.74 34.12
C PRO D 160 -8.16 -79.10 33.43
N LYS D 161 -8.57 -79.14 32.16
CA LYS D 161 -8.62 -80.36 31.38
C LYS D 161 -7.28 -81.00 31.21
N TYR D 162 -6.24 -80.17 31.22
CA TYR D 162 -4.92 -80.64 30.96
C TYR D 162 -4.08 -80.59 32.22
N SER D 163 -4.70 -80.29 33.37
CA SER D 163 -3.90 -80.09 34.56
C SER D 163 -3.34 -81.36 35.15
N GLU D 164 -3.98 -82.51 34.95
CA GLU D 164 -3.39 -83.69 35.57
C GLU D 164 -2.16 -84.09 34.79
N GLU D 165 -2.24 -83.97 33.46
CA GLU D 165 -1.12 -84.35 32.65
C GLU D 165 0.05 -83.45 32.92
N SER D 166 -0.19 -82.12 33.01
CA SER D 166 0.92 -81.24 33.23
C SER D 166 1.52 -81.43 34.61
N LYS D 167 0.70 -81.70 35.63
CA LYS D 167 1.28 -81.92 36.95
C LYS D 167 2.27 -83.07 36.94
N LEU D 168 1.93 -84.13 36.20
CA LEU D 168 2.84 -85.26 36.14
C LEU D 168 4.10 -84.94 35.33
N ASN D 169 3.93 -84.25 34.20
CA ASN D 169 5.07 -83.93 33.33
C ASN D 169 6.01 -82.91 33.93
N ARG D 170 5.50 -82.06 34.80
CA ARG D 170 6.29 -81.06 35.51
C ARG D 170 7.25 -81.62 36.60
N GLU D 171 7.06 -82.89 37.06
CA GLU D 171 7.83 -83.58 38.12
C GLU D 171 8.01 -82.75 39.44
N GLN E 1 10.49 28.38 -55.30
CA GLN E 1 10.13 27.04 -54.89
C GLN E 1 11.44 26.28 -54.58
N VAL E 2 11.31 25.00 -54.17
CA VAL E 2 12.42 24.06 -53.90
C VAL E 2 12.66 23.22 -55.14
N GLN E 3 13.90 23.07 -55.59
CA GLN E 3 14.09 22.33 -56.81
C GLN E 3 14.85 21.03 -56.64
N LEU E 4 14.23 19.94 -57.06
CA LEU E 4 14.92 18.68 -57.04
C LEU E 4 15.62 18.55 -58.38
N VAL E 5 16.89 18.15 -58.35
CA VAL E 5 17.64 18.09 -59.58
C VAL E 5 18.10 16.70 -59.94
N GLN E 6 17.62 16.21 -61.07
CA GLN E 6 17.94 14.87 -61.50
C GLN E 6 18.96 14.81 -62.59
N SER E 7 19.53 13.63 -62.73
CA SER E 7 20.44 13.32 -63.80
C SER E 7 19.67 13.33 -65.11
N GLY E 8 20.39 13.32 -66.22
CA GLY E 8 19.75 13.37 -67.53
C GLY E 8 19.43 12.02 -68.10
N ALA E 9 19.14 12.00 -69.38
CA ALA E 9 18.77 10.77 -70.03
C ALA E 9 19.96 9.84 -70.15
N GLN E 10 19.69 8.55 -70.06
CA GLN E 10 20.72 7.53 -70.23
C GLN E 10 20.21 6.26 -70.92
N LEU E 11 21.12 5.61 -71.65
CA LEU E 11 20.83 4.35 -72.33
C LEU E 11 21.52 3.17 -71.68
N ARG E 12 20.74 2.15 -71.37
CA ARG E 12 21.25 0.95 -70.73
C ARG E 12 20.82 -0.29 -71.50
N LYS E 13 21.64 -1.34 -71.46
CA LYS E 13 21.27 -2.58 -72.14
C LYS E 13 20.54 -3.54 -71.21
N PRO E 14 19.69 -4.43 -71.71
CA PRO E 14 19.02 -5.42 -70.90
C PRO E 14 20.03 -6.23 -70.09
N GLY E 15 19.69 -6.43 -68.83
CA GLY E 15 20.49 -7.15 -67.84
C GLY E 15 21.36 -6.25 -66.97
N SER E 16 21.57 -5.00 -67.39
CA SER E 16 22.39 -4.05 -66.63
C SER E 16 21.54 -3.32 -65.62
N SER E 17 22.16 -2.50 -64.77
CA SER E 17 21.41 -1.68 -63.83
C SER E 17 21.52 -0.21 -64.20
N VAL E 18 20.57 0.59 -63.74
CA VAL E 18 20.62 2.03 -63.96
C VAL E 18 20.60 2.78 -62.66
N THR E 19 21.45 3.79 -62.54
CA THR E 19 21.41 4.62 -61.34
C THR E 19 20.92 5.99 -61.75
N VAL E 20 19.90 6.47 -61.03
CA VAL E 20 19.33 7.77 -61.25
C VAL E 20 19.52 8.58 -59.97
N SER E 21 20.16 9.74 -60.07
CA SER E 21 20.37 10.57 -58.88
C SER E 21 19.32 11.70 -58.80
N CYS E 22 19.14 12.27 -57.58
CA CYS E 22 18.29 13.41 -57.27
C CYS E 22 18.90 14.27 -56.15
N LYS E 23 19.41 15.44 -56.53
CA LYS E 23 20.05 16.33 -55.60
C LYS E 23 19.06 17.34 -55.05
N ALA E 24 19.19 17.64 -53.77
CA ALA E 24 18.34 18.60 -53.11
C ALA E 24 18.91 20.04 -53.17
N SER E 25 18.26 20.95 -53.93
CA SER E 25 18.75 22.31 -54.12
C SER E 25 17.72 23.37 -53.69
N GLY E 26 18.04 24.07 -52.61
CA GLY E 26 17.12 25.04 -52.02
C GLY E 26 16.20 24.34 -51.02
N ASP E 27 16.44 23.06 -50.83
CA ASP E 27 15.65 22.20 -49.95
C ASP E 27 15.98 22.24 -48.50
N THR E 28 17.26 22.44 -48.18
CA THR E 28 17.76 22.26 -46.83
C THR E 28 17.62 20.78 -46.61
N PHE E 29 18.61 19.99 -47.01
CA PHE E 29 18.43 18.54 -46.90
C PHE E 29 18.17 18.39 -45.41
N ASN E 30 17.05 17.77 -45.10
CA ASN E 30 16.50 17.71 -43.76
C ASN E 30 15.54 16.57 -43.67
N SER E 31 14.90 16.47 -42.54
CA SER E 31 14.00 15.41 -42.20
C SER E 31 12.69 15.38 -43.00
N TYR E 32 12.82 15.00 -44.28
CA TYR E 32 11.70 14.85 -45.20
C TYR E 32 12.00 13.66 -46.10
N SER E 33 10.96 13.02 -46.65
CA SER E 33 11.22 11.90 -47.54
C SER E 33 11.34 12.28 -49.02
N ILE E 34 12.07 11.43 -49.75
CA ILE E 34 12.24 11.49 -51.19
C ILE E 34 11.71 10.20 -51.80
N HIS E 35 10.81 10.35 -52.76
CA HIS E 35 10.14 9.24 -53.40
C HIS E 35 10.49 9.12 -54.86
N TRP E 36 10.51 7.90 -55.33
CA TRP E 36 10.73 7.63 -56.73
C TRP E 36 9.44 7.14 -57.37
N VAL E 37 9.09 7.80 -58.47
CA VAL E 37 7.90 7.57 -59.29
C VAL E 37 8.29 7.34 -60.75
N ARG E 38 7.80 6.28 -61.35
CA ARG E 38 8.12 5.97 -62.73
C ARG E 38 6.95 6.20 -63.68
N GLN E 39 7.24 6.67 -64.90
CA GLN E 39 6.18 6.80 -65.90
C GLN E 39 6.61 6.35 -67.29
N ALA E 40 6.17 5.15 -67.69
CA ALA E 40 6.53 4.61 -68.99
C ALA E 40 5.89 5.49 -70.04
N PRO E 41 6.43 5.65 -71.26
CA PRO E 41 5.83 6.48 -72.26
C PRO E 41 4.41 6.04 -72.52
N GLY E 42 3.48 6.99 -72.51
CA GLY E 42 2.08 6.73 -72.78
C GLY E 42 1.29 6.20 -71.57
N GLN E 43 1.97 6.02 -70.44
CA GLN E 43 1.35 5.46 -69.25
C GLN E 43 1.16 6.46 -68.13
N GLY E 44 0.55 6.01 -67.04
CA GLY E 44 0.30 6.83 -65.87
C GLY E 44 1.46 6.69 -64.89
N LEU E 45 1.26 7.11 -63.65
CA LEU E 45 2.34 7.11 -62.68
C LEU E 45 2.37 5.85 -61.83
N GLU E 46 3.58 5.35 -61.53
CA GLU E 46 3.76 4.19 -60.68
C GLU E 46 4.75 4.51 -59.56
N TRP E 47 4.42 4.19 -58.32
CA TRP E 47 5.35 4.49 -57.23
C TRP E 47 6.33 3.32 -57.12
N MET E 48 7.62 3.61 -56.97
CA MET E 48 8.59 2.54 -56.88
C MET E 48 9.09 2.34 -55.46
N GLY E 49 9.26 3.44 -54.74
CA GLY E 49 9.81 3.36 -53.40
C GLY E 49 10.19 4.72 -52.82
N ARG E 50 10.58 4.72 -51.56
CA ARG E 50 10.95 5.94 -50.86
C ARG E 50 12.08 5.78 -49.86
N ILE E 51 12.74 6.90 -49.57
CA ILE E 51 13.75 6.98 -48.51
C ILE E 51 13.56 8.18 -47.60
N ILE E 52 13.86 7.98 -46.32
CA ILE E 52 13.91 9.07 -45.36
C ILE E 52 15.36 9.16 -44.90
N PRO E 53 16.19 10.04 -45.48
CA PRO E 53 17.62 10.17 -45.27
C PRO E 53 18.04 10.43 -43.83
N VAL E 54 17.17 10.97 -42.99
CA VAL E 54 17.59 11.22 -41.63
C VAL E 54 17.50 9.98 -40.75
N PHE E 55 16.74 8.97 -41.18
CA PHE E 55 16.69 7.75 -40.40
C PHE E 55 17.39 6.65 -41.17
N GLY E 56 17.55 6.84 -42.48
CA GLY E 56 18.17 5.83 -43.32
C GLY E 56 17.19 4.72 -43.62
N MET E 57 15.90 5.04 -43.61
CA MET E 57 14.91 4.00 -43.84
C MET E 57 14.33 4.06 -45.21
N THR E 58 14.11 2.89 -45.79
CA THR E 58 13.50 2.82 -47.09
C THR E 58 12.31 1.89 -47.09
N HIS E 59 11.50 2.02 -48.13
CA HIS E 59 10.33 1.19 -48.32
C HIS E 59 10.08 1.06 -49.82
N TYR E 60 9.75 -0.14 -50.27
CA TYR E 60 9.58 -0.34 -51.71
C TYR E 60 8.28 -1.00 -52.11
N ALA E 61 7.84 -0.69 -53.31
CA ALA E 61 6.68 -1.32 -53.88
C ALA E 61 6.99 -2.79 -54.12
N GLN E 62 6.00 -3.64 -53.96
CA GLN E 62 6.17 -5.08 -54.10
C GLN E 62 6.72 -5.50 -55.46
N ARG E 63 6.39 -4.77 -56.51
CA ARG E 63 6.83 -5.06 -57.86
C ARG E 63 8.32 -4.87 -58.09
N PHE E 64 8.96 -4.06 -57.25
CA PHE E 64 10.37 -3.79 -57.44
C PHE E 64 11.21 -4.43 -56.37
N ARG E 65 10.61 -4.94 -55.31
CA ARG E 65 11.46 -5.52 -54.27
C ARG E 65 12.33 -6.60 -54.88
N GLY E 66 13.62 -6.53 -54.56
CA GLY E 66 14.64 -7.45 -55.06
C GLY E 66 15.41 -6.86 -56.25
N ARG E 67 14.85 -5.83 -56.88
CA ARG E 67 15.44 -5.14 -58.02
C ARG E 67 15.82 -3.70 -57.68
N ILE E 68 15.12 -3.09 -56.73
CA ILE E 68 15.35 -1.69 -56.40
C ILE E 68 16.10 -1.45 -55.09
N THR E 69 17.07 -0.57 -55.19
CA THR E 69 17.83 -0.11 -54.04
C THR E 69 17.77 1.41 -53.97
N VAL E 70 17.44 1.94 -52.81
CA VAL E 70 17.43 3.38 -52.63
C VAL E 70 18.32 3.72 -51.47
N SER E 71 19.14 4.74 -51.65
CA SER E 71 20.08 5.17 -50.64
C SER E 71 20.28 6.67 -50.73
N ALA E 72 20.91 7.25 -49.73
CA ALA E 72 21.18 8.68 -49.77
C ALA E 72 22.44 8.97 -49.00
N ASP E 73 23.09 10.07 -49.37
CA ASP E 73 24.28 10.53 -48.68
C ASP E 73 24.15 12.02 -48.45
N LYS E 74 23.90 12.36 -47.20
CA LYS E 74 23.62 13.74 -46.82
C LYS E 74 24.79 14.67 -47.08
N SER E 75 26.02 14.16 -47.22
CA SER E 75 27.15 15.06 -47.41
C SER E 75 27.12 15.79 -48.75
N THR E 76 26.35 15.26 -49.72
CA THR E 76 26.21 15.86 -51.03
C THR E 76 24.75 16.22 -51.27
N ARG E 77 23.94 16.07 -50.21
CA ARG E 77 22.49 16.26 -50.23
C ARG E 77 21.85 15.50 -51.38
N THR E 78 22.28 14.26 -51.61
CA THR E 78 21.75 13.53 -52.76
C THR E 78 21.19 12.15 -52.48
N ALA E 79 20.03 11.91 -53.09
CA ALA E 79 19.37 10.61 -53.05
C ALA E 79 19.66 9.87 -54.34
N TYR E 80 19.79 8.56 -54.25
CA TYR E 80 20.04 7.74 -55.41
C TYR E 80 19.08 6.57 -55.47
N MET E 81 18.71 6.20 -56.68
CA MET E 81 17.93 4.99 -56.87
C MET E 81 18.60 4.14 -57.91
N GLU E 82 18.67 2.84 -57.65
CA GLU E 82 19.22 1.91 -58.61
C GLU E 82 18.24 0.81 -58.92
N LEU E 83 18.02 0.57 -60.20
CA LEU E 83 17.13 -0.51 -60.60
C LEU E 83 17.97 -1.52 -61.38
N THR E 84 17.98 -2.78 -60.92
CA THR E 84 18.79 -3.82 -61.53
C THR E 84 17.99 -4.72 -62.46
N SER E 85 18.73 -5.55 -63.24
CA SER E 85 18.17 -6.52 -64.16
C SER E 85 17.13 -5.90 -65.09
N LEU E 86 17.54 -4.81 -65.75
CA LEU E 86 16.67 -4.06 -66.64
C LEU E 86 16.24 -4.80 -67.87
N THR E 87 15.02 -4.51 -68.28
CA THR E 87 14.43 -5.00 -69.51
C THR E 87 13.82 -3.86 -70.31
N SER E 88 13.32 -4.14 -71.51
CA SER E 88 12.76 -3.08 -72.36
C SER E 88 11.50 -2.45 -71.78
N ALA E 89 10.83 -3.19 -70.90
CA ALA E 89 9.61 -2.74 -70.23
C ALA E 89 9.90 -1.70 -69.18
N ASP E 90 11.18 -1.49 -68.86
CA ASP E 90 11.56 -0.53 -67.85
C ASP E 90 11.86 0.81 -68.49
N THR E 91 11.65 0.95 -69.80
CA THR E 91 11.86 2.27 -70.37
C THR E 91 10.83 3.16 -69.74
N ALA E 92 11.28 4.26 -69.16
CA ALA E 92 10.37 5.16 -68.50
C ALA E 92 11.03 6.44 -68.11
N MET E 93 10.22 7.43 -67.81
CA MET E 93 10.76 8.63 -67.23
C MET E 93 10.83 8.35 -65.73
N TYR E 94 11.98 8.62 -65.11
CA TYR E 94 12.10 8.38 -63.69
C TYR E 94 12.14 9.68 -62.91
N TYR E 95 11.12 9.92 -62.11
CA TYR E 95 11.02 11.17 -61.40
C TYR E 95 11.33 10.97 -59.93
N CYS E 96 11.97 11.97 -59.30
CA CYS E 96 12.13 12.02 -57.85
C CYS E 96 11.12 13.04 -57.36
N ALA E 97 10.62 12.84 -56.16
CA ALA E 97 9.70 13.80 -55.59
C ALA E 97 9.86 13.95 -54.09
N ARG E 98 9.57 15.14 -53.63
CA ARG E 98 9.62 15.50 -52.23
C ARG E 98 8.25 15.65 -51.64
N ASP E 99 8.06 15.03 -50.48
CA ASP E 99 6.77 15.11 -49.82
C ASP E 99 6.67 16.41 -49.01
N GLY E 100 5.54 16.65 -48.37
CA GLY E 100 5.33 17.85 -47.59
C GLY E 100 4.36 17.53 -46.50
N GLY E 101 3.89 16.29 -46.56
CA GLY E 101 2.94 15.77 -45.57
C GLY E 101 3.61 15.00 -44.44
N ASP E 102 4.93 14.97 -44.41
CA ASP E 102 5.65 14.21 -43.40
C ASP E 102 6.28 15.09 -42.33
N LYS E 103 7.26 15.91 -42.66
CA LYS E 103 7.91 16.77 -41.68
C LYS E 103 8.37 15.99 -40.47
N PHE E 104 9.43 15.22 -40.64
CA PHE E 104 9.94 14.34 -39.61
C PHE E 104 10.79 15.16 -38.65
N HIS E 105 10.91 14.69 -37.42
CA HIS E 105 11.73 15.38 -36.46
C HIS E 105 12.98 14.57 -36.23
N SER E 106 14.08 15.23 -35.87
CA SER E 106 15.33 14.54 -35.59
C SER E 106 15.40 14.00 -34.16
N SER E 107 14.48 13.11 -33.87
CA SER E 107 14.31 12.44 -32.59
C SER E 107 13.92 11.01 -32.89
N GLY E 108 12.62 10.71 -32.87
CA GLY E 108 12.14 9.39 -33.24
C GLY E 108 11.34 9.44 -34.55
N HIS E 109 10.75 8.33 -34.93
CA HIS E 109 10.00 8.26 -36.18
C HIS E 109 8.50 8.12 -36.04
N PHE E 110 7.79 9.02 -36.70
CA PHE E 110 6.35 9.04 -36.74
C PHE E 110 5.85 9.45 -38.11
N GLU E 111 4.87 8.72 -38.62
CA GLU E 111 4.26 8.99 -39.92
C GLU E 111 2.77 8.97 -39.81
N THR E 112 2.11 9.68 -40.70
CA THR E 112 0.66 9.58 -40.78
C THR E 112 0.28 8.77 -41.99
N ASN E 113 1.28 8.30 -42.72
CA ASN E 113 1.11 7.52 -43.94
C ASN E 113 0.29 8.26 -44.97
N GLN E 114 0.43 9.58 -44.99
CA GLN E 114 -0.29 10.41 -45.94
C GLN E 114 0.68 11.40 -46.45
N GLY E 115 0.49 11.81 -47.67
CA GLY E 115 1.39 12.78 -48.22
C GLY E 115 1.06 13.07 -49.65
N TYR E 116 1.87 13.90 -50.21
CA TYR E 116 1.74 14.38 -51.55
C TYR E 116 3.04 14.86 -52.06
N PHE E 117 3.19 14.91 -53.35
CA PHE E 117 4.41 15.38 -53.88
C PHE E 117 4.34 16.84 -54.18
N ASP E 118 4.97 17.58 -53.28
CA ASP E 118 4.98 19.02 -53.22
C ASP E 118 5.92 19.54 -54.28
N HIS E 119 7.04 18.85 -54.44
CA HIS E 119 8.04 19.23 -55.44
C HIS E 119 8.50 18.02 -56.22
N TRP E 120 8.71 18.21 -57.51
CA TRP E 120 9.16 17.15 -58.40
C TRP E 120 10.44 17.53 -59.12
N GLY E 121 11.27 16.54 -59.43
CA GLY E 121 12.43 16.78 -60.24
C GLY E 121 11.95 16.84 -61.68
N GLN E 122 12.84 17.10 -62.63
CA GLN E 122 12.40 17.22 -64.00
C GLN E 122 12.14 15.88 -64.69
N GLY E 123 12.70 14.81 -64.15
CA GLY E 123 12.58 13.48 -64.73
C GLY E 123 13.80 13.07 -65.54
N ALA E 124 14.37 11.92 -65.19
CA ALA E 124 15.53 11.38 -65.88
C ALA E 124 15.07 10.27 -66.81
N LEU E 125 15.23 10.43 -68.11
CA LEU E 125 14.73 9.38 -68.99
C LEU E 125 15.67 8.21 -69.13
N VAL E 126 15.16 7.02 -68.89
CA VAL E 126 16.00 5.85 -69.03
C VAL E 126 15.44 4.97 -70.12
N THR E 127 16.27 4.68 -71.09
CA THR E 127 15.88 3.83 -72.21
C THR E 127 16.60 2.52 -72.14
N VAL E 128 15.85 1.43 -72.27
CA VAL E 128 16.51 0.15 -72.23
C VAL E 128 16.33 -0.54 -73.57
N SER E 129 17.45 -0.84 -74.21
CA SER E 129 17.45 -1.45 -75.54
C SER E 129 18.81 -2.11 -75.82
N SER E 130 18.90 -2.94 -76.88
CA SER E 130 20.12 -3.64 -77.33
C SER E 130 21.16 -2.69 -77.99
N GLN F 1 -0.84 -0.75 -57.58
CA GLN F 1 -0.32 0.55 -57.98
C GLN F 1 -1.38 1.39 -58.69
N SER F 2 -1.78 1.04 -59.94
CA SER F 2 -2.80 1.75 -60.74
C SER F 2 -4.15 1.19 -60.35
N VAL F 3 -4.49 1.44 -59.09
CA VAL F 3 -5.67 0.88 -58.49
C VAL F 3 -6.77 1.86 -58.18
N LEU F 4 -6.54 3.16 -58.32
CA LEU F 4 -7.65 4.04 -58.06
C LEU F 4 -8.30 4.30 -59.41
N THR F 5 -9.51 3.83 -59.57
CA THR F 5 -10.12 3.91 -60.88
C THR F 5 -10.57 5.30 -61.20
N GLN F 6 -10.20 5.76 -62.38
CA GLN F 6 -10.56 7.06 -62.88
C GLN F 6 -11.17 6.82 -64.25
N PRO F 7 -12.06 7.68 -64.76
CA PRO F 7 -12.58 7.56 -66.10
C PRO F 7 -11.41 7.87 -67.01
N PRO F 8 -11.26 7.23 -68.17
CA PRO F 8 -10.19 7.53 -69.09
C PRO F 8 -10.31 8.91 -69.71
N SER F 9 -11.53 9.46 -69.74
CA SER F 9 -11.76 10.75 -70.33
C SER F 9 -12.99 11.45 -69.78
N VAL F 10 -12.83 12.74 -69.56
CA VAL F 10 -13.82 13.69 -69.09
C VAL F 10 -13.82 14.89 -70.01
N SER F 11 -14.99 15.40 -70.36
CA SER F 11 -14.98 16.54 -71.26
C SER F 11 -16.16 17.46 -71.09
N GLY F 12 -16.00 18.65 -71.66
CA GLY F 12 -17.06 19.64 -71.70
C GLY F 12 -16.58 20.90 -72.38
N ALA F 13 -17.51 21.80 -72.66
CA ALA F 13 -17.24 23.05 -73.33
C ALA F 13 -16.49 23.99 -72.41
N PRO F 14 -15.71 24.94 -72.92
CA PRO F 14 -15.07 25.93 -72.10
C PRO F 14 -16.18 26.66 -71.40
N GLY F 15 -15.96 26.90 -70.13
CA GLY F 15 -16.91 27.57 -69.26
C GLY F 15 -17.79 26.59 -68.47
N GLN F 16 -17.78 25.31 -68.82
CA GLN F 16 -18.59 24.31 -68.13
C GLN F 16 -17.93 23.65 -66.93
N ARG F 17 -18.78 23.07 -66.09
CA ARG F 17 -18.36 22.32 -64.93
C ARG F 17 -18.28 20.83 -65.22
N VAL F 18 -17.12 20.25 -65.01
CA VAL F 18 -16.96 18.81 -65.23
C VAL F 18 -16.29 18.19 -64.01
N THR F 19 -16.45 16.89 -63.83
CA THR F 19 -15.76 16.25 -62.73
C THR F 19 -14.99 15.02 -63.16
N VAL F 20 -13.95 14.73 -62.39
CA VAL F 20 -13.15 13.54 -62.57
C VAL F 20 -13.28 12.69 -61.33
N SER F 21 -13.77 11.48 -61.47
CA SER F 21 -13.94 10.64 -60.30
C SER F 21 -12.65 9.87 -60.02
N CYS F 22 -12.55 9.29 -58.80
CA CYS F 22 -11.48 8.45 -58.28
C CYS F 22 -12.06 7.41 -57.32
N THR F 23 -12.06 6.15 -57.70
CA THR F 23 -12.67 5.16 -56.82
C THR F 23 -11.62 4.24 -56.21
N GLY F 24 -11.63 4.15 -54.89
CA GLY F 24 -10.68 3.33 -54.19
C GLY F 24 -11.33 2.12 -53.57
N SER F 25 -10.74 1.65 -52.49
CA SER F 25 -11.16 0.45 -51.81
C SER F 25 -11.05 0.65 -50.31
N SER F 26 -11.38 -0.40 -49.57
CA SER F 26 -11.36 -0.43 -48.11
C SER F 26 -9.96 -0.34 -47.50
N SER F 27 -8.93 -0.52 -48.32
CA SER F 27 -7.55 -0.43 -47.85
C SER F 27 -6.98 0.94 -48.16
N ASN F 28 -7.59 1.76 -48.98
CA ASN F 28 -6.91 3.01 -49.40
C ASN F 28 -7.62 4.21 -48.86
N LEU F 29 -8.56 4.72 -49.63
CA LEU F 29 -9.38 5.87 -49.21
C LEU F 29 -10.21 5.44 -48.01
N GLY F 30 -10.69 4.21 -47.99
CA GLY F 30 -11.59 3.71 -46.93
C GLY F 30 -10.90 3.28 -45.65
N ALA F 31 -9.57 3.32 -45.56
CA ALA F 31 -8.79 3.08 -44.36
C ALA F 31 -8.39 4.44 -43.81
N THR F 32 -9.24 5.38 -44.17
CA THR F 32 -9.27 6.81 -43.91
C THR F 32 -8.06 7.59 -44.38
N TYR F 33 -7.61 7.34 -45.61
CA TYR F 33 -6.53 8.10 -46.19
C TYR F 33 -7.18 9.10 -47.12
N GLU F 34 -6.59 10.28 -47.28
CA GLU F 34 -7.19 11.25 -48.17
C GLU F 34 -6.72 11.11 -49.62
N VAL F 35 -7.26 11.94 -50.50
CA VAL F 35 -6.93 11.88 -51.92
C VAL F 35 -6.24 13.14 -52.41
N HIS F 36 -5.17 12.94 -53.13
CA HIS F 36 -4.38 14.04 -53.64
C HIS F 36 -4.51 14.05 -55.14
N TRP F 37 -4.46 15.22 -55.77
CA TRP F 37 -4.57 15.27 -57.23
C TRP F 37 -3.42 16.03 -57.85
N TYR F 38 -3.01 15.55 -59.02
CA TYR F 38 -1.95 16.16 -59.81
C TYR F 38 -2.41 16.51 -61.20
N GLN F 39 -1.87 17.60 -61.72
CA GLN F 39 -2.13 18.05 -63.08
C GLN F 39 -0.87 17.93 -63.91
N GLN F 40 -0.87 17.05 -64.91
CA GLN F 40 0.30 16.86 -65.75
C GLN F 40 0.08 17.31 -67.18
N PHE F 41 1.02 18.08 -67.68
CA PHE F 41 0.96 18.51 -69.07
C PHE F 41 2.02 17.72 -69.79
N PRO F 42 1.85 17.38 -71.07
CA PRO F 42 2.83 16.65 -71.82
C PRO F 42 4.16 17.36 -71.77
N GLY F 43 5.22 16.60 -71.58
CA GLY F 43 6.57 17.13 -71.53
C GLY F 43 7.09 17.48 -70.13
N THR F 44 6.22 17.49 -69.11
CA THR F 44 6.74 17.83 -67.79
C THR F 44 6.32 16.91 -66.64
N ALA F 45 6.85 17.20 -65.46
CA ALA F 45 6.52 16.47 -64.25
C ALA F 45 5.11 16.87 -63.83
N PRO F 46 4.33 16.02 -63.18
CA PRO F 46 3.04 16.36 -62.63
C PRO F 46 3.23 17.42 -61.58
N LYS F 47 2.24 18.28 -61.38
CA LYS F 47 2.35 19.23 -60.27
C LYS F 47 1.17 19.04 -59.36
N LEU F 48 1.35 19.34 -58.08
CA LEU F 48 0.24 19.19 -57.16
C LEU F 48 -0.85 20.20 -57.45
N LEU F 49 -2.07 19.71 -57.51
CA LEU F 49 -3.22 20.54 -57.76
C LEU F 49 -4.11 20.66 -56.52
N ILE F 50 -4.34 19.52 -55.86
CA ILE F 50 -5.16 19.39 -54.64
C ILE F 50 -4.49 18.48 -53.62
N TYR F 51 -4.60 18.81 -52.34
CA TYR F 51 -4.08 17.92 -51.31
C TYR F 51 -5.04 17.74 -50.15
N GLY F 52 -4.98 16.61 -49.47
CA GLY F 52 -5.86 16.47 -48.33
C GLY F 52 -7.31 16.42 -48.80
N SER F 53 -7.58 15.94 -50.02
CA SER F 53 -8.90 15.87 -50.64
C SER F 53 -9.47 17.24 -51.06
N THR F 54 -9.48 18.22 -50.15
CA THR F 54 -10.09 19.51 -50.42
C THR F 54 -9.20 20.77 -50.53
N ASN F 55 -7.90 20.70 -50.21
CA ASN F 55 -7.12 21.94 -50.16
C ASN F 55 -6.37 22.28 -51.44
N ARG F 56 -6.11 23.56 -51.66
CA ARG F 56 -5.28 23.96 -52.80
C ARG F 56 -3.89 24.44 -52.39
N PRO F 57 -2.85 24.16 -53.19
CA PRO F 57 -1.53 24.72 -53.09
C PRO F 57 -1.61 26.18 -53.48
N SER F 58 -0.72 27.00 -52.97
CA SER F 58 -0.73 28.37 -53.43
C SER F 58 -0.46 28.35 -54.93
N GLY F 59 -1.17 29.20 -55.66
CA GLY F 59 -1.00 29.32 -57.11
C GLY F 59 -2.02 28.53 -57.92
N VAL F 60 -2.77 27.63 -57.27
CA VAL F 60 -3.79 26.87 -57.97
C VAL F 60 -5.10 27.66 -58.03
N PRO F 61 -5.71 27.83 -59.22
CA PRO F 61 -6.96 28.53 -59.44
C PRO F 61 -8.11 27.92 -58.69
N GLU F 62 -9.08 28.77 -58.35
CA GLU F 62 -10.31 28.47 -57.61
C GLU F 62 -11.21 27.50 -58.37
N ARG F 63 -10.91 27.32 -59.64
CA ARG F 63 -11.62 26.42 -60.52
C ARG F 63 -11.48 25.01 -60.02
N PHE F 64 -10.38 24.70 -59.32
CA PHE F 64 -10.12 23.35 -58.87
C PHE F 64 -10.44 23.15 -57.40
N SER F 65 -11.31 22.19 -57.14
CA SER F 65 -11.73 21.85 -55.78
C SER F 65 -12.06 20.37 -55.70
N GLY F 66 -11.63 19.68 -54.65
CA GLY F 66 -11.99 18.28 -54.57
C GLY F 66 -12.77 17.93 -53.32
N SER F 67 -13.13 16.66 -53.21
CA SER F 67 -13.85 16.13 -52.07
C SER F 67 -13.69 14.62 -51.96
N LYS F 68 -14.06 14.07 -50.80
CA LYS F 68 -14.05 12.62 -50.57
C LYS F 68 -15.27 12.19 -49.75
N SER F 69 -15.85 11.04 -50.09
CA SER F 69 -16.97 10.45 -49.36
C SER F 69 -16.97 8.93 -49.49
N GLY F 70 -17.20 8.20 -48.40
CA GLY F 70 -17.20 6.76 -48.52
C GLY F 70 -15.81 6.33 -48.94
N THR F 71 -15.71 5.57 -50.04
CA THR F 71 -14.46 5.08 -50.58
C THR F 71 -14.19 5.71 -51.93
N SER F 72 -14.93 6.76 -52.25
CA SER F 72 -14.79 7.45 -53.53
C SER F 72 -14.35 8.88 -53.33
N ALA F 73 -13.76 9.46 -54.36
CA ALA F 73 -13.33 10.84 -54.32
C ALA F 73 -13.44 11.46 -55.70
N SER F 74 -13.45 12.77 -55.74
CA SER F 74 -13.48 13.44 -57.03
C SER F 74 -12.83 14.81 -57.04
N LEU F 75 -12.48 15.23 -58.26
CA LEU F 75 -11.97 16.55 -58.57
C LEU F 75 -12.96 17.29 -59.42
N THR F 76 -13.34 18.48 -59.01
CA THR F 76 -14.26 19.28 -59.78
C THR F 76 -13.51 20.42 -60.41
N ILE F 77 -13.71 20.59 -61.70
CA ILE F 77 -13.11 21.71 -62.40
C ILE F 77 -14.28 22.58 -62.86
N THR F 78 -14.43 23.77 -62.31
CA THR F 78 -15.60 24.56 -62.68
C THR F 78 -15.25 25.77 -63.50
N GLY F 79 -15.69 25.80 -64.76
CA GLY F 79 -15.37 26.90 -65.63
C GLY F 79 -14.15 26.54 -66.45
N LEU F 80 -14.22 25.42 -67.19
CA LEU F 80 -13.07 24.93 -67.94
C LEU F 80 -12.47 25.94 -68.86
N GLN F 81 -11.15 26.07 -68.78
CA GLN F 81 -10.40 26.96 -69.64
C GLN F 81 -9.55 26.17 -70.60
N ALA F 82 -9.13 26.76 -71.71
CA ALA F 82 -8.30 25.98 -72.63
C ALA F 82 -7.02 25.45 -71.98
N GLU F 83 -6.45 26.21 -71.05
CA GLU F 83 -5.23 25.82 -70.35
C GLU F 83 -5.41 24.63 -69.40
N ASP F 84 -6.65 24.21 -69.18
CA ASP F 84 -6.93 23.10 -68.29
C ASP F 84 -6.85 21.75 -69.02
N GLU F 85 -6.66 21.74 -70.33
CA GLU F 85 -6.55 20.41 -70.94
C GLU F 85 -5.30 19.78 -70.35
N ALA F 86 -5.46 18.60 -69.76
CA ALA F 86 -4.33 17.95 -69.08
C ALA F 86 -4.66 16.52 -68.66
N ASP F 87 -3.62 15.80 -68.24
CA ASP F 87 -3.74 14.46 -67.65
C ASP F 87 -3.88 14.60 -66.13
N TYR F 88 -5.01 14.22 -65.58
CA TYR F 88 -5.20 14.38 -64.15
C TYR F 88 -5.08 13.05 -63.45
N TYR F 89 -4.39 13.03 -62.32
CA TYR F 89 -4.23 11.79 -61.56
C TYR F 89 -4.62 11.96 -60.11
N CYS F 90 -5.20 10.90 -59.50
CA CYS F 90 -5.48 10.86 -58.05
C CYS F 90 -4.43 9.97 -57.36
N GLN F 91 -4.13 10.31 -56.12
CA GLN F 91 -3.19 9.59 -55.27
C GLN F 91 -3.65 9.37 -53.85
N SER F 92 -3.35 8.19 -53.33
CA SER F 92 -3.64 7.89 -51.93
C SER F 92 -2.68 6.83 -51.42
N TYR F 93 -2.93 6.30 -50.23
CA TYR F 93 -2.08 5.27 -49.65
C TYR F 93 -2.87 4.00 -49.38
N ASP F 94 -2.33 2.89 -49.84
CA ASP F 94 -2.94 1.57 -49.73
C ASP F 94 -2.24 0.77 -48.65
N THR F 95 -3.00 0.27 -47.68
CA THR F 95 -2.38 -0.44 -46.55
C THR F 95 -2.02 -1.90 -46.82
N SER F 96 -2.41 -2.46 -47.96
CA SER F 96 -2.14 -3.87 -48.27
C SER F 96 -0.72 -4.05 -48.78
N LEU F 97 -0.25 -5.30 -48.86
CA LEU F 97 1.09 -5.61 -49.38
C LEU F 97 2.19 -4.86 -48.64
N ARG F 98 2.05 -4.74 -47.33
CA ARG F 98 2.99 -4.07 -46.43
C ARG F 98 3.00 -2.55 -46.58
N GLY F 99 2.11 -2.01 -47.40
CA GLY F 99 1.94 -0.59 -47.54
C GLY F 99 2.60 0.01 -48.78
N PHE F 100 1.83 0.77 -49.53
CA PHE F 100 2.37 1.41 -50.72
C PHE F 100 1.57 2.62 -51.10
N TYR F 101 2.15 3.48 -51.89
CA TYR F 101 1.41 4.62 -52.38
C TYR F 101 0.84 4.22 -53.68
N VAL F 102 -0.35 4.73 -53.96
CA VAL F 102 -1.03 4.40 -55.19
C VAL F 102 -1.45 5.60 -55.96
N PHE F 103 -1.65 5.37 -57.24
CA PHE F 103 -2.12 6.36 -58.16
C PHE F 103 -3.32 5.82 -58.89
N GLY F 104 -4.13 6.70 -59.40
CA GLY F 104 -5.19 6.22 -60.20
C GLY F 104 -4.69 5.98 -61.59
N THR F 105 -5.58 5.57 -62.45
CA THR F 105 -5.22 5.23 -63.81
C THR F 105 -5.00 6.45 -64.69
N GLY F 106 -5.52 7.58 -64.25
CA GLY F 106 -5.41 8.85 -64.95
C GLY F 106 -6.62 9.15 -65.82
N THR F 107 -6.92 10.43 -65.96
CA THR F 107 -8.03 10.94 -66.78
C THR F 107 -7.57 12.01 -67.74
N LYS F 108 -7.98 11.93 -69.00
CA LYS F 108 -7.69 13.05 -69.88
C LYS F 108 -8.88 14.00 -69.85
N VAL F 109 -8.63 15.25 -69.49
CA VAL F 109 -9.74 16.20 -69.48
C VAL F 109 -9.62 17.08 -70.69
N THR F 110 -10.67 17.05 -71.51
CA THR F 110 -10.74 17.75 -72.79
C THR F 110 -11.74 18.90 -72.82
N VAL F 111 -11.25 20.05 -73.26
CA VAL F 111 -12.06 21.25 -73.39
C VAL F 111 -12.54 21.31 -74.85
N LEU F 112 -13.87 21.40 -75.06
CA LEU F 112 -14.57 21.36 -76.37
C LEU F 112 -15.25 22.71 -76.72
N ASP G 1 20.63 -62.00 51.45
CA ASP G 1 21.22 -61.32 50.30
C ASP G 1 20.09 -60.72 49.45
N THR G 2 20.27 -59.45 49.01
CA THR G 2 19.26 -58.67 48.23
C THR G 2 19.83 -57.94 47.02
N ILE G 3 19.04 -57.92 45.94
CA ILE G 3 19.35 -57.05 44.78
C ILE G 3 18.12 -56.15 44.63
N CYS G 4 18.32 -54.81 44.51
CA CYS G 4 17.26 -53.80 44.38
C CYS G 4 17.42 -53.01 43.09
N ILE G 5 16.30 -52.64 42.51
CA ILE G 5 16.27 -51.81 41.32
C ILE G 5 15.66 -50.48 41.58
N GLY G 6 16.39 -49.46 41.19
CA GLY G 6 15.99 -48.10 41.42
C GLY G 6 16.55 -47.16 40.41
N TYR G 7 16.51 -45.90 40.75
CA TYR G 7 16.94 -44.85 39.87
C TYR G 7 17.60 -43.74 40.65
N HIS G 8 18.35 -42.93 39.96
CA HIS G 8 19.11 -41.77 40.43
C HIS G 8 18.31 -40.61 41.01
N ALA G 9 18.87 -39.99 42.05
CA ALA G 9 18.29 -38.77 42.63
C ALA G 9 19.42 -37.86 43.06
N ASN G 10 19.15 -36.56 43.17
CA ASN G 10 20.19 -35.61 43.55
C ASN G 10 19.59 -34.42 44.31
N ASN G 11 20.36 -33.30 44.44
CA ASN G 11 19.98 -32.07 45.16
C ASN G 11 19.38 -30.97 44.23
N SER G 12 19.06 -31.30 42.94
CA SER G 12 18.51 -30.39 41.94
C SER G 12 17.14 -29.83 42.27
N THR G 13 16.98 -28.56 41.94
CA THR G 13 15.74 -27.83 42.09
C THR G 13 15.16 -27.45 40.73
N ASP G 14 15.77 -27.95 39.65
CA ASP G 14 15.28 -27.59 38.33
C ASP G 14 13.85 -28.03 38.28
N THR G 15 12.96 -27.14 37.89
CA THR G 15 11.56 -27.49 37.87
C THR G 15 10.95 -27.30 36.51
N VAL G 16 10.17 -28.29 36.08
CA VAL G 16 9.50 -28.25 34.79
C VAL G 16 8.00 -28.40 34.93
N ASP G 17 7.29 -28.00 33.89
CA ASP G 17 5.85 -28.13 33.86
C ASP G 17 5.45 -29.29 32.97
N THR G 18 4.33 -29.93 33.26
CA THR G 18 3.82 -30.96 32.34
C THR G 18 2.34 -30.69 32.14
N VAL G 19 1.68 -31.47 31.30
CA VAL G 19 0.24 -31.24 31.13
C VAL G 19 -0.57 -31.73 32.31
N LEU G 20 -0.10 -32.74 33.04
CA LEU G 20 -0.88 -33.25 34.16
C LEU G 20 -0.50 -32.62 35.50
N GLU G 21 0.72 -32.12 35.64
CA GLU G 21 1.20 -31.59 36.92
C GLU G 21 1.93 -30.26 36.70
N LYS G 22 1.68 -29.28 37.56
CA LYS G 22 2.28 -27.96 37.31
C LYS G 22 3.65 -27.58 37.91
N ASN G 23 4.27 -28.36 38.82
CA ASN G 23 5.60 -28.05 39.38
C ASN G 23 6.33 -29.36 39.70
N VAL G 24 7.15 -29.86 38.74
CA VAL G 24 7.85 -31.13 38.81
C VAL G 24 9.35 -30.94 38.96
N THR G 25 9.91 -31.35 40.09
CA THR G 25 11.34 -31.18 40.28
C THR G 25 12.03 -32.31 39.55
N VAL G 26 13.06 -31.99 38.76
CA VAL G 26 13.77 -33.01 37.99
C VAL G 26 15.27 -32.96 38.26
N THR G 27 15.96 -34.06 37.96
CA THR G 27 17.40 -34.15 38.22
C THR G 27 18.25 -33.41 37.21
N HIS G 28 17.75 -33.31 35.98
CA HIS G 28 18.45 -32.62 34.90
C HIS G 28 17.44 -31.96 33.97
N SER G 29 17.77 -30.78 33.45
CA SER G 29 16.89 -30.11 32.51
C SER G 29 17.67 -29.25 31.53
N VAL G 30 17.00 -28.90 30.43
CA VAL G 30 17.56 -28.03 29.42
C VAL G 30 16.69 -26.79 29.20
N ASN G 31 17.32 -25.64 29.21
CA ASN G 31 16.63 -24.38 29.00
C ASN G 31 16.55 -24.08 27.52
N LEU G 32 15.35 -24.00 26.96
CA LEU G 32 15.21 -23.75 25.53
C LEU G 32 15.00 -22.26 25.22
N LEU G 33 14.84 -21.42 26.25
CA LEU G 33 14.53 -20.01 26.04
C LEU G 33 15.59 -19.08 26.60
N GLU G 34 16.09 -18.19 25.74
CA GLU G 34 17.10 -17.21 26.10
C GLU G 34 16.50 -15.87 26.54
N ASP G 35 16.83 -15.43 27.75
CA ASP G 35 16.33 -14.17 28.24
C ASP G 35 17.38 -13.09 28.56
N SER G 36 18.64 -13.28 28.16
CA SER G 36 19.63 -12.25 28.44
C SER G 36 20.18 -11.60 27.18
N HIS G 37 20.83 -10.48 27.37
CA HIS G 37 21.53 -9.75 26.34
C HIS G 37 22.59 -8.96 27.07
N ASN G 38 23.58 -8.44 26.37
CA ASN G 38 24.60 -7.69 27.10
C ASN G 38 24.41 -6.18 27.23
N GLY G 39 23.30 -5.61 26.77
CA GLY G 39 23.09 -4.17 26.89
C GLY G 39 23.90 -3.32 25.91
N LYS G 40 24.60 -3.95 24.97
CA LYS G 40 25.46 -3.22 24.05
C LYS G 40 25.22 -3.45 22.58
N LEU G 41 25.64 -2.47 21.78
CA LEU G 41 25.62 -2.59 20.34
C LEU G 41 26.99 -3.15 19.92
N CYS G 42 26.97 -4.33 19.28
CA CYS G 42 28.13 -5.11 18.86
C CYS G 42 28.28 -5.15 17.35
N LEU G 43 29.46 -5.58 16.93
CA LEU G 43 29.78 -5.75 15.53
C LEU G 43 29.12 -7.04 15.09
N LEU G 44 28.74 -7.15 13.85
CA LEU G 44 28.20 -8.42 13.39
C LEU G 44 29.20 -9.11 12.52
N LYS G 45 29.75 -10.20 13.03
CA LYS G 45 30.76 -10.96 12.32
C LYS G 45 31.92 -10.06 11.85
N GLY G 46 32.36 -9.17 12.73
CA GLY G 46 33.46 -8.25 12.48
C GLY G 46 33.09 -6.88 11.86
N ILE G 47 31.85 -6.67 11.44
CA ILE G 47 31.53 -5.38 10.82
C ILE G 47 30.69 -4.49 11.72
N ALA G 48 31.21 -3.29 11.97
CA ALA G 48 30.56 -2.31 12.83
C ALA G 48 29.31 -1.72 12.18
N PRO G 49 28.34 -1.28 12.96
CA PRO G 49 27.15 -0.56 12.54
C PRO G 49 27.45 0.88 12.18
N LEU G 50 26.52 1.50 11.47
CA LEU G 50 26.57 2.92 11.19
C LEU G 50 25.83 3.62 12.29
N GLN G 51 26.52 4.45 13.03
CA GLN G 51 25.85 5.12 14.10
C GLN G 51 25.49 6.49 13.62
N LEU G 52 24.21 6.81 13.59
CA LEU G 52 23.85 8.11 13.06
C LEU G 52 23.83 9.16 14.16
N GLY G 53 24.05 8.76 15.39
CA GLY G 53 24.05 9.72 16.47
C GLY G 53 22.69 10.40 16.57
N ASN G 54 22.69 11.75 16.52
CA ASN G 54 21.52 12.62 16.62
C ASN G 54 20.81 12.87 15.27
N CYS G 55 21.31 12.24 14.16
CA CYS G 55 20.81 12.41 12.80
C CYS G 55 19.76 11.37 12.45
N SER G 56 18.79 11.80 11.69
CA SER G 56 17.79 10.93 11.14
C SER G 56 18.37 10.42 9.84
N VAL G 57 17.72 9.46 9.20
CA VAL G 57 18.21 9.01 7.92
C VAL G 57 18.15 10.16 6.93
N ALA G 58 17.08 10.95 6.93
CA ALA G 58 17.00 12.09 6.00
C ALA G 58 18.12 13.05 6.24
N GLY G 59 18.44 13.31 7.49
CA GLY G 59 19.51 14.25 7.82
C GLY G 59 20.81 13.74 7.30
N TRP G 60 21.08 12.48 7.50
CA TRP G 60 22.29 11.90 7.01
C TRP G 60 22.42 11.93 5.50
N ILE G 61 21.43 11.41 4.80
CA ILE G 61 21.56 11.22 3.37
C ILE G 61 21.54 12.57 2.63
N LEU G 62 20.87 13.58 3.17
CA LEU G 62 20.83 14.90 2.56
C LEU G 62 22.04 15.74 2.91
N GLY G 63 22.89 15.29 3.81
CA GLY G 63 23.99 16.13 4.21
C GLY G 63 23.68 17.22 5.24
N ASN G 64 22.77 17.00 6.17
CA ASN G 64 22.51 18.04 7.16
C ASN G 64 23.85 18.52 7.69
N PRO G 65 24.10 19.84 7.82
CA PRO G 65 25.34 20.42 8.28
C PRO G 65 25.90 19.84 9.57
N GLU G 66 25.02 19.37 10.45
CA GLU G 66 25.43 18.81 11.74
C GLU G 66 25.78 17.30 11.73
N CYS G 67 25.66 16.64 10.56
CA CYS G 67 25.84 15.21 10.32
C CYS G 67 27.15 14.99 9.56
N GLU G 68 28.09 15.94 9.67
CA GLU G 68 29.36 15.88 8.95
C GLU G 68 30.21 14.67 9.31
N LEU G 69 30.00 14.13 10.48
CA LEU G 69 30.77 13.03 10.99
C LEU G 69 30.35 11.73 10.32
N LEU G 70 29.26 11.77 9.58
CA LEU G 70 28.74 10.60 8.92
C LEU G 70 29.13 10.55 7.43
N ILE G 71 29.92 11.51 6.98
CA ILE G 71 30.34 11.57 5.58
C ILE G 71 31.32 10.49 5.15
N SER G 72 32.29 10.19 5.99
CA SER G 72 33.34 9.22 5.74
C SER G 72 32.91 7.78 6.01
N LYS G 73 31.71 7.60 6.51
CA LYS G 73 31.23 6.29 6.89
C LYS G 73 30.71 5.51 5.68
N GLU G 74 31.65 4.99 4.90
CA GLU G 74 31.38 4.27 3.65
C GLU G 74 30.76 2.89 3.80
N SER G 75 30.97 2.20 4.92
CA SER G 75 30.38 0.86 5.03
C SER G 75 29.90 0.54 6.43
N TRP G 76 28.91 -0.37 6.51
CA TRP G 76 28.33 -0.77 7.79
C TRP G 76 27.59 -2.10 7.74
N SER G 77 27.37 -2.69 8.92
CA SER G 77 26.57 -3.91 9.05
C SER G 77 25.07 -3.72 9.29
N TYR G 78 24.72 -2.60 9.90
CA TYR G 78 23.34 -2.24 10.23
C TYR G 78 23.32 -0.76 10.54
N ILE G 79 22.14 -0.16 10.62
CA ILE G 79 22.05 1.26 10.94
C ILE G 79 21.39 1.47 12.28
N VAL G 80 22.03 2.27 13.12
CA VAL G 80 21.50 2.58 14.43
C VAL G 80 21.09 4.02 14.53
N GLU G 81 19.83 4.23 14.86
CA GLU G 81 19.26 5.54 14.96
C GLU G 81 18.77 5.78 16.40
N THR G 82 18.98 6.98 16.92
CA THR G 82 18.50 7.31 18.27
C THR G 82 16.96 7.39 18.20
N PRO G 83 16.17 7.09 19.24
CA PRO G 83 14.72 7.19 19.24
C PRO G 83 14.10 8.48 18.76
N ASN G 84 14.72 9.61 19.03
CA ASN G 84 14.17 10.87 18.59
C ASN G 84 15.24 11.77 18.01
N PRO G 85 15.67 11.54 16.77
CA PRO G 85 16.72 12.26 16.13
C PRO G 85 16.29 13.68 16.04
N GLU G 86 17.24 14.58 16.15
CA GLU G 86 16.93 16.00 16.05
C GLU G 86 17.35 16.66 14.73
N ASN G 87 18.39 16.11 14.04
CA ASN G 87 18.98 16.67 12.83
C ASN G 87 18.50 15.87 11.60
N GLY G 88 17.52 16.45 10.89
CA GLY G 88 16.82 15.89 9.73
C GLY G 88 16.78 16.92 8.65
N THR G 89 15.60 17.21 8.19
CA THR G 89 15.41 18.20 7.17
C THR G 89 15.45 19.60 7.80
N CYS G 90 16.68 20.19 7.95
CA CYS G 90 16.93 21.49 8.61
C CYS G 90 16.19 22.62 7.91
N TYR G 91 15.95 22.49 6.63
CA TYR G 91 15.15 23.46 5.94
C TYR G 91 13.86 22.66 5.78
N PRO G 92 12.73 23.06 6.37
CA PRO G 92 11.53 22.27 6.43
C PRO G 92 10.96 22.00 5.08
N GLY G 93 10.32 20.84 4.95
CA GLY G 93 9.66 20.43 3.73
C GLY G 93 9.25 18.98 3.82
N TYR G 94 8.62 18.52 2.76
CA TYR G 94 8.17 17.15 2.68
C TYR G 94 9.21 16.28 2.03
N PHE G 95 9.52 15.14 2.61
CA PHE G 95 10.51 14.27 1.99
C PHE G 95 9.72 13.17 1.31
N ALA G 96 9.73 13.15 0.00
CA ALA G 96 8.92 12.19 -0.73
C ALA G 96 9.44 10.79 -0.56
N ASP G 97 8.53 9.83 -0.38
CA ASP G 97 8.88 8.44 -0.31
C ASP G 97 10.00 8.21 0.69
N TYR G 98 9.91 8.83 1.85
CA TYR G 98 10.94 8.70 2.84
C TYR G 98 11.02 7.34 3.44
N GLU G 99 9.87 6.78 3.79
CA GLU G 99 9.83 5.47 4.42
C GLU G 99 10.34 4.44 3.45
N GLU G 100 10.04 4.63 2.17
CA GLU G 100 10.48 3.74 1.14
C GLU G 100 11.99 3.86 0.95
N LEU G 101 12.53 5.08 1.04
CA LEU G 101 13.97 5.24 0.91
C LEU G 101 14.66 4.55 2.07
N ARG G 102 14.12 4.67 3.28
CA ARG G 102 14.74 4.04 4.44
C ARG G 102 14.79 2.54 4.26
N GLU G 103 13.72 1.96 3.72
CA GLU G 103 13.63 0.53 3.49
C GLU G 103 14.67 0.08 2.50
N GLN G 104 14.98 0.92 1.51
CA GLN G 104 15.96 0.52 0.53
C GLN G 104 17.40 0.78 1.01
N LEU G 105 17.65 1.87 1.75
CA LEU G 105 18.99 2.14 2.25
C LEU G 105 19.38 1.17 3.31
N SER G 106 18.43 0.63 4.03
CA SER G 106 18.74 -0.29 5.09
C SER G 106 19.43 -1.53 4.58
N SER G 107 19.28 -1.86 3.28
CA SER G 107 19.89 -3.05 2.69
C SER G 107 21.28 -2.77 2.10
N VAL G 108 21.70 -1.52 2.10
CA VAL G 108 22.96 -1.11 1.52
C VAL G 108 24.08 -1.47 2.47
N SER G 109 25.11 -2.14 1.97
CA SER G 109 26.20 -2.49 2.85
C SER G 109 27.24 -1.40 2.81
N SER G 110 27.31 -0.74 1.66
CA SER G 110 28.25 0.33 1.48
C SER G 110 27.87 1.23 0.33
N PHE G 111 28.49 2.40 0.31
CA PHE G 111 28.34 3.25 -0.84
C PHE G 111 29.46 4.23 -1.02
N GLU G 112 29.58 4.73 -2.23
CA GLU G 112 30.51 5.79 -2.54
C GLU G 112 29.81 7.10 -2.68
N ARG G 113 30.26 8.10 -1.96
CA ARG G 113 29.71 9.44 -2.09
C ARG G 113 30.57 10.17 -3.09
N PHE G 114 30.00 10.59 -4.21
CA PHE G 114 30.79 11.23 -5.24
C PHE G 114 30.12 12.50 -5.68
N GLU G 115 30.88 13.41 -6.25
CA GLU G 115 30.29 14.66 -6.66
C GLU G 115 29.73 14.49 -8.05
N ILE G 116 28.41 14.63 -8.18
CA ILE G 116 27.71 14.40 -9.45
C ILE G 116 27.82 15.61 -10.36
N PHE G 117 27.66 16.79 -9.78
CA PHE G 117 27.71 18.05 -10.50
C PHE G 117 28.60 19.05 -9.80
N PRO G 118 29.91 19.07 -10.04
CA PRO G 118 30.84 19.87 -9.29
C PRO G 118 30.40 21.31 -9.18
N LYS G 119 30.44 21.80 -7.95
CA LYS G 119 29.94 23.13 -7.62
C LYS G 119 30.58 24.26 -8.39
N GLU G 120 31.88 24.21 -8.53
CA GLU G 120 32.64 25.25 -9.18
C GLU G 120 32.55 25.30 -10.69
N SER G 121 32.13 24.21 -11.35
CA SER G 121 32.14 24.26 -12.80
C SER G 121 30.80 23.99 -13.44
N SER G 122 29.84 23.46 -12.69
CA SER G 122 28.59 23.11 -13.29
C SER G 122 27.65 24.27 -13.51
N TRP G 123 27.73 25.32 -12.71
CA TRP G 123 26.79 26.41 -12.93
C TRP G 123 27.38 27.82 -12.98
N PRO G 124 28.18 28.16 -14.01
CA PRO G 124 28.80 29.46 -14.22
C PRO G 124 27.90 30.71 -14.26
N ASN G 125 26.60 30.53 -14.60
CA ASN G 125 25.62 31.62 -14.73
C ASN G 125 24.57 31.63 -13.61
N HIS G 126 24.80 30.94 -12.46
CA HIS G 126 23.87 30.92 -11.33
C HIS G 126 24.64 31.14 -10.07
N THR G 127 23.97 31.59 -9.04
CA THR G 127 24.62 31.76 -7.76
C THR G 127 24.47 30.43 -7.04
N VAL G 128 25.58 29.88 -6.57
CA VAL G 128 25.58 28.58 -5.90
C VAL G 128 26.02 28.65 -4.46
N THR G 129 26.05 29.85 -3.92
CA THR G 129 26.55 30.15 -2.60
C THR G 129 25.48 30.40 -1.54
N GLY G 130 24.22 30.09 -1.84
CA GLY G 130 23.10 30.33 -0.92
C GLY G 130 23.13 29.47 0.35
N VAL G 131 22.80 30.12 1.47
CA VAL G 131 22.71 29.52 2.80
C VAL G 131 21.48 29.96 3.56
N SER G 132 21.12 29.21 4.60
CA SER G 132 20.00 29.54 5.47
C SER G 132 20.33 29.43 6.94
N ALA G 133 19.71 30.30 7.74
CA ALA G 133 19.93 30.29 9.19
C ALA G 133 19.44 29.00 9.79
N SER G 134 18.41 28.44 9.18
CA SER G 134 17.77 27.23 9.65
C SER G 134 18.69 25.99 9.60
N CYS G 135 19.77 26.04 8.80
CA CYS G 135 20.75 25.00 8.57
C CYS G 135 22.07 25.48 9.12
N SER G 136 22.06 26.36 10.12
CA SER G 136 23.33 26.84 10.59
C SER G 136 24.17 25.75 11.23
N HIS G 137 25.47 25.97 11.20
CA HIS G 137 26.48 25.06 11.74
C HIS G 137 27.55 25.84 12.44
N ASN G 138 27.75 25.56 13.71
CA ASN G 138 28.74 26.28 14.50
C ASN G 138 28.52 27.78 14.48
N GLY G 139 27.26 28.19 14.51
CA GLY G 139 26.92 29.59 14.55
C GLY G 139 26.76 30.30 13.22
N LYS G 140 27.07 29.69 12.09
CA LYS G 140 26.91 30.44 10.84
C LYS G 140 25.92 29.78 9.94
N SER G 141 25.31 30.55 9.05
CA SER G 141 24.35 30.01 8.12
C SER G 141 25.04 29.01 7.20
N SER G 142 24.29 27.99 6.81
CA SER G 142 24.83 26.94 5.94
C SER G 142 23.72 26.24 5.18
N PHE G 143 24.03 25.12 4.57
CA PHE G 143 23.02 24.40 3.83
C PHE G 143 23.42 22.95 3.75
N TYR G 144 22.60 22.14 3.13
CA TYR G 144 22.87 20.74 3.02
C TYR G 144 24.15 20.48 2.27
N ARG G 145 24.96 19.59 2.78
CA ARG G 145 26.23 19.27 2.18
C ARG G 145 26.13 18.49 0.91
N ASN G 146 24.98 17.86 0.64
CA ASN G 146 24.88 17.11 -0.59
C ASN G 146 24.03 17.82 -1.65
N LEU G 147 23.50 19.01 -1.33
CA LEU G 147 22.61 19.75 -2.24
C LEU G 147 23.07 21.17 -2.47
N LEU G 148 22.75 21.71 -3.63
CA LEU G 148 23.18 23.07 -3.88
C LEU G 148 21.97 23.95 -4.23
N TRP G 149 21.81 25.09 -3.56
CA TRP G 149 20.65 25.94 -3.83
C TRP G 149 20.95 26.92 -4.94
N LEU G 150 20.32 26.76 -6.11
CA LEU G 150 20.66 27.63 -7.22
C LEU G 150 19.72 28.82 -7.28
N THR G 151 20.28 30.02 -7.29
CA THR G 151 19.48 31.25 -7.42
C THR G 151 20.03 32.02 -8.59
N GLY G 152 19.40 33.12 -8.97
CA GLY G 152 19.87 33.84 -10.15
C GLY G 152 21.16 34.59 -9.94
N LYS G 153 21.68 35.13 -11.04
CA LYS G 153 22.92 35.88 -11.10
C LYS G 153 22.77 37.05 -12.06
N ASN G 154 23.20 38.24 -11.67
CA ASN G 154 23.10 39.43 -12.52
C ASN G 154 21.68 39.70 -12.97
N GLY G 155 20.69 39.40 -12.14
CA GLY G 155 19.30 39.67 -12.47
C GLY G 155 18.63 38.60 -13.33
N LEU G 156 19.35 37.55 -13.69
CA LEU G 156 18.80 36.50 -14.54
C LEU G 156 18.83 35.11 -13.94
N TYR G 157 17.92 34.26 -14.37
CA TYR G 157 17.99 32.85 -14.01
C TYR G 157 17.91 32.07 -15.31
N PRO G 158 19.02 31.88 -16.03
CA PRO G 158 19.07 31.23 -17.31
C PRO G 158 18.52 29.84 -17.18
N ASN G 159 17.91 29.35 -18.24
CA ASN G 159 17.40 28.00 -18.21
C ASN G 159 18.52 27.01 -18.00
N LEU G 160 18.29 26.08 -17.10
CA LEU G 160 19.22 25.01 -16.78
C LEU G 160 18.97 23.79 -17.56
N SER G 161 20.05 23.11 -17.91
CA SER G 161 19.99 21.80 -18.51
C SER G 161 21.27 21.04 -18.20
N LYS G 162 21.17 20.02 -17.38
CA LYS G 162 22.29 19.19 -16.96
C LYS G 162 21.96 17.74 -16.97
N SER G 163 22.95 16.92 -17.25
CA SER G 163 22.69 15.51 -17.20
C SER G 163 23.88 14.74 -16.71
N TYR G 164 23.59 13.56 -16.22
CA TYR G 164 24.60 12.64 -15.73
C TYR G 164 24.36 11.24 -16.22
N VAL G 165 25.43 10.62 -16.69
CA VAL G 165 25.37 9.26 -17.17
C VAL G 165 25.95 8.32 -16.16
N ASN G 166 25.21 7.29 -15.81
CA ASN G 166 25.66 6.42 -14.76
C ASN G 166 26.69 5.40 -15.20
N ASN G 167 27.92 5.84 -15.16
CA ASN G 167 29.05 5.05 -15.54
C ASN G 167 29.72 4.42 -14.32
N LYS G 168 29.02 4.40 -13.18
CA LYS G 168 29.57 3.84 -11.95
C LYS G 168 29.40 2.33 -11.85
N GLU G 169 28.54 1.78 -12.71
CA GLU G 169 28.15 0.36 -12.72
C GLU G 169 27.46 -0.11 -11.44
N LYS G 170 26.83 0.83 -10.75
CA LYS G 170 26.07 0.64 -9.53
C LYS G 170 24.82 1.48 -9.63
N GLU G 171 23.81 1.18 -8.84
CA GLU G 171 22.67 2.08 -8.83
C GLU G 171 23.13 3.37 -8.18
N VAL G 172 22.71 4.49 -8.71
CA VAL G 172 23.07 5.77 -8.12
C VAL G 172 21.90 6.51 -7.55
N LEU G 173 21.99 6.85 -6.29
CA LEU G 173 20.94 7.57 -5.63
C LEU G 173 21.14 9.04 -5.82
N VAL G 174 20.19 9.66 -6.48
CA VAL G 174 20.27 11.08 -6.77
C VAL G 174 19.18 11.78 -5.98
N LEU G 175 19.59 12.76 -5.19
CA LEU G 175 18.67 13.52 -4.36
C LEU G 175 18.56 14.93 -4.88
N TRP G 176 17.39 15.53 -4.82
CA TRP G 176 17.26 16.93 -5.23
C TRP G 176 16.06 17.52 -4.55
N GLY G 177 15.85 18.81 -4.68
CA GLY G 177 14.63 19.35 -4.12
C GLY G 177 14.03 20.48 -4.93
N VAL G 178 12.87 20.92 -4.52
CA VAL G 178 12.15 22.00 -5.17
C VAL G 178 11.77 23.04 -4.12
N HIS G 179 12.08 24.28 -4.40
CA HIS G 179 11.78 25.36 -3.47
C HIS G 179 10.41 25.94 -3.70
N HIS G 180 9.65 26.05 -2.63
CA HIS G 180 8.31 26.61 -2.59
C HIS G 180 8.27 27.85 -1.67
N PRO G 181 8.48 29.08 -2.19
CA PRO G 181 8.55 30.33 -1.48
C PRO G 181 7.25 30.69 -0.76
N PRO G 182 7.31 31.52 0.28
CA PRO G 182 6.18 32.05 0.98
C PRO G 182 5.40 33.11 0.22
N ASN G 183 6.02 33.74 -0.77
CA ASN G 183 5.34 34.80 -1.48
C ASN G 183 5.93 35.07 -2.85
N ILE G 184 5.30 35.99 -3.56
CA ILE G 184 5.72 36.40 -4.89
C ILE G 184 6.99 37.22 -4.85
N GLY G 185 7.13 38.09 -3.88
CA GLY G 185 8.33 38.91 -3.82
C GLY G 185 9.59 38.05 -3.70
N ASN G 186 9.51 36.95 -2.96
CA ASN G 186 10.64 36.05 -2.80
C ASN G 186 10.84 35.23 -4.05
N GLN G 187 9.75 34.79 -4.69
CA GLN G 187 9.89 34.03 -5.91
C GLN G 187 10.59 34.85 -6.96
N ARG G 188 10.29 36.14 -7.05
CA ARG G 188 10.93 36.94 -8.06
C ARG G 188 12.32 37.38 -7.63
N ALA G 189 12.54 37.63 -6.35
CA ALA G 189 13.85 38.05 -5.92
C ALA G 189 14.91 37.00 -6.18
N LEU G 190 14.55 35.73 -6.06
CA LEU G 190 15.52 34.69 -6.26
C LEU G 190 15.57 34.11 -7.67
N TYR G 191 14.42 33.97 -8.34
CA TYR G 191 14.45 33.28 -9.61
C TYR G 191 14.09 34.17 -10.81
N HIS G 192 13.64 35.39 -10.54
CA HIS G 192 13.25 36.35 -11.54
C HIS G 192 12.17 35.87 -12.51
N THR G 193 11.23 35.09 -12.01
CA THR G 193 10.11 34.60 -12.79
C THR G 193 8.99 34.20 -11.87
N GLU G 194 7.77 34.34 -12.35
CA GLU G 194 6.61 33.89 -11.60
C GLU G 194 6.11 32.53 -12.05
N ASN G 195 6.73 31.96 -13.08
CA ASN G 195 6.28 30.69 -13.63
C ASN G 195 7.43 29.74 -13.85
N ALA G 196 8.00 29.29 -12.75
CA ALA G 196 9.10 28.38 -12.79
C ALA G 196 8.59 26.96 -12.85
N TYR G 197 9.39 26.09 -13.38
CA TYR G 197 9.13 24.67 -13.38
C TYR G 197 10.44 23.95 -13.18
N VAL G 198 10.34 22.73 -12.69
CA VAL G 198 11.47 21.83 -12.57
C VAL G 198 11.10 20.51 -13.24
N SER G 199 11.94 19.99 -14.10
CA SER G 199 11.63 18.73 -14.78
C SER G 199 12.76 17.74 -14.72
N VAL G 200 12.49 16.58 -14.15
CA VAL G 200 13.53 15.58 -14.01
C VAL G 200 13.12 14.29 -14.68
N VAL G 201 13.96 13.83 -15.61
CA VAL G 201 13.65 12.59 -16.31
C VAL G 201 14.83 11.62 -16.39
N SER G 202 14.53 10.35 -16.61
CA SER G 202 15.52 9.30 -16.83
C SER G 202 14.86 8.38 -17.82
N SER G 203 15.41 7.20 -18.13
CA SER G 203 14.70 6.44 -19.15
C SER G 203 13.33 6.06 -18.68
N HIS G 204 13.20 5.74 -17.39
CA HIS G 204 11.93 5.31 -16.86
C HIS G 204 11.27 6.28 -15.86
N TYR G 205 12.03 7.24 -15.34
CA TYR G 205 11.50 8.20 -14.37
C TYR G 205 11.06 9.45 -15.09
N SER G 206 9.90 9.96 -14.77
CA SER G 206 9.54 11.23 -15.36
C SER G 206 8.63 12.00 -14.46
N ARG G 207 9.09 13.15 -14.01
CA ARG G 207 8.30 13.97 -13.12
C ARG G 207 8.51 15.45 -13.36
N ARG G 208 7.43 16.21 -13.34
CA ARG G 208 7.53 17.65 -13.47
C ARG G 208 6.95 18.26 -12.24
N PHE G 209 7.62 19.27 -11.73
CA PHE G 209 7.22 19.91 -10.50
C PHE G 209 6.88 21.35 -10.77
N THR G 210 5.93 21.88 -10.03
CA THR G 210 5.59 23.29 -10.11
C THR G 210 5.65 23.85 -8.70
N PRO G 211 6.40 24.91 -8.42
CA PRO G 211 6.45 25.58 -7.14
C PRO G 211 5.10 26.12 -6.75
N GLU G 212 4.78 26.05 -5.47
CA GLU G 212 3.55 26.58 -4.94
C GLU G 212 3.85 27.68 -3.96
N ILE G 213 3.18 28.80 -4.12
CA ILE G 213 3.42 29.94 -3.27
C ILE G 213 2.34 30.00 -2.22
N ALA G 214 2.72 29.97 -0.95
CA ALA G 214 1.70 30.01 0.09
C ALA G 214 2.24 30.49 1.41
N LYS G 215 1.36 31.05 2.22
CA LYS G 215 1.75 31.44 3.56
C LYS G 215 1.65 30.18 4.39
N ARG G 216 2.67 29.84 5.15
CA ARG G 216 2.62 28.61 5.92
C ARG G 216 3.01 28.94 7.35
N PRO G 217 2.62 28.15 8.36
CA PRO G 217 3.05 28.32 9.71
C PRO G 217 4.55 28.19 9.73
N LYS G 218 5.23 28.93 10.60
CA LYS G 218 6.67 28.79 10.61
C LYS G 218 7.15 27.51 11.23
N VAL G 219 8.10 26.90 10.55
CA VAL G 219 8.79 25.73 11.05
C VAL G 219 10.27 26.05 10.98
N ARG G 220 10.96 26.00 12.09
CA ARG G 220 12.38 26.35 12.09
C ARG G 220 12.62 27.71 11.46
N ASP G 221 11.73 28.65 11.78
CA ASP G 221 11.75 30.04 11.31
C ASP G 221 11.49 30.26 9.83
N GLN G 222 11.08 29.24 9.08
CA GLN G 222 10.77 29.44 7.68
C GLN G 222 9.30 29.36 7.37
N GLU G 223 8.88 30.16 6.40
CA GLU G 223 7.51 30.13 5.88
C GLU G 223 7.42 29.38 4.55
N GLY G 224 8.55 29.22 3.87
CA GLY G 224 8.55 28.48 2.62
C GLY G 224 8.96 27.07 2.94
N ARG G 225 9.02 26.23 1.93
CA ARG G 225 9.41 24.84 2.10
C ARG G 225 10.29 24.32 0.97
N ILE G 226 11.14 23.35 1.25
CA ILE G 226 11.85 22.65 0.18
C ILE G 226 11.44 21.21 0.17
N ASN G 227 10.85 20.74 -0.91
CA ASN G 227 10.46 19.35 -0.89
C ASN G 227 11.62 18.55 -1.41
N TYR G 228 11.78 17.33 -0.90
CA TYR G 228 12.91 16.54 -1.34
C TYR G 228 12.44 15.34 -2.11
N TYR G 229 13.14 15.04 -3.17
CA TYR G 229 12.82 13.96 -4.06
C TYR G 229 14.03 13.11 -4.34
N TRP G 230 13.82 11.87 -4.71
CA TRP G 230 14.95 11.03 -5.05
C TRP G 230 14.59 9.97 -6.05
N THR G 231 15.62 9.46 -6.71
CA THR G 231 15.44 8.32 -7.60
C THR G 231 16.71 7.52 -7.69
N LEU G 232 16.58 6.25 -8.03
CA LEU G 232 17.75 5.41 -8.27
C LEU G 232 17.98 5.25 -9.73
N LEU G 233 19.13 5.70 -10.17
CA LEU G 233 19.48 5.67 -11.55
C LEU G 233 20.18 4.35 -11.82
N GLU G 234 19.67 3.57 -12.75
CA GLU G 234 20.22 2.27 -13.07
C GLU G 234 21.53 2.44 -13.81
N PRO G 235 22.46 1.48 -13.73
CA PRO G 235 23.70 1.50 -14.45
C PRO G 235 23.46 1.70 -15.92
N GLY G 236 24.19 2.62 -16.50
CA GLY G 236 24.10 2.93 -17.90
C GLY G 236 23.01 3.93 -18.26
N ASP G 237 22.16 4.32 -17.31
CA ASP G 237 21.10 5.25 -17.69
C ASP G 237 21.58 6.69 -17.58
N THR G 238 20.71 7.63 -17.93
CA THR G 238 20.99 9.05 -17.87
C THR G 238 19.91 9.81 -17.15
N ILE G 239 20.28 10.70 -16.25
CA ILE G 239 19.29 11.54 -15.59
C ILE G 239 19.46 12.95 -16.09
N ILE G 240 18.35 13.58 -16.48
CA ILE G 240 18.38 14.93 -17.01
C ILE G 240 17.55 15.88 -16.16
N PHE G 241 18.17 16.99 -15.77
CA PHE G 241 17.55 18.04 -15.00
C PHE G 241 17.36 19.31 -15.82
N GLU G 242 16.12 19.75 -15.98
CA GLU G 242 15.81 20.97 -16.71
C GLU G 242 15.03 21.90 -15.80
N ALA G 243 15.36 23.17 -15.75
CA ALA G 243 14.58 24.06 -14.89
C ALA G 243 14.74 25.53 -15.23
N ASN G 244 13.76 26.33 -14.87
CA ASN G 244 13.91 27.78 -15.04
C ASN G 244 13.73 28.49 -13.72
N GLY G 245 13.92 27.78 -12.64
CA GLY G 245 13.80 28.34 -11.32
C GLY G 245 13.42 27.28 -10.32
N ASN G 246 13.61 27.61 -9.06
CA ASN G 246 13.26 26.82 -7.89
C ASN G 246 13.92 25.45 -7.74
N LEU G 247 15.10 25.26 -8.30
CA LEU G 247 15.79 23.99 -8.17
C LEU G 247 16.90 23.98 -7.14
N ILE G 248 16.85 22.96 -6.29
CA ILE G 248 17.91 22.69 -5.34
C ILE G 248 18.60 21.51 -6.00
N ALA G 249 19.75 21.76 -6.57
CA ALA G 249 20.42 20.82 -7.43
C ALA G 249 21.10 19.74 -6.65
N PRO G 250 21.25 18.53 -7.17
CA PRO G 250 22.05 17.53 -6.54
C PRO G 250 23.45 18.03 -6.67
N TRP G 251 24.26 17.77 -5.68
CA TRP G 251 25.67 18.10 -5.71
C TRP G 251 26.42 16.80 -5.59
N TYR G 252 26.08 16.05 -4.56
CA TYR G 252 26.64 14.72 -4.33
C TYR G 252 25.60 13.67 -4.56
N ALA G 253 26.05 12.49 -4.94
CA ALA G 253 25.17 11.36 -5.21
C ALA G 253 25.84 10.10 -4.72
N PHE G 254 25.06 9.05 -4.50
CA PHE G 254 25.66 7.85 -3.94
C PHE G 254 25.62 6.63 -4.81
N ALA G 255 26.78 6.01 -5.04
CA ALA G 255 26.82 4.77 -5.81
C ALA G 255 26.67 3.63 -4.83
N LEU G 256 25.54 2.93 -4.89
CA LEU G 256 25.18 1.94 -3.89
C LEU G 256 25.60 0.52 -4.19
N SER G 257 25.92 -0.21 -3.13
CA SER G 257 26.24 -1.63 -3.19
C SER G 257 25.45 -2.34 -2.11
N ARG G 258 24.53 -3.20 -2.54
CA ARG G 258 23.62 -3.87 -1.63
C ARG G 258 24.17 -5.17 -1.07
N GLY G 259 23.77 -5.48 0.16
CA GLY G 259 24.16 -6.72 0.83
C GLY G 259 22.95 -7.37 1.47
N PHE G 260 23.21 -8.32 2.38
CA PHE G 260 22.11 -9.03 3.01
C PHE G 260 22.25 -9.09 4.52
N GLY G 261 21.10 -9.12 5.21
CA GLY G 261 21.04 -9.32 6.66
C GLY G 261 20.97 -8.04 7.48
N SER G 262 21.21 -6.90 6.86
CA SER G 262 21.18 -5.60 7.53
C SER G 262 19.76 -5.06 7.70
N GLY G 263 19.61 -4.02 8.51
CA GLY G 263 18.34 -3.36 8.76
C GLY G 263 18.55 -2.14 9.65
N ILE G 264 17.46 -1.45 10.02
CA ILE G 264 17.57 -0.26 10.87
C ILE G 264 16.94 -0.52 12.22
N ILE G 265 17.68 -0.25 13.28
CA ILE G 265 17.12 -0.38 14.62
C ILE G 265 17.20 0.94 15.34
N THR G 266 16.31 1.11 16.27
CA THR G 266 16.24 2.31 17.06
C THR G 266 16.73 1.99 18.45
N SER G 267 17.79 2.65 18.89
CA SER G 267 18.38 2.29 20.16
C SER G 267 19.25 3.34 20.83
N ASN G 268 19.20 3.39 22.17
CA ASN G 268 20.11 4.24 22.95
C ASN G 268 21.24 3.44 23.57
N ALA G 269 21.38 2.19 23.18
CA ALA G 269 22.43 1.35 23.70
C ALA G 269 23.75 1.91 23.19
N PRO G 270 24.85 1.87 23.97
CA PRO G 270 26.17 2.30 23.57
C PRO G 270 26.81 1.28 22.68
N MET G 271 27.71 1.71 21.83
CA MET G 271 28.52 0.79 21.04
C MET G 271 29.77 0.47 21.80
N ASP G 272 30.24 -0.76 21.67
CA ASP G 272 31.50 -1.12 22.31
C ASP G 272 32.29 -2.13 21.50
N GLU G 273 33.45 -2.48 22.01
CA GLU G 273 34.34 -3.42 21.37
C GLU G 273 33.93 -4.87 21.68
N CYS G 274 32.88 -5.33 20.98
CA CYS G 274 32.24 -6.63 21.15
C CYS G 274 31.72 -7.10 19.80
N ASP G 275 31.36 -8.37 19.74
CA ASP G 275 30.90 -8.98 18.51
C ASP G 275 29.86 -10.02 18.84
N ALA G 276 28.84 -10.11 18.00
CA ALA G 276 27.79 -11.09 18.19
C ALA G 276 27.20 -11.51 16.87
N LYS G 277 26.54 -12.65 16.84
CA LYS G 277 25.85 -13.02 15.62
C LYS G 277 24.39 -12.49 15.52
N CYS G 278 23.83 -11.94 16.64
CA CYS G 278 22.48 -11.42 16.82
C CYS G 278 22.52 -10.15 17.67
N GLN G 279 21.78 -9.15 17.21
CA GLN G 279 21.65 -7.87 17.88
C GLN G 279 20.21 -7.43 18.01
N THR G 280 19.80 -7.04 19.22
CA THR G 280 18.46 -6.51 19.35
C THR G 280 18.69 -5.05 19.75
N PRO G 281 17.70 -4.18 19.70
CA PRO G 281 17.74 -2.81 20.18
C PRO G 281 18.11 -2.68 21.66
N GLN G 282 17.95 -3.74 22.46
CA GLN G 282 18.28 -3.65 23.86
C GLN G 282 19.69 -4.08 24.14
N GLY G 283 20.35 -4.63 23.13
CA GLY G 283 21.68 -5.19 23.29
C GLY G 283 21.82 -6.52 22.55
N ALA G 284 23.07 -6.92 22.36
CA ALA G 284 23.44 -8.15 21.67
C ALA G 284 23.16 -9.44 22.42
N ILE G 285 22.85 -10.49 21.65
CA ILE G 285 22.60 -11.83 22.18
C ILE G 285 23.67 -12.84 21.80
N ASN G 286 24.19 -13.54 22.80
CA ASN G 286 25.20 -14.57 22.58
C ASN G 286 24.64 -15.93 23.03
N SER G 287 23.85 -16.57 22.17
CA SER G 287 23.15 -17.79 22.56
C SER G 287 22.78 -18.70 21.40
N SER G 288 22.70 -20.00 21.68
CA SER G 288 22.33 -21.04 20.71
C SER G 288 20.93 -21.64 20.91
N LEU G 289 20.14 -21.08 21.81
CA LEU G 289 18.82 -21.64 22.08
C LEU G 289 17.83 -21.28 20.97
N PRO G 290 16.80 -22.12 20.71
CA PRO G 290 15.79 -21.89 19.68
C PRO G 290 14.85 -20.73 19.91
N PHE G 291 14.67 -20.29 21.15
CA PHE G 291 13.75 -19.19 21.42
C PHE G 291 14.37 -18.14 22.29
N GLN G 292 13.83 -16.92 22.20
CA GLN G 292 14.21 -15.83 23.09
C GLN G 292 12.99 -15.03 23.49
N ASN G 293 13.06 -14.37 24.63
CA ASN G 293 11.97 -13.50 25.05
C ASN G 293 12.48 -12.09 25.35
N VAL G 294 13.55 -11.69 24.66
CA VAL G 294 14.16 -10.40 24.85
C VAL G 294 13.47 -9.33 24.02
N HIS G 295 13.33 -9.55 22.72
CA HIS G 295 12.73 -8.50 21.90
C HIS G 295 12.29 -9.03 20.51
N PRO G 296 11.12 -8.62 19.96
CA PRO G 296 10.63 -9.00 18.64
C PRO G 296 11.35 -8.47 17.40
N VAL G 297 12.14 -7.40 17.53
CA VAL G 297 12.83 -6.78 16.40
C VAL G 297 14.30 -7.09 16.40
N THR G 298 14.78 -7.85 15.42
CA THR G 298 16.18 -8.24 15.52
C THR G 298 16.95 -8.25 14.19
N ILE G 299 18.28 -8.12 14.32
CA ILE G 299 19.22 -8.24 13.22
C ILE G 299 20.26 -9.33 13.47
N GLY G 300 20.48 -10.20 12.49
CA GLY G 300 21.46 -11.27 12.63
C GLY G 300 20.78 -12.63 12.71
N GLU G 301 21.53 -13.62 13.17
CA GLU G 301 21.10 -15.00 13.29
C GLU G 301 20.58 -15.19 14.71
N CYS G 302 19.25 -15.04 14.92
CA CYS G 302 18.62 -14.93 16.23
C CYS G 302 17.72 -16.12 16.62
N PRO G 303 17.52 -16.37 17.91
CA PRO G 303 16.53 -17.26 18.46
C PRO G 303 15.19 -16.67 18.10
N LYS G 304 14.16 -17.48 17.99
CA LYS G 304 12.84 -16.97 17.65
C LYS G 304 12.14 -16.29 18.82
N TYR G 305 11.54 -15.13 18.59
CA TYR G 305 10.86 -14.46 19.69
C TYR G 305 9.50 -15.05 20.07
N VAL G 306 9.33 -15.32 21.38
CA VAL G 306 8.09 -15.79 21.99
C VAL G 306 7.74 -15.00 23.23
N ARG G 307 6.49 -15.07 23.66
CA ARG G 307 6.05 -14.38 24.87
C ARG G 307 6.19 -15.20 26.14
N SER G 308 6.71 -16.39 26.01
CA SER G 308 6.86 -17.33 27.08
C SER G 308 7.81 -16.81 28.15
N ALA G 309 7.51 -17.08 29.41
CA ALA G 309 8.43 -16.70 30.48
C ALA G 309 9.56 -17.71 30.59
N LYS G 310 9.22 -18.98 30.36
CA LYS G 310 10.17 -20.08 30.45
C LYS G 310 9.75 -21.24 29.58
N LEU G 311 10.73 -21.87 28.96
CA LEU G 311 10.53 -23.08 28.20
C LEU G 311 11.57 -24.08 28.64
N ARG G 312 11.30 -24.77 29.73
CA ARG G 312 12.30 -25.69 30.25
C ARG G 312 11.82 -27.10 30.06
N MET G 313 12.67 -27.87 29.42
CA MET G 313 12.41 -29.25 29.10
C MET G 313 13.18 -30.17 30.04
N VAL G 314 12.60 -31.29 30.41
CA VAL G 314 13.28 -32.22 31.31
C VAL G 314 14.03 -33.25 30.56
N THR G 315 15.25 -33.52 31.00
CA THR G 315 16.01 -34.56 30.36
C THR G 315 16.25 -35.71 31.32
N GLY G 316 16.25 -35.40 32.61
CA GLY G 316 16.54 -36.37 33.64
C GLY G 316 15.32 -37.00 34.24
N LEU G 317 15.47 -37.44 35.46
CA LEU G 317 14.48 -38.19 36.18
C LEU G 317 13.70 -37.32 37.11
N ARG G 318 12.57 -37.81 37.57
CA ARG G 318 11.86 -37.04 38.56
C ARG G 318 12.74 -37.04 39.81
N ASN G 319 12.98 -35.88 40.42
CA ASN G 319 13.91 -35.83 41.54
C ASN G 319 13.27 -36.07 42.89
N ILE G 320 12.87 -37.29 43.12
CA ILE G 320 12.28 -37.68 44.38
C ILE G 320 13.16 -38.71 45.03
N PRO G 321 14.02 -38.37 46.00
CA PRO G 321 14.92 -39.26 46.71
C PRO G 321 14.13 -40.06 47.74
N SER G 322 14.62 -41.28 48.10
CA SER G 322 14.17 -42.20 49.16
C SER G 322 14.50 -43.64 48.76
N GLN H 1 -37.21 46.33 -21.06
CA GLN H 1 -37.21 45.44 -19.92
C GLN H 1 -37.92 44.14 -20.35
N VAL H 2 -38.03 43.16 -19.43
CA VAL H 2 -38.73 41.88 -19.59
C VAL H 2 -40.15 42.02 -19.04
N GLN H 3 -41.17 41.58 -19.78
CA GLN H 3 -42.50 41.80 -19.25
C GLN H 3 -43.26 40.53 -18.91
N LEU H 4 -43.69 40.43 -17.67
CA LEU H 4 -44.50 39.31 -17.29
C LEU H 4 -45.94 39.72 -17.55
N VAL H 5 -46.70 38.83 -18.18
CA VAL H 5 -48.06 39.18 -18.55
C VAL H 5 -49.10 38.34 -17.86
N GLN H 6 -49.92 38.98 -17.06
CA GLN H 6 -50.94 38.27 -16.30
C GLN H 6 -52.32 38.40 -16.87
N SER H 7 -53.16 37.49 -16.44
CA SER H 7 -54.57 37.51 -16.75
C SER H 7 -55.21 38.71 -16.06
N GLY H 8 -56.44 39.04 -16.45
CA GLY H 8 -57.10 40.20 -15.89
C GLY H 8 -57.92 39.89 -14.66
N ALA H 9 -58.77 40.82 -14.29
CA ALA H 9 -59.57 40.66 -13.10
C ALA H 9 -60.62 39.57 -13.29
N GLN H 10 -60.90 38.87 -12.22
CA GLN H 10 -61.94 37.84 -12.22
C GLN H 10 -62.72 37.75 -10.91
N LEU H 11 -63.98 37.35 -11.03
CA LEU H 11 -64.86 37.16 -9.87
C LEU H 11 -65.15 35.69 -9.61
N ARG H 12 -64.91 35.27 -8.38
CA ARG H 12 -65.14 33.89 -7.98
C ARG H 12 -66.00 33.83 -6.73
N LYS H 13 -66.78 32.76 -6.58
CA LYS H 13 -67.60 32.61 -5.40
C LYS H 13 -66.89 31.81 -4.31
N PRO H 14 -67.20 32.01 -3.03
CA PRO H 14 -66.63 31.23 -1.96
C PRO H 14 -66.81 29.74 -2.20
N GLY H 15 -65.73 29.00 -1.97
CA GLY H 15 -65.65 27.56 -2.14
C GLY H 15 -65.06 27.14 -3.48
N SER H 16 -65.02 28.05 -4.45
CA SER H 16 -64.46 27.75 -5.78
C SER H 16 -62.96 27.99 -5.79
N SER H 17 -62.29 27.65 -6.90
CA SER H 17 -60.88 27.94 -7.03
C SER H 17 -60.65 29.00 -8.10
N VAL H 18 -59.51 29.67 -8.02
CA VAL H 18 -59.15 30.67 -9.03
C VAL H 18 -57.84 30.32 -9.68
N THR H 19 -57.77 30.44 -11.00
CA THR H 19 -56.51 30.22 -11.67
C THR H 19 -56.04 31.55 -12.23
N VAL H 20 -54.81 31.90 -11.93
CA VAL H 20 -54.18 33.11 -12.40
C VAL H 20 -52.97 32.72 -13.23
N SER H 21 -52.91 33.16 -14.48
CA SER H 21 -51.78 32.83 -15.34
C SER H 21 -50.77 33.98 -15.39
N CYS H 22 -49.51 33.66 -15.79
CA CYS H 22 -48.39 34.58 -16.01
C CYS H 22 -47.49 34.10 -17.16
N LYS H 23 -47.59 34.80 -18.29
CA LYS H 23 -46.84 34.45 -19.48
C LYS H 23 -45.53 35.22 -19.52
N ALA H 24 -44.49 34.54 -19.96
CA ALA H 24 -43.18 35.13 -20.10
C ALA H 24 -42.95 35.76 -21.49
N SER H 25 -42.87 37.11 -21.58
CA SER H 25 -42.73 37.81 -22.86
C SER H 25 -41.48 38.70 -22.90
N GLY H 26 -40.53 38.29 -23.75
CA GLY H 26 -39.24 38.97 -23.82
C GLY H 26 -38.27 38.39 -22.79
N ASP H 27 -38.75 37.37 -22.09
CA ASP H 27 -38.01 36.69 -21.04
C ASP H 27 -37.02 35.66 -21.46
N THR H 28 -37.32 34.94 -22.54
CA THR H 28 -36.59 33.75 -22.92
C THR H 28 -36.92 32.78 -21.82
N PHE H 29 -38.05 32.06 -21.93
CA PHE H 29 -38.41 31.20 -20.81
C PHE H 29 -37.19 30.31 -20.68
N ASN H 30 -36.64 30.30 -19.49
CA ASN H 30 -35.35 29.71 -19.21
C ASN H 30 -35.25 29.43 -17.74
N SER H 31 -34.09 28.99 -17.34
CA SER H 31 -33.78 28.58 -16.01
C SER H 31 -33.77 29.71 -14.95
N TYR H 32 -34.96 30.21 -14.65
CA TYR H 32 -35.19 31.25 -13.64
C TYR H 32 -36.49 30.93 -12.94
N SER H 33 -36.65 31.40 -11.70
CA SER H 33 -37.91 31.15 -11.00
C SER H 33 -38.96 32.23 -11.18
N ILE H 34 -40.22 31.80 -11.03
CA ILE H 34 -41.40 32.65 -11.04
C ILE H 34 -42.11 32.51 -9.70
N HIS H 35 -42.35 33.64 -9.06
CA HIS H 35 -42.95 33.70 -7.74
C HIS H 35 -44.30 34.35 -7.75
N TRP H 36 -45.15 33.89 -6.86
CA TRP H 36 -46.44 34.49 -6.67
C TRP H 36 -46.49 35.23 -5.35
N VAL H 37 -46.92 36.49 -5.44
CA VAL H 37 -47.04 37.45 -4.34
C VAL H 37 -48.47 38.02 -4.30
N ARG H 38 -49.10 37.99 -3.15
CA ARG H 38 -50.46 38.50 -3.01
C ARG H 38 -50.52 39.81 -2.23
N GLN H 39 -51.43 40.71 -2.62
CA GLN H 39 -51.63 41.93 -1.85
C GLN H 39 -53.10 42.31 -1.68
N ALA H 40 -53.65 42.05 -0.51
CA ALA H 40 -55.06 42.34 -0.25
C ALA H 40 -55.21 43.85 -0.29
N PRO H 41 -56.37 44.43 -0.64
CA PRO H 41 -56.52 45.85 -0.68
C PRO H 41 -56.18 46.46 0.67
N GLY H 42 -55.35 47.49 0.66
CA GLY H 42 -54.96 48.19 1.88
C GLY H 42 -53.84 47.50 2.66
N GLN H 43 -53.37 46.36 2.19
CA GLN H 43 -52.35 45.59 2.88
C GLN H 43 -51.00 45.60 2.20
N GLY H 44 -50.01 44.96 2.84
CA GLY H 44 -48.67 44.85 2.31
C GLY H 44 -48.54 43.58 1.48
N LEU H 45 -47.32 43.17 1.19
CA LEU H 45 -47.09 42.03 0.31
C LEU H 45 -46.93 40.72 1.07
N GLU H 46 -47.51 39.64 0.52
CA GLU H 46 -47.38 38.31 1.10
C GLU H 46 -46.87 37.31 0.05
N TRP H 47 -45.87 36.52 0.37
CA TRP H 47 -45.38 35.57 -0.60
C TRP H 47 -46.23 34.30 -0.52
N MET H 48 -46.64 33.75 -1.65
CA MET H 48 -47.47 32.55 -1.61
C MET H 48 -46.70 31.31 -1.97
N GLY H 49 -45.80 31.44 -2.94
CA GLY H 49 -45.05 30.29 -3.43
C GLY H 49 -44.27 30.57 -4.69
N ARG H 50 -43.47 29.59 -5.12
CA ARG H 50 -42.65 29.72 -6.30
C ARG H 50 -42.50 28.44 -7.11
N ILE H 51 -42.17 28.61 -8.39
CA ILE H 51 -41.83 27.50 -9.28
C ILE H 51 -40.55 27.76 -10.07
N ILE H 52 -39.79 26.70 -10.30
CA ILE H 52 -38.65 26.74 -11.19
C ILE H 52 -38.97 25.79 -12.33
N PRO H 53 -39.50 26.27 -13.47
CA PRO H 53 -39.99 25.51 -14.60
C PRO H 53 -38.99 24.56 -15.25
N VAL H 54 -37.69 24.81 -15.09
CA VAL H 54 -36.74 23.90 -15.71
C VAL H 54 -36.50 22.65 -14.89
N PHE H 55 -36.85 22.67 -13.60
CA PHE H 55 -36.68 21.48 -12.80
C PHE H 55 -38.06 20.94 -12.46
N GLY H 56 -39.08 21.79 -12.55
CA GLY H 56 -40.43 21.39 -12.20
C GLY H 56 -40.60 21.38 -10.69
N MET H 57 -39.83 22.21 -10.00
CA MET H 57 -39.92 22.22 -8.56
C MET H 57 -40.68 23.39 -8.03
N THR H 58 -41.47 23.15 -7.00
CA THR H 58 -42.20 24.22 -6.37
C THR H 58 -41.97 24.24 -4.88
N HIS H 59 -42.32 25.37 -4.29
CA HIS H 59 -42.22 25.56 -2.85
C HIS H 59 -43.29 26.53 -2.42
N TYR H 60 -43.95 26.26 -1.29
CA TYR H 60 -45.06 27.11 -0.89
C TYR H 60 -44.97 27.60 0.54
N ALA H 61 -45.57 28.75 0.77
CA ALA H 61 -45.67 29.30 2.11
C ALA H 61 -46.58 28.39 2.92
N GLN H 62 -46.30 28.28 4.21
CA GLN H 62 -47.05 27.40 5.10
C GLN H 62 -48.54 27.71 5.15
N ARG H 63 -48.91 28.97 4.99
CA ARG H 63 -50.29 29.41 5.03
C ARG H 63 -51.14 28.93 3.86
N PHE H 64 -50.49 28.59 2.76
CA PHE H 64 -51.24 28.18 1.59
C PHE H 64 -51.07 26.70 1.30
N ARG H 65 -50.14 26.03 1.97
CA ARG H 65 -49.98 24.62 1.66
C ARG H 65 -51.32 23.91 1.85
N GLY H 66 -51.67 23.11 0.86
CA GLY H 66 -52.92 22.35 0.82
C GLY H 66 -54.01 23.07 0.00
N ARG H 67 -53.81 24.36 -0.25
CA ARG H 67 -54.73 25.20 -1.03
C ARG H 67 -54.10 25.67 -2.33
N ILE H 68 -52.78 25.79 -2.36
CA ILE H 68 -52.09 26.33 -3.53
C ILE H 68 -51.36 25.30 -4.37
N THR H 69 -51.58 25.40 -5.68
CA THR H 69 -50.87 24.60 -6.65
C THR H 69 -50.21 25.51 -7.67
N VAL H 70 -48.94 25.27 -7.93
CA VAL H 70 -48.24 26.04 -8.95
C VAL H 70 -47.66 25.08 -9.95
N SER H 71 -47.80 25.40 -11.22
CA SER H 71 -47.32 24.58 -12.30
C SER H 71 -46.91 25.44 -13.47
N ALA H 72 -46.22 24.87 -14.43
CA ALA H 72 -45.84 25.62 -15.60
C ALA H 72 -45.75 24.70 -16.79
N ASP H 73 -45.94 25.27 -17.97
CA ASP H 73 -45.82 24.54 -19.22
C ASP H 73 -45.00 25.36 -20.18
N LYS H 74 -43.77 24.92 -20.38
CA LYS H 74 -42.81 25.65 -21.18
C LYS H 74 -43.22 25.81 -22.63
N SER H 75 -44.13 24.98 -23.13
CA SER H 75 -44.50 25.08 -24.54
C SER H 75 -45.24 26.37 -24.88
N THR H 76 -45.82 27.02 -23.86
CA THR H 76 -46.53 28.27 -24.04
C THR H 76 -45.86 29.36 -23.21
N ARG H 77 -44.70 29.02 -22.65
CA ARG H 77 -43.91 29.86 -21.76
C ARG H 77 -44.78 30.43 -20.64
N THR H 78 -45.65 29.61 -20.06
CA THR H 78 -46.56 30.14 -19.05
C THR H 78 -46.61 29.41 -17.72
N ALA H 79 -46.60 30.22 -16.66
CA ALA H 79 -46.74 29.73 -15.30
C ALA H 79 -48.18 29.94 -14.85
N TYR H 80 -48.67 29.01 -14.04
CA TYR H 80 -50.01 29.12 -13.53
C TYR H 80 -50.04 28.92 -12.03
N MET H 81 -50.94 29.63 -11.37
CA MET H 81 -51.15 29.40 -9.95
C MET H 81 -52.63 29.19 -9.73
N GLU H 82 -52.97 28.22 -8.89
CA GLU H 82 -54.34 27.96 -8.54
C GLU H 82 -54.52 27.98 -7.05
N LEU H 83 -55.50 28.73 -6.57
CA LEU H 83 -55.79 28.77 -5.15
C LEU H 83 -57.20 28.22 -4.96
N THR H 84 -57.33 27.16 -4.16
CA THR H 84 -58.62 26.51 -3.94
C THR H 84 -59.29 26.93 -2.64
N SER H 85 -60.57 26.55 -2.51
CA SER H 85 -61.38 26.81 -1.33
C SER H 85 -61.35 28.28 -0.93
N LEU H 86 -61.66 29.15 -1.88
CA LEU H 86 -61.62 30.59 -1.70
C LEU H 86 -62.65 31.12 -0.74
N THR H 87 -62.24 32.15 -0.02
CA THR H 87 -63.10 32.91 0.87
C THR H 87 -62.98 34.40 0.60
N SER H 88 -63.78 35.21 1.28
CA SER H 88 -63.75 36.66 1.03
C SER H 88 -62.42 37.31 1.43
N ALA H 89 -61.69 36.66 2.32
CA ALA H 89 -60.39 37.12 2.82
C ALA H 89 -59.31 36.95 1.76
N ASP H 90 -59.62 36.25 0.67
CA ASP H 90 -58.66 36.01 -0.37
C ASP H 90 -58.77 37.07 -1.46
N THR H 91 -59.63 38.08 -1.26
CA THR H 91 -59.68 39.12 -2.26
C THR H 91 -58.33 39.79 -2.21
N ALA H 92 -57.69 39.88 -3.35
CA ALA H 92 -56.37 40.47 -3.42
C ALA H 92 -55.90 40.68 -4.81
N MET H 93 -54.89 41.49 -4.95
CA MET H 93 -54.23 41.59 -6.23
C MET H 93 -53.21 40.46 -6.26
N TYR H 94 -53.20 39.67 -7.32
CA TYR H 94 -52.24 38.58 -7.41
C TYR H 94 -51.16 38.87 -8.43
N TYR H 95 -49.94 39.03 -7.95
CA TYR H 95 -48.84 39.39 -8.83
C TYR H 95 -47.94 38.21 -9.07
N CYS H 96 -47.38 38.10 -10.29
CA CYS H 96 -46.32 37.16 -10.59
C CYS H 96 -45.03 37.98 -10.64
N ALA H 97 -43.93 37.35 -10.28
CA ALA H 97 -42.67 38.04 -10.35
C ALA H 97 -41.53 37.13 -10.73
N ARG H 98 -40.56 37.71 -11.41
CA ARG H 98 -39.36 37.03 -11.84
C ARG H 98 -38.16 37.44 -11.04
N ASP H 99 -37.41 36.43 -10.60
CA ASP H 99 -36.22 36.71 -9.82
C ASP H 99 -35.04 37.05 -10.74
N GLY H 100 -33.89 37.36 -10.16
CA GLY H 100 -32.71 37.71 -10.93
C GLY H 100 -31.51 37.33 -10.13
N GLY H 101 -31.79 36.84 -8.94
CA GLY H 101 -30.76 36.38 -8.01
C GLY H 101 -30.51 34.88 -8.07
N ASP H 102 -31.16 34.19 -9.00
CA ASP H 102 -31.02 32.75 -9.09
C ASP H 102 -30.16 32.30 -10.27
N LYS H 103 -30.59 32.52 -11.51
CA LYS H 103 -29.82 32.11 -12.67
C LYS H 103 -29.41 30.65 -12.60
N PHE H 104 -30.38 29.76 -12.80
CA PHE H 104 -30.17 28.34 -12.66
C PHE H 104 -29.52 27.83 -13.94
N HIS H 105 -28.82 26.72 -13.82
CA HIS H 105 -28.20 26.13 -15.01
C HIS H 105 -28.96 24.87 -15.35
N SER H 106 -28.97 24.51 -16.63
CA SER H 106 -29.65 23.29 -17.08
C SER H 106 -28.78 22.05 -16.91
N SER H 107 -28.45 21.78 -15.67
CA SER H 107 -27.62 20.66 -15.23
C SER H 107 -28.21 20.18 -13.92
N GLY H 108 -27.67 20.63 -12.79
CA GLY H 108 -28.22 20.29 -11.48
C GLY H 108 -28.82 21.53 -10.81
N HIS H 109 -29.25 21.39 -9.57
CA HIS H 109 -29.88 22.49 -8.86
C HIS H 109 -29.08 23.06 -7.72
N PHE H 110 -28.89 24.37 -7.76
CA PHE H 110 -28.20 25.12 -6.74
C PHE H 110 -28.86 26.47 -6.52
N GLU H 111 -29.06 26.83 -5.26
CA GLU H 111 -29.65 28.11 -4.86
C GLU H 111 -28.84 28.76 -3.81
N THR H 112 -28.91 30.07 -3.73
CA THR H 112 -28.30 30.78 -2.63
C THR H 112 -29.35 31.24 -1.65
N ASN H 113 -30.61 30.90 -1.96
CA ASN H 113 -31.77 31.26 -1.17
C ASN H 113 -31.88 32.77 -0.98
N GLN H 114 -31.45 33.52 -1.99
CA GLN H 114 -31.51 34.95 -1.96
C GLN H 114 -32.02 35.39 -3.27
N GLY H 115 -32.70 36.50 -3.29
CA GLY H 115 -33.20 36.98 -4.53
C GLY H 115 -34.03 38.21 -4.34
N TYR H 116 -34.55 38.66 -5.44
CA TYR H 116 -35.35 39.85 -5.53
C TYR H 116 -36.20 39.80 -6.73
N PHE H 117 -37.25 40.56 -6.73
CA PHE H 117 -38.10 40.56 -7.88
C PHE H 117 -37.74 41.68 -8.80
N ASP H 118 -37.06 41.25 -9.87
CA ASP H 118 -36.46 42.09 -10.88
C ASP H 118 -37.55 42.60 -11.79
N HIS H 119 -38.50 41.72 -12.08
CA HIS H 119 -39.62 42.08 -12.95
C HIS H 119 -40.92 41.59 -12.36
N TRP H 120 -41.96 42.40 -12.50
CA TRP H 120 -43.28 42.08 -11.99
C TRP H 120 -44.33 42.13 -13.08
N GLY H 121 -45.37 41.31 -12.93
CA GLY H 121 -46.49 41.38 -13.85
C GLY H 121 -47.34 42.55 -13.39
N GLN H 122 -48.42 42.85 -14.11
CA GLN H 122 -49.22 44.00 -13.72
C GLN H 122 -50.14 43.73 -12.53
N GLY H 123 -50.42 42.47 -12.24
CA GLY H 123 -51.32 42.09 -11.16
C GLY H 123 -52.72 41.73 -11.67
N ALA H 124 -53.18 40.53 -11.32
CA ALA H 124 -54.50 40.06 -11.69
C ALA H 124 -55.42 40.19 -10.49
N LEU H 125 -56.45 41.01 -10.57
CA LEU H 125 -57.29 41.17 -9.39
C LEU H 125 -58.31 40.08 -9.23
N VAL H 126 -58.33 39.46 -8.07
CA VAL H 126 -59.32 38.42 -7.83
C VAL H 126 -60.21 38.84 -6.71
N THR H 127 -61.50 38.85 -6.98
CA THR H 127 -62.50 39.22 -6.00
C THR H 127 -63.31 38.03 -5.61
N VAL H 128 -63.46 37.82 -4.31
CA VAL H 128 -64.26 36.69 -3.88
C VAL H 128 -65.47 37.19 -3.13
N SER H 129 -66.64 36.85 -3.64
CA SER H 129 -67.91 37.30 -3.08
C SER H 129 -69.06 36.40 -3.56
N SER H 130 -70.25 36.51 -2.93
CA SER H 130 -71.47 35.76 -3.27
C SER H 130 -72.13 36.23 -4.59
N GLY I 1 4.18 -41.09 36.25
CA GLY I 1 3.98 -41.63 34.93
C GLY I 1 2.91 -42.74 34.97
N LEU I 2 2.65 -43.37 33.81
CA LEU I 2 1.64 -44.45 33.63
C LEU I 2 2.14 -45.87 33.81
N PHE I 3 3.42 -46.06 34.15
CA PHE I 3 3.94 -47.41 34.35
C PHE I 3 4.00 -47.70 35.88
N GLY I 4 4.07 -46.63 36.69
CA GLY I 4 4.01 -46.73 38.16
C GLY I 4 5.30 -47.10 38.92
N ALA I 5 6.46 -46.77 38.37
CA ALA I 5 7.72 -47.09 39.03
C ALA I 5 8.26 -45.94 39.85
N ILE I 6 8.13 -44.73 39.33
CA ILE I 6 8.76 -43.59 39.97
C ILE I 6 7.89 -43.11 41.10
N ALA I 7 8.44 -43.28 42.32
CA ALA I 7 7.79 -43.02 43.59
C ALA I 7 6.52 -43.88 43.69
N GLY I 8 6.59 -45.06 43.05
CA GLY I 8 5.55 -46.08 43.01
C GLY I 8 6.11 -47.34 43.65
N PHE I 9 6.40 -48.37 42.85
CA PHE I 9 6.99 -49.55 43.47
C PHE I 9 8.36 -49.21 44.05
N ILE I 10 9.04 -48.19 43.50
CA ILE I 10 10.31 -47.75 44.02
C ILE I 10 9.95 -46.57 44.91
N GLU I 11 10.34 -46.59 46.18
CA GLU I 11 9.96 -45.54 47.11
C GLU I 11 10.47 -44.16 46.70
N GLY I 12 11.65 -44.10 46.13
CA GLY I 12 12.28 -42.88 45.67
C GLY I 12 13.65 -43.24 45.17
N GLY I 13 14.34 -42.29 44.59
CA GLY I 13 15.64 -42.56 44.04
C GLY I 13 16.78 -42.56 45.05
N TRP I 14 17.92 -42.91 44.51
CA TRP I 14 19.13 -43.07 45.23
C TRP I 14 20.11 -41.95 45.04
N THR I 15 20.39 -41.24 46.11
CA THR I 15 21.32 -40.13 46.04
C THR I 15 22.74 -40.65 46.12
N GLY I 16 22.84 -41.94 46.45
CA GLY I 16 24.10 -42.65 46.56
C GLY I 16 24.52 -43.28 45.23
N MET I 17 23.73 -43.13 44.18
CA MET I 17 24.13 -43.72 42.91
C MET I 17 24.55 -42.55 42.05
N VAL I 18 25.77 -42.58 41.54
CA VAL I 18 26.24 -41.40 40.80
C VAL I 18 26.74 -41.64 39.38
N ASP I 19 26.76 -42.88 38.93
CA ASP I 19 27.30 -43.24 37.62
C ASP I 19 26.26 -43.52 36.54
N GLY I 20 25.02 -43.08 36.72
CA GLY I 20 24.00 -43.32 35.72
C GLY I 20 22.63 -42.93 36.22
N TRP I 21 21.60 -43.31 35.47
CA TRP I 21 20.22 -42.98 35.81
C TRP I 21 19.51 -44.17 36.37
N TYR I 22 19.74 -45.32 35.77
CA TYR I 22 19.07 -46.51 36.21
C TYR I 22 20.08 -47.43 36.73
N GLY I 23 19.72 -48.22 37.72
CA GLY I 23 20.72 -49.11 38.26
C GLY I 23 20.24 -50.01 39.36
N TYR I 24 21.23 -50.59 40.01
CA TYR I 24 21.05 -51.56 41.03
C TYR I 24 21.73 -51.23 42.34
N HIS I 25 21.18 -51.75 43.40
CA HIS I 25 21.78 -51.71 44.73
C HIS I 25 21.84 -53.11 45.24
N HIS I 26 22.93 -53.48 45.90
CA HIS I 26 22.96 -54.83 46.40
C HIS I 26 23.60 -54.95 47.74
N GLN I 27 23.27 -56.04 48.41
CA GLN I 27 23.91 -56.41 49.65
C GLN I 27 24.05 -57.92 49.80
N ASN I 28 25.26 -58.35 50.14
CA ASN I 28 25.57 -59.76 50.39
C ASN I 28 26.73 -59.81 51.40
N GLU I 29 27.23 -61.00 51.71
CA GLU I 29 28.29 -61.14 52.72
C GLU I 29 29.62 -60.48 52.35
N GLN I 30 29.85 -60.24 51.07
CA GLN I 30 31.10 -59.67 50.60
C GLN I 30 31.05 -58.14 50.49
N GLY I 31 29.90 -57.53 50.77
CA GLY I 31 29.81 -56.08 50.65
C GLY I 31 28.46 -55.58 50.13
N SER I 32 28.41 -54.29 49.88
CA SER I 32 27.19 -53.66 49.42
C SER I 32 27.52 -52.39 48.66
N GLY I 33 26.53 -51.88 47.94
CA GLY I 33 26.73 -50.62 47.24
C GLY I 33 25.80 -50.42 46.07
N TYR I 34 26.05 -49.35 45.32
CA TYR I 34 25.23 -48.99 44.19
C TYR I 34 26.06 -49.09 42.93
N ALA I 35 25.42 -49.45 41.84
CA ALA I 35 26.07 -49.44 40.52
C ALA I 35 25.05 -49.17 39.45
N ALA I 36 25.39 -48.35 38.47
CA ALA I 36 24.45 -48.08 37.41
C ALA I 36 24.44 -49.17 36.37
N ASP I 37 23.30 -49.28 35.72
CA ASP I 37 23.10 -50.11 34.57
C ASP I 37 23.46 -49.28 33.38
N GLN I 38 24.68 -49.46 32.86
CA GLN I 38 25.16 -48.58 31.83
C GLN I 38 24.43 -48.75 30.52
N LYS I 39 23.98 -49.96 30.21
CA LYS I 39 23.29 -50.13 28.94
C LYS I 39 21.95 -49.42 28.97
N SER I 40 21.21 -49.58 30.08
CA SER I 40 19.90 -48.95 30.17
C SER I 40 20.05 -47.44 30.19
N THR I 41 21.00 -46.94 30.98
CA THR I 41 21.19 -45.51 31.07
C THR I 41 21.62 -44.91 29.77
N GLN I 42 22.57 -45.52 29.07
CA GLN I 42 23.00 -44.89 27.85
C GLN I 42 21.91 -44.89 26.81
N ASN I 43 21.09 -45.92 26.73
CA ASN I 43 20.05 -45.88 25.73
C ASN I 43 19.05 -44.79 26.06
N ALA I 44 18.75 -44.61 27.36
CA ALA I 44 17.82 -43.57 27.76
C ALA I 44 18.37 -42.20 27.41
N ILE I 45 19.67 -42.01 27.59
CA ILE I 45 20.30 -40.75 27.25
C ILE I 45 20.24 -40.49 25.79
N ASN I 46 20.56 -41.48 24.97
CA ASN I 46 20.58 -41.23 23.54
C ASN I 46 19.20 -40.85 23.04
N GLY I 47 18.16 -41.50 23.57
CA GLY I 47 16.79 -41.21 23.16
C GLY I 47 16.43 -39.77 23.48
N ILE I 48 16.69 -39.38 24.71
CA ILE I 48 16.36 -38.04 25.15
C ILE I 48 17.17 -36.99 24.45
N THR I 49 18.46 -37.24 24.25
CA THR I 49 19.30 -36.29 23.57
C THR I 49 18.76 -36.06 22.18
N ASN I 50 18.36 -37.13 21.47
CA ASN I 50 17.82 -36.94 20.15
C ASN I 50 16.53 -36.15 20.19
N LYS I 51 15.70 -36.36 21.19
CA LYS I 51 14.44 -35.64 21.33
C LYS I 51 14.65 -34.15 21.54
N VAL I 52 15.58 -33.79 22.42
CA VAL I 52 15.84 -32.40 22.70
C VAL I 52 16.42 -31.73 21.49
N ASN I 53 17.37 -32.39 20.86
CA ASN I 53 17.99 -31.80 19.70
C ASN I 53 17.00 -31.72 18.57
N SER I 54 16.06 -32.64 18.45
CA SER I 54 15.08 -32.54 17.38
C SER I 54 14.26 -31.28 17.55
N VAL I 55 13.82 -31.00 18.76
CA VAL I 55 13.00 -29.80 18.98
C VAL I 55 13.75 -28.53 18.61
N ILE I 56 15.04 -28.47 18.96
CA ILE I 56 15.88 -27.30 18.67
C ILE I 56 16.34 -27.22 17.21
N GLU I 57 16.86 -28.31 16.67
CA GLU I 57 17.43 -28.39 15.34
C GLU I 57 16.41 -28.25 14.23
N LYS I 58 15.17 -28.61 14.50
CA LYS I 58 14.16 -28.47 13.46
C LYS I 58 13.66 -27.05 13.37
N MET I 59 14.08 -26.19 14.29
CA MET I 59 13.66 -24.82 14.26
C MET I 59 14.60 -24.05 13.35
N ASN I 60 14.05 -23.18 12.52
CA ASN I 60 14.89 -22.36 11.69
C ASN I 60 15.37 -21.15 12.44
N THR I 61 16.49 -20.63 12.00
CA THR I 61 17.08 -19.42 12.52
C THR I 61 16.15 -18.26 12.26
N GLN I 62 16.01 -17.35 13.22
CA GLN I 62 15.21 -16.18 12.94
C GLN I 62 16.11 -15.25 12.18
N PHE I 63 15.69 -14.91 10.98
CA PHE I 63 16.46 -14.08 10.09
C PHE I 63 16.05 -12.66 10.29
N THR I 64 16.92 -11.75 9.91
CA THR I 64 16.64 -10.36 10.14
C THR I 64 15.27 -9.97 9.66
N ALA I 65 14.58 -9.34 10.58
CA ALA I 65 13.26 -8.84 10.39
C ALA I 65 13.08 -7.75 11.39
N VAL I 66 12.71 -6.60 10.90
CA VAL I 66 12.53 -5.45 11.72
C VAL I 66 11.17 -4.85 11.40
N GLY I 67 10.73 -3.87 12.15
CA GLY I 67 9.44 -3.31 11.84
C GLY I 67 9.64 -2.39 10.65
N LYS I 68 8.56 -1.78 10.19
CA LYS I 68 8.64 -0.91 9.03
C LYS I 68 8.02 0.40 9.37
N GLU I 69 8.56 1.46 8.83
CA GLU I 69 7.96 2.75 9.02
C GLU I 69 6.82 2.94 8.07
N PHE I 70 5.77 3.58 8.57
CA PHE I 70 4.63 3.94 7.76
C PHE I 70 4.32 5.39 8.04
N ASN I 71 3.76 6.10 7.07
CA ASN I 71 3.43 7.48 7.31
C ASN I 71 2.03 7.58 7.89
N LYS I 72 1.55 8.77 8.14
CA LYS I 72 0.28 8.94 8.80
C LYS I 72 -0.94 8.52 7.98
N LEU I 73 -0.78 8.36 6.68
CA LEU I 73 -1.87 7.95 5.81
C LEU I 73 -1.74 6.50 5.41
N GLU I 74 -0.88 5.77 6.09
CA GLU I 74 -0.67 4.38 5.84
C GLU I 74 -1.03 3.53 7.05
N ARG I 75 -2.01 3.95 7.83
CA ARG I 75 -2.41 3.24 9.03
C ARG I 75 -2.98 1.89 8.68
N ARG I 76 -3.68 1.76 7.57
CA ARG I 76 -4.19 0.43 7.28
C ARG I 76 -3.06 -0.56 7.06
N MET I 77 -1.95 -0.10 6.47
CA MET I 77 -0.85 -1.00 6.21
C MET I 77 -0.06 -1.24 7.46
N GLU I 78 0.02 -0.25 8.33
CA GLU I 78 0.72 -0.41 9.57
C GLU I 78 0.00 -1.44 10.41
N ASN I 79 -1.32 -1.38 10.41
CA ASN I 79 -2.11 -2.31 11.16
C ASN I 79 -2.02 -3.71 10.56
N LEU I 80 -1.87 -3.83 9.25
CA LEU I 80 -1.69 -5.15 8.65
C LEU I 80 -0.35 -5.71 9.04
N ASN I 81 0.69 -4.88 9.03
CA ASN I 81 2.00 -5.33 9.40
C ASN I 81 1.98 -5.85 10.83
N LYS I 82 1.32 -5.11 11.72
CA LYS I 82 1.22 -5.53 13.10
C LYS I 82 0.44 -6.81 13.21
N LYS I 83 -0.67 -6.94 12.50
CA LYS I 83 -1.47 -8.14 12.58
C LYS I 83 -0.66 -9.37 12.23
N VAL I 84 0.20 -9.25 11.21
CA VAL I 84 1.03 -10.36 10.81
C VAL I 84 1.99 -10.72 11.93
N ASP I 85 2.64 -9.73 12.54
CA ASP I 85 3.57 -10.03 13.63
C ASP I 85 2.89 -10.60 14.85
N ASP I 86 1.71 -10.12 15.20
CA ASP I 86 1.04 -10.61 16.38
C ASP I 86 0.55 -12.01 16.15
N GLY I 87 0.07 -12.30 14.94
CA GLY I 87 -0.42 -13.62 14.62
C GLY I 87 0.70 -14.63 14.69
N PHE I 88 1.86 -14.29 14.14
CA PHE I 88 2.95 -15.24 14.18
C PHE I 88 3.45 -15.43 15.59
N LEU I 89 3.47 -14.37 16.40
CA LEU I 89 3.91 -14.51 17.76
C LEU I 89 2.97 -15.40 18.56
N ASP I 90 1.67 -15.25 18.35
CA ASP I 90 0.68 -16.04 19.05
C ASP I 90 0.78 -17.51 18.67
N ILE I 91 1.02 -17.79 17.39
CA ILE I 91 1.17 -19.17 16.96
C ILE I 91 2.40 -19.81 17.55
N TRP I 92 3.52 -19.12 17.49
CA TRP I 92 4.73 -19.72 18.01
C TRP I 92 4.76 -19.82 19.51
N THR I 93 4.15 -18.88 20.22
CA THR I 93 4.15 -18.98 21.66
C THR I 93 3.31 -20.16 22.08
N TYR I 94 2.11 -20.29 21.49
CA TYR I 94 1.22 -21.37 21.87
C TYR I 94 1.87 -22.69 21.58
N ASN I 95 2.47 -22.83 20.39
CA ASN I 95 3.08 -24.09 20.05
C ASN I 95 4.30 -24.38 20.88
N ALA I 96 5.12 -23.39 21.18
CA ALA I 96 6.31 -23.65 21.96
C ALA I 96 5.98 -24.11 23.36
N GLU I 97 5.00 -23.48 23.99
CA GLU I 97 4.70 -23.86 25.35
C GLU I 97 4.01 -25.18 25.40
N LEU I 98 3.08 -25.42 24.49
CA LEU I 98 2.35 -26.65 24.54
C LEU I 98 3.23 -27.81 24.17
N LEU I 99 4.14 -27.64 23.20
CA LEU I 99 5.05 -28.70 22.83
C LEU I 99 5.90 -29.10 24.00
N VAL I 100 6.46 -28.13 24.72
CA VAL I 100 7.30 -28.47 25.83
C VAL I 100 6.51 -29.22 26.88
N LEU I 101 5.28 -28.79 27.18
CA LEU I 101 4.52 -29.50 28.20
C LEU I 101 4.22 -30.93 27.80
N LEU I 102 3.87 -31.14 26.53
CA LEU I 102 3.53 -32.47 26.08
C LEU I 102 4.75 -33.38 26.10
N GLU I 103 5.90 -32.85 25.70
CA GLU I 103 7.11 -33.63 25.69
C GLU I 103 7.66 -33.89 27.08
N ASN I 104 7.49 -32.95 28.02
CA ASN I 104 7.97 -33.23 29.36
C ASN I 104 7.19 -34.37 29.96
N GLU I 105 5.89 -34.44 29.66
CA GLU I 105 5.11 -35.54 30.22
C GLU I 105 5.56 -36.86 29.62
N ARG I 106 5.85 -36.87 28.32
CA ARG I 106 6.27 -38.11 27.69
C ARG I 106 7.63 -38.56 28.19
N THR I 107 8.53 -37.61 28.47
CA THR I 107 9.86 -37.96 28.97
C THR I 107 9.75 -38.64 30.31
N LEU I 108 8.89 -38.14 31.17
CA LEU I 108 8.78 -38.78 32.45
C LEU I 108 8.18 -40.19 32.31
N ASP I 109 7.24 -40.42 31.38
CA ASP I 109 6.73 -41.79 31.15
C ASP I 109 7.81 -42.70 30.57
N PHE I 110 8.68 -42.15 29.74
CA PHE I 110 9.79 -42.86 29.15
C PHE I 110 10.65 -43.44 30.25
N HIS I 111 11.00 -42.58 31.20
CA HIS I 111 11.84 -42.98 32.31
C HIS I 111 11.14 -43.95 33.24
N ASP I 112 9.84 -43.76 33.43
CA ASP I 112 9.08 -44.62 34.32
C ASP I 112 9.06 -46.04 33.74
N SER I 113 8.89 -46.17 32.43
CA SER I 113 8.94 -47.48 31.82
C SER I 113 10.33 -48.08 31.89
N ASN I 114 11.37 -47.30 31.60
CA ASN I 114 12.69 -47.88 31.59
C ASN I 114 13.10 -48.49 32.92
N VAL I 115 12.74 -47.87 34.04
CA VAL I 115 13.12 -48.49 35.30
C VAL I 115 12.23 -49.70 35.57
N LYS I 116 10.95 -49.62 35.20
CA LYS I 116 10.06 -50.76 35.41
C LYS I 116 10.51 -51.97 34.60
N ASN I 117 11.00 -51.74 33.38
CA ASN I 117 11.45 -52.83 32.53
C ASN I 117 12.68 -53.47 33.11
N LEU I 118 13.52 -52.68 33.77
CA LEU I 118 14.73 -53.22 34.39
C LEU I 118 14.29 -54.14 35.52
N TYR I 119 13.28 -53.71 36.27
CA TYR I 119 12.74 -54.51 37.36
C TYR I 119 12.23 -55.85 36.86
N GLU I 120 11.47 -55.82 35.76
CA GLU I 120 10.93 -57.06 35.22
C GLU I 120 12.04 -57.96 34.69
N LYS I 121 13.09 -57.38 34.10
CA LYS I 121 14.20 -58.20 33.61
C LYS I 121 14.74 -59.06 34.74
N VAL I 122 14.95 -58.46 35.90
CA VAL I 122 15.43 -59.25 37.00
C VAL I 122 14.39 -60.23 37.48
N LYS I 123 13.13 -59.84 37.61
CA LYS I 123 12.14 -60.80 38.05
C LYS I 123 12.13 -62.07 37.21
N SER I 124 12.27 -61.91 35.90
CA SER I 124 12.28 -63.02 34.96
C SER I 124 13.53 -63.89 35.09
N GLN I 125 14.66 -63.30 35.52
CA GLN I 125 15.89 -64.03 35.74
C GLN I 125 15.81 -64.87 37.01
N LEU I 126 15.27 -64.27 38.06
CA LEU I 126 15.27 -64.94 39.35
C LEU I 126 14.16 -65.95 39.54
N LYS I 127 13.01 -65.76 38.92
CA LYS I 127 11.93 -66.72 39.04
C LYS I 127 11.62 -67.06 40.49
N ASN I 128 11.81 -68.32 40.88
CA ASN I 128 11.49 -68.78 42.24
C ASN I 128 12.66 -68.76 43.20
N ASN I 129 13.79 -68.19 42.79
CA ASN I 129 14.95 -68.16 43.65
C ASN I 129 15.04 -66.90 44.51
N ALA I 130 14.04 -66.04 44.42
CA ALA I 130 13.96 -64.81 45.20
C ALA I 130 12.51 -64.37 45.32
N LYS I 131 12.18 -63.62 46.35
CA LYS I 131 10.83 -63.09 46.46
C LYS I 131 10.74 -61.59 46.28
N GLU I 132 9.61 -61.13 45.79
CA GLU I 132 9.41 -59.71 45.68
C GLU I 132 9.01 -59.12 47.01
N ILE I 133 9.64 -58.02 47.35
CA ILE I 133 9.36 -57.26 48.53
C ILE I 133 9.10 -55.84 48.05
N GLY I 134 8.71 -54.92 48.92
CA GLY I 134 8.43 -53.57 48.45
C GLY I 134 9.72 -52.83 48.12
N ASN I 135 9.59 -51.60 47.63
CA ASN I 135 10.70 -50.79 47.17
C ASN I 135 11.47 -51.39 46.01
N GLY I 136 10.83 -52.19 45.17
CA GLY I 136 11.56 -52.68 44.00
C GLY I 136 12.71 -53.65 44.27
N CYS I 137 12.66 -54.44 45.36
CA CYS I 137 13.73 -55.34 45.76
C CYS I 137 13.36 -56.82 45.67
N PHE I 138 14.38 -57.60 45.38
CA PHE I 138 14.28 -59.05 45.34
C PHE I 138 15.13 -59.64 46.42
N GLU I 139 14.49 -60.36 47.32
CA GLU I 139 15.19 -60.97 48.43
C GLU I 139 15.50 -62.42 48.06
N PHE I 140 16.76 -62.77 48.03
CA PHE I 140 17.18 -64.08 47.56
C PHE I 140 16.93 -65.17 48.57
N TYR I 141 16.66 -66.36 48.06
CA TYR I 141 16.48 -67.53 48.91
C TYR I 141 17.72 -68.41 48.95
N HIS I 142 18.81 -67.92 48.42
CA HIS I 142 20.07 -68.65 48.39
C HIS I 142 21.19 -67.66 48.54
N LYS I 143 22.35 -68.13 48.97
CA LYS I 143 23.47 -67.22 49.05
C LYS I 143 23.82 -66.74 47.62
N CYS I 144 23.96 -65.40 47.44
CA CYS I 144 24.27 -64.76 46.16
C CYS I 144 25.46 -63.82 46.36
N ASN I 145 26.63 -64.33 46.00
CA ASN I 145 27.91 -63.66 46.19
C ASN I 145 28.14 -62.63 45.11
N ASN I 146 29.30 -61.98 45.10
CA ASN I 146 29.48 -60.93 44.11
C ASN I 146 29.42 -61.43 42.68
N GLU I 147 29.90 -62.65 42.41
CA GLU I 147 29.83 -63.19 41.04
C GLU I 147 28.37 -63.35 40.57
N CYS I 148 27.47 -63.84 41.48
CA CYS I 148 26.03 -63.98 41.31
C CYS I 148 25.41 -62.62 41.04
N MET I 149 25.74 -61.61 41.84
CA MET I 149 25.12 -60.34 41.61
C MET I 149 25.47 -59.82 40.22
N GLU I 150 26.71 -60.03 39.76
CA GLU I 150 27.06 -59.56 38.43
C GLU I 150 26.28 -60.34 37.37
N SER I 151 26.12 -61.64 37.60
CA SER I 151 25.39 -62.52 36.69
C SER I 151 23.93 -62.10 36.57
N VAL I 152 23.29 -61.73 37.68
CA VAL I 152 21.91 -61.31 37.63
C VAL I 152 21.79 -60.00 36.85
N LYS I 153 22.68 -59.04 37.15
CA LYS I 153 22.66 -57.74 36.48
C LYS I 153 22.89 -57.86 34.96
N ASN I 154 23.73 -58.81 34.57
CA ASN I 154 24.06 -59.01 33.16
C ASN I 154 23.04 -59.85 32.40
N GLY I 155 22.02 -60.37 33.09
CA GLY I 155 21.04 -61.20 32.43
C GLY I 155 21.51 -62.63 32.14
N THR I 156 22.49 -63.13 32.91
CA THR I 156 23.07 -64.44 32.70
C THR I 156 22.87 -65.37 33.90
N TYR I 157 21.89 -65.10 34.74
CA TYR I 157 21.71 -65.89 35.95
C TYR I 157 21.34 -67.32 35.62
N ASP I 158 22.07 -68.26 36.20
CA ASP I 158 21.83 -69.67 35.91
C ASP I 158 20.78 -70.22 36.85
N TYR I 159 19.53 -69.88 36.61
CA TYR I 159 18.45 -70.24 37.52
C TYR I 159 18.48 -71.62 38.18
N PRO I 160 18.52 -72.76 37.46
CA PRO I 160 18.40 -74.07 38.07
C PRO I 160 19.53 -74.40 39.02
N LYS I 161 20.65 -73.71 38.88
CA LYS I 161 21.84 -73.92 39.68
C LYS I 161 21.61 -73.68 41.14
N TYR I 162 20.68 -72.78 41.43
CA TYR I 162 20.45 -72.37 42.78
C TYR I 162 19.10 -72.89 43.26
N SER I 163 18.44 -73.74 42.47
CA SER I 163 17.10 -74.14 42.82
C SER I 163 17.03 -75.11 43.99
N GLU I 164 18.07 -75.92 44.22
CA GLU I 164 17.92 -76.83 45.34
C GLU I 164 18.06 -76.06 46.64
N GLU I 165 18.98 -75.10 46.64
CA GLU I 165 19.20 -74.33 47.84
C GLU I 165 17.97 -73.52 48.16
N SER I 166 17.37 -72.87 47.14
CA SER I 166 16.22 -72.05 47.44
C SER I 166 15.03 -72.90 47.86
N LYS I 167 14.85 -74.09 47.28
CA LYS I 167 13.72 -74.90 47.73
C LYS I 167 13.83 -75.22 49.21
N LEU I 168 15.04 -75.48 49.69
CA LEU I 168 15.18 -75.78 51.09
C LEU I 168 14.98 -74.53 51.96
N ASN I 169 15.52 -73.39 51.54
CA ASN I 169 15.42 -72.16 52.31
C ASN I 169 14.02 -71.59 52.34
N ARG I 170 13.23 -71.88 51.32
CA ARG I 170 11.84 -71.46 51.24
C ARG I 170 10.86 -72.18 52.21
N GLU I 171 11.26 -73.34 52.80
CA GLU I 171 10.47 -74.20 53.72
C GLU I 171 9.03 -74.54 53.19
N GLN J 1 20.05 59.67 -3.36
CA GLN J 1 20.59 58.43 -2.85
C GLN J 1 20.11 58.26 -1.40
N VAL J 2 20.50 57.15 -0.75
CA VAL J 2 20.23 56.82 0.66
C VAL J 2 21.42 57.27 1.51
N GLN J 3 21.19 57.96 2.62
CA GLN J 3 22.35 58.43 3.36
C GLN J 3 22.48 57.83 4.74
N LEU J 4 23.63 57.21 4.98
CA LEU J 4 23.89 56.70 6.29
C LEU J 4 24.56 57.82 7.06
N VAL J 5 24.12 58.05 8.29
CA VAL J 5 24.64 59.16 9.06
C VAL J 5 25.36 58.73 10.31
N GLN J 6 26.64 59.04 10.36
CA GLN J 6 27.45 58.64 11.49
C GLN J 6 27.76 59.76 12.44
N SER J 7 28.15 59.35 13.63
CA SER J 7 28.62 60.26 14.65
C SER J 7 29.94 60.88 14.20
N GLY J 8 30.37 61.93 14.88
CA GLY J 8 31.59 62.62 14.49
C GLY J 8 32.84 62.07 15.15
N ALA J 9 33.90 62.83 15.07
CA ALA J 9 35.16 62.40 15.63
C ALA J 9 35.12 62.37 17.14
N GLN J 10 35.83 61.43 17.72
CA GLN J 10 35.94 61.31 19.16
C GLN J 10 37.31 60.83 19.64
N LEU J 11 37.69 61.29 20.83
CA LEU J 11 38.95 60.89 21.46
C LEU J 11 38.74 59.98 22.66
N ARG J 12 39.41 58.84 22.64
CA ARG J 12 39.29 57.87 23.71
C ARG J 12 40.67 57.49 24.23
N LYS J 13 40.76 57.13 25.51
CA LYS J 13 42.03 56.72 26.07
C LYS J 13 42.21 55.20 26.00
N PRO J 14 43.44 54.68 25.94
CA PRO J 14 43.68 53.26 25.95
C PRO J 14 43.01 52.59 27.14
N GLY J 15 42.37 51.47 26.87
CA GLY J 15 41.64 50.65 27.83
C GLY J 15 40.14 50.94 27.85
N SER J 16 39.71 52.07 27.29
CA SER J 16 38.29 52.43 27.25
C SER J 16 37.64 51.85 26.02
N SER J 17 36.31 51.99 25.91
CA SER J 17 35.61 51.55 24.70
C SER J 17 35.08 52.74 23.92
N VAL J 18 34.84 52.54 22.64
CA VAL J 18 34.25 53.59 21.80
C VAL J 18 32.96 53.14 21.19
N THR J 19 31.95 53.99 21.20
CA THR J 19 30.71 53.64 20.53
C THR J 19 30.56 54.57 19.34
N VAL J 20 30.32 53.98 18.18
CA VAL J 20 30.11 54.69 16.95
C VAL J 20 28.71 54.37 16.45
N SER J 21 27.88 55.40 16.24
CA SER J 21 26.52 55.16 15.76
C SER J 21 26.43 55.38 14.24
N CYS J 22 25.36 54.82 13.61
CA CYS J 22 25.00 54.95 12.20
C CYS J 22 23.48 54.93 12.02
N LYS J 23 22.91 56.10 11.73
CA LYS J 23 21.48 56.25 11.57
C LYS J 23 21.09 56.10 10.12
N ALA J 24 19.97 55.45 9.90
CA ALA J 24 19.45 55.24 8.57
C ALA J 24 18.49 56.37 8.12
N SER J 25 18.91 57.21 7.14
CA SER J 25 18.11 58.36 6.69
C SER J 25 17.80 58.30 5.19
N GLY J 26 16.51 58.11 4.89
CA GLY J 26 16.08 57.92 3.50
C GLY J 26 16.17 56.45 3.11
N ASP J 27 16.56 55.64 4.07
CA ASP J 27 16.74 54.20 3.90
C ASP J 27 15.53 53.34 3.97
N THR J 28 14.56 53.73 4.80
CA THR J 28 13.43 52.88 5.15
C THR J 28 14.09 51.77 5.93
N PHE J 29 14.28 51.95 7.24
CA PHE J 29 15.00 50.93 7.98
C PHE J 29 14.15 49.70 7.71
N ASN J 30 14.79 48.68 7.19
CA ASN J 30 14.13 47.50 6.65
C ASN J 30 15.12 46.38 6.62
N SER J 31 14.69 45.29 6.05
CA SER J 31 15.41 44.06 5.98
C SER J 31 16.66 44.09 5.07
N TYR J 32 17.69 44.79 5.53
CA TYR J 32 18.98 44.91 4.86
C TYR J 32 20.05 44.92 5.93
N SER J 33 21.28 44.52 5.58
CA SER J 33 22.35 44.56 6.58
C SER J 33 23.15 45.86 6.60
N ILE J 34 23.73 46.12 7.77
CA ILE J 34 24.64 47.23 8.02
C ILE J 34 25.98 46.67 8.47
N HIS J 35 27.03 47.08 7.80
CA HIS J 35 28.38 46.59 8.03
C HIS J 35 29.29 47.66 8.54
N TRP J 36 30.23 47.25 9.36
CA TRP J 36 31.24 48.14 9.85
C TRP J 36 32.58 47.79 9.23
N VAL J 37 33.21 48.83 8.67
CA VAL J 37 34.50 48.79 7.97
C VAL J 37 35.46 49.82 8.58
N ARG J 38 36.66 49.41 8.92
CA ARG J 38 37.64 50.30 9.52
C ARG J 38 38.78 50.64 8.57
N GLN J 39 39.27 51.88 8.64
CA GLN J 39 40.44 52.25 7.84
C GLN J 39 41.45 53.10 8.62
N ALA J 40 42.54 52.49 9.05
CA ALA J 40 43.55 53.20 9.82
C ALA J 40 44.18 54.22 8.89
N PRO J 41 44.70 55.36 9.35
CA PRO J 41 45.30 56.33 8.48
C PRO J 41 46.41 55.70 7.66
N GLY J 42 46.40 55.91 6.36
CA GLY J 42 47.42 55.40 5.47
C GLY J 42 47.22 53.93 5.06
N GLN J 43 46.16 53.30 5.56
CA GLN J 43 45.89 51.89 5.29
C GLN J 43 44.69 51.65 4.40
N GLY J 44 44.46 50.38 4.09
CA GLY J 44 43.33 49.97 3.26
C GLY J 44 42.13 49.66 4.14
N LEU J 45 41.14 48.97 3.58
CA LEU J 45 39.90 48.72 4.32
C LEU J 45 39.92 47.37 5.03
N GLU J 46 39.36 47.33 6.24
CA GLU J 46 39.22 46.10 7.01
C GLU J 46 37.78 45.90 7.46
N TRP J 47 37.22 44.73 7.26
CA TRP J 47 35.84 44.51 7.68
C TRP J 47 35.85 44.10 9.15
N MET J 48 34.96 44.68 9.96
CA MET J 48 34.94 44.34 11.37
C MET J 48 33.79 43.42 11.72
N GLY J 49 32.65 43.65 11.10
CA GLY J 49 31.45 42.89 11.42
C GLY J 49 30.18 43.46 10.81
N ARG J 50 29.09 42.73 10.97
CA ARG J 50 27.79 43.13 10.43
C ARG J 50 26.60 42.78 11.29
N ILE J 51 25.51 43.51 11.08
CA ILE J 51 24.22 43.22 11.69
C ILE J 51 23.07 43.24 10.70
N ILE J 52 22.11 42.36 10.93
CA ILE J 52 20.87 42.36 10.18
C ILE J 52 19.77 42.66 11.20
N PRO J 53 19.32 43.92 11.36
CA PRO J 53 18.40 44.40 12.37
C PRO J 53 17.04 43.73 12.38
N VAL J 54 16.61 43.14 11.27
CA VAL J 54 15.31 42.50 11.29
C VAL J 54 15.35 41.11 11.90
N PHE J 55 16.53 40.50 11.99
CA PHE J 55 16.60 39.19 12.61
C PHE J 55 17.35 39.33 13.92
N GLY J 56 18.11 40.41 14.07
CA GLY J 56 18.89 40.63 15.27
C GLY J 56 20.14 39.77 15.23
N MET J 57 20.62 39.47 14.03
CA MET J 57 21.79 38.62 13.93
C MET J 57 23.03 39.38 13.60
N THR J 58 24.13 38.99 14.22
CA THR J 58 25.40 39.61 13.92
C THR J 58 26.45 38.58 13.58
N HIS J 59 27.52 39.07 12.98
CA HIS J 59 28.66 38.25 12.62
C HIS J 59 29.91 39.11 12.66
N TYR J 60 30.99 38.57 13.20
CA TYR J 60 32.19 39.38 13.35
C TYR J 60 33.45 38.75 12.79
N ALA J 61 34.38 39.61 12.39
CA ALA J 61 35.68 39.16 11.94
C ALA J 61 36.41 38.56 13.13
N GLN J 62 37.23 37.55 12.86
CA GLN J 62 37.95 36.84 13.90
C GLN J 62 38.85 37.73 14.74
N ARG J 63 39.40 38.78 14.15
CA ARG J 63 40.29 39.72 14.83
C ARG J 63 39.62 40.57 15.89
N PHE J 64 38.30 40.73 15.80
CA PHE J 64 37.60 41.57 16.74
C PHE J 64 36.73 40.76 17.67
N ARG J 65 36.53 39.47 17.40
CA ARG J 65 35.67 38.74 18.31
C ARG J 65 36.20 38.84 19.72
N GLY J 66 35.29 39.16 20.64
CA GLY J 66 35.59 39.34 22.05
C GLY J 66 35.77 40.82 22.42
N ARG J 67 35.98 41.66 21.41
CA ARG J 67 36.16 43.11 21.57
C ARG J 67 35.01 43.90 20.94
N ILE J 68 34.39 43.33 19.92
CA ILE J 68 33.34 44.04 19.18
C ILE J 68 31.92 43.58 19.48
N THR J 69 31.06 44.55 19.70
CA THR J 69 29.65 44.32 19.87
C THR J 69 28.86 45.17 18.88
N VAL J 70 27.94 44.56 18.16
CA VAL J 70 27.10 45.31 17.24
C VAL J 70 25.67 45.06 17.60
N SER J 71 24.88 46.12 17.63
CA SER J 71 23.48 46.05 17.98
C SER J 71 22.70 47.09 17.21
N ALA J 72 21.39 47.00 17.23
CA ALA J 72 20.58 48.00 16.56
C ALA J 72 19.26 48.13 17.27
N ASP J 73 18.65 49.30 17.13
CA ASP J 73 17.35 49.57 17.69
C ASP J 73 16.51 50.26 16.65
N LYS J 74 15.56 49.50 16.10
CA LYS J 74 14.75 49.96 14.99
C LYS J 74 13.90 51.17 15.35
N SER J 75 13.64 51.43 16.63
CA SER J 75 12.76 52.54 16.97
C SER J 75 13.37 53.90 16.64
N THR J 76 14.70 53.96 16.48
CA THR J 76 15.40 55.17 16.15
C THR J 76 16.13 54.99 14.82
N ARG J 77 15.85 53.86 14.16
CA ARG J 77 16.48 53.44 12.93
C ARG J 77 18.00 53.51 13.03
N THR J 78 18.57 53.09 14.15
CA THR J 78 20.01 53.24 14.33
C THR J 78 20.78 51.99 14.71
N ALA J 79 21.91 51.82 14.02
CA ALA J 79 22.85 50.75 14.32
C ALA J 79 24.00 51.30 15.14
N TYR J 80 24.51 50.49 16.05
CA TYR J 80 25.62 50.90 16.87
C TYR J 80 26.72 49.86 16.86
N MET J 81 27.96 50.33 16.94
CA MET J 81 29.07 49.43 17.10
C MET J 81 29.91 49.89 18.27
N GLU J 82 30.33 48.95 19.09
CA GLU J 82 31.20 49.26 20.21
C GLU J 82 32.46 48.43 20.16
N LEU J 83 33.60 49.08 20.28
CA LEU J 83 34.86 48.36 20.30
C LEU J 83 35.51 48.61 21.67
N THR J 84 35.78 47.54 22.40
CA THR J 84 36.34 47.64 23.75
C THR J 84 37.84 47.43 23.79
N SER J 85 38.43 47.75 24.95
CA SER J 85 39.86 47.59 25.22
C SER J 85 40.72 48.21 24.14
N LEU J 86 40.46 49.48 23.85
CA LEU J 86 41.14 50.22 22.81
C LEU J 86 42.60 50.46 23.06
N THR J 87 43.35 50.44 21.98
CA THR J 87 44.77 50.77 21.97
C THR J 87 45.08 51.78 20.88
N SER J 88 46.31 52.26 20.81
CA SER J 88 46.68 53.27 19.80
C SER J 88 46.57 52.77 18.37
N ALA J 89 46.65 51.45 18.20
CA ALA J 89 46.56 50.78 16.91
C ALA J 89 45.14 50.80 16.37
N ASP J 90 44.18 51.20 17.20
CA ASP J 90 42.80 51.23 16.79
C ASP J 90 42.43 52.60 16.26
N THR J 91 43.40 53.52 16.15
CA THR J 91 43.04 54.79 15.57
C THR J 91 42.67 54.49 14.13
N ALA J 92 41.49 54.94 13.75
CA ALA J 92 41.02 54.68 12.41
C ALA J 92 39.79 55.44 12.09
N MET J 93 39.49 55.52 10.81
CA MET J 93 38.20 56.05 10.42
C MET J 93 37.23 54.87 10.48
N TYR J 94 36.11 55.05 11.14
CA TYR J 94 35.14 53.97 11.22
C TYR J 94 33.93 54.23 10.36
N TYR J 95 33.75 53.43 9.33
CA TYR J 95 32.66 53.65 8.40
C TYR J 95 31.56 52.63 8.60
N CYS J 96 30.30 53.04 8.41
CA CYS J 96 29.17 52.14 8.34
C CYS J 96 28.81 52.02 6.87
N ALA J 97 28.31 50.87 6.48
CA ALA J 97 27.89 50.71 5.11
C ALA J 97 26.67 49.82 4.97
N ARG J 98 25.88 50.11 3.95
CA ARG J 98 24.69 49.38 3.62
C ARG J 98 24.88 48.53 2.39
N ASP J 99 24.45 47.28 2.51
CA ASP J 99 24.57 46.37 1.38
C ASP J 99 23.41 46.56 0.40
N GLY J 100 23.40 45.82 -0.69
CA GLY J 100 22.35 45.93 -1.69
C GLY J 100 22.23 44.61 -2.36
N GLY J 101 23.11 43.70 -1.95
CA GLY J 101 23.14 42.34 -2.47
C GLY J 101 22.38 41.34 -1.60
N ASP J 102 21.71 41.82 -0.56
CA ASP J 102 21.02 40.93 0.36
C ASP J 102 19.51 40.96 0.19
N LYS J 103 18.86 42.08 0.48
CA LYS J 103 17.40 42.17 0.34
C LYS J 103 16.69 41.04 1.05
N PHE J 104 16.67 41.10 2.37
CA PHE J 104 16.12 40.04 3.19
C PHE J 104 14.62 40.20 3.23
N HIS J 105 13.92 39.11 3.49
CA HIS J 105 12.47 39.18 3.59
C HIS J 105 12.09 39.01 5.05
N SER J 106 10.96 39.58 5.44
CA SER J 106 10.48 39.45 6.81
C SER J 106 9.70 38.17 7.05
N SER J 107 10.40 37.07 6.86
CA SER J 107 9.89 35.71 7.00
C SER J 107 11.02 34.89 7.61
N GLY J 108 11.80 34.20 6.79
CA GLY J 108 12.96 33.46 7.27
C GLY J 108 14.25 34.09 6.76
N HIS J 109 15.38 33.45 7.03
CA HIS J 109 16.68 33.99 6.63
C HIS J 109 17.39 33.23 5.55
N PHE J 110 17.76 33.96 4.51
CA PHE J 110 18.50 33.44 3.38
C PHE J 110 19.52 34.45 2.89
N GLU J 111 20.73 33.98 2.63
CA GLU J 111 21.83 34.81 2.14
C GLU J 111 22.50 34.15 0.99
N THR J 112 23.11 34.94 0.12
CA THR J 112 23.93 34.38 -0.93
C THR J 112 25.39 34.58 -0.60
N ASN J 113 25.64 35.18 0.56
CA ASN J 113 26.98 35.49 1.05
C ASN J 113 27.75 36.34 0.06
N GLN J 114 27.06 37.21 -0.65
CA GLN J 114 27.66 38.09 -1.61
C GLN J 114 27.06 39.43 -1.41
N GLY J 115 27.82 40.44 -1.70
CA GLY J 115 27.28 41.76 -1.54
C GLY J 115 28.32 42.79 -1.82
N TYR J 116 27.89 44.01 -1.64
CA TYR J 116 28.67 45.18 -1.89
C TYR J 116 28.16 46.32 -1.12
N PHE J 117 28.97 47.31 -0.90
CA PHE J 117 28.51 48.44 -0.17
C PHE J 117 28.04 49.51 -1.10
N ASP J 118 26.71 49.57 -1.17
CA ASP J 118 25.95 50.41 -2.07
C ASP J 118 25.98 51.83 -1.54
N HIS J 119 25.89 51.95 -0.22
CA HIS J 119 25.91 53.26 0.43
C HIS J 119 26.83 53.25 1.63
N TRP J 120 27.55 54.34 1.81
CA TRP J 120 28.48 54.48 2.92
C TRP J 120 28.17 55.71 3.76
N GLY J 121 28.48 55.64 5.05
CA GLY J 121 28.36 56.80 5.90
C GLY J 121 29.58 57.65 5.64
N GLN J 122 29.68 58.81 6.27
CA GLN J 122 30.83 59.66 6.00
C GLN J 122 32.11 59.23 6.71
N GLY J 123 31.98 58.42 7.76
CA GLY J 123 33.12 57.97 8.54
C GLY J 123 33.28 58.76 9.84
N ALA J 124 33.33 58.04 10.96
CA ALA J 124 33.51 58.64 12.27
C ALA J 124 34.95 58.43 12.70
N LEU J 125 35.71 59.49 12.87
CA LEU J 125 37.11 59.27 13.23
C LEU J 125 37.32 59.01 14.70
N VAL J 126 37.99 57.93 15.02
CA VAL J 126 38.26 57.64 16.41
C VAL J 126 39.75 57.64 16.64
N THR J 127 40.17 58.46 17.58
CA THR J 127 41.59 58.57 17.92
C THR J 127 41.82 58.00 19.27
N VAL J 128 42.82 57.14 19.39
CA VAL J 128 43.12 56.59 20.69
C VAL J 128 44.50 57.03 21.12
N SER J 129 44.55 57.72 22.25
CA SER J 129 45.80 58.28 22.78
C SER J 129 45.64 58.60 24.28
N SER J 130 46.77 58.86 24.98
CA SER J 130 46.82 59.23 26.42
C SER J 130 46.31 60.66 26.70
N GLN K 1 41.76 39.17 6.16
CA GLN K 1 41.14 40.44 5.80
C GLN K 1 41.76 41.04 4.53
N SER K 2 43.02 41.54 4.58
CA SER K 2 43.75 42.13 3.43
C SER K 2 44.42 40.99 2.68
N VAL K 3 43.57 40.14 2.13
CA VAL K 3 44.01 38.93 1.49
C VAL K 3 43.84 38.88 -0.01
N LEU K 4 43.19 39.86 -0.61
CA LEU K 4 43.11 39.78 -2.05
C LEU K 4 44.27 40.63 -2.56
N THR K 5 45.22 39.98 -3.20
CA THR K 5 46.41 40.71 -3.57
C THR K 5 46.18 41.60 -4.75
N GLN K 6 46.60 42.85 -4.61
CA GLN K 6 46.50 43.84 -5.65
C GLN K 6 47.89 44.42 -5.82
N PRO K 7 48.28 44.94 -6.99
CA PRO K 7 49.54 45.60 -7.16
C PRO K 7 49.45 46.87 -6.35
N PRO K 8 50.52 47.34 -5.72
CA PRO K 8 50.50 48.58 -4.97
C PRO K 8 50.32 49.80 -5.85
N SER K 9 50.67 49.69 -7.13
CA SER K 9 50.55 50.79 -8.05
C SER K 9 50.43 50.36 -9.50
N VAL K 10 49.55 51.05 -10.19
CA VAL K 10 49.25 50.92 -11.61
C VAL K 10 49.30 52.28 -12.26
N SER K 11 49.88 52.39 -13.44
CA SER K 11 49.94 53.71 -14.03
C SER K 11 49.96 53.70 -15.54
N GLY K 12 49.70 54.87 -16.09
CA GLY K 12 49.76 55.09 -17.53
C GLY K 12 49.38 56.51 -17.86
N ALA K 13 49.59 56.89 -19.11
CA ALA K 13 49.31 58.22 -19.60
C ALA K 13 47.81 58.45 -19.69
N PRO K 14 47.32 59.68 -19.63
CA PRO K 14 45.94 59.96 -19.83
C PRO K 14 45.62 59.49 -21.23
N GLY K 15 44.48 58.84 -21.35
CA GLY K 15 44.01 58.27 -22.59
C GLY K 15 44.37 56.79 -22.76
N GLN K 16 45.25 56.26 -21.92
CA GLN K 16 45.66 54.86 -22.01
C GLN K 16 44.81 53.88 -21.21
N ARG K 17 44.91 52.62 -21.61
CA ARG K 17 44.25 51.51 -20.94
C ARG K 17 45.16 50.84 -19.93
N VAL K 18 44.72 50.79 -18.69
CA VAL K 18 45.50 50.13 -17.64
C VAL K 18 44.62 49.17 -16.88
N THR K 19 45.21 48.20 -16.21
CA THR K 19 44.41 47.31 -15.41
C THR K 19 44.94 47.16 -14.00
N VAL K 20 44.03 46.85 -13.09
CA VAL K 20 44.35 46.56 -11.71
C VAL K 20 43.95 45.13 -11.43
N SER K 21 44.90 44.30 -11.04
CA SER K 21 44.56 42.92 -10.78
C SER K 21 44.10 42.76 -9.32
N CYS K 22 43.48 41.60 -9.03
CA CYS K 22 42.99 41.14 -7.73
C CYS K 22 43.11 39.62 -7.65
N THR K 23 44.00 39.11 -6.83
CA THR K 23 44.17 37.66 -6.77
C THR K 23 43.68 37.09 -5.47
N GLY K 24 42.77 36.12 -5.56
CA GLY K 24 42.22 35.50 -4.39
C GLY K 24 42.71 34.08 -4.21
N SER K 25 41.87 33.28 -3.58
CA SER K 25 42.19 31.91 -3.24
C SER K 25 40.97 31.04 -3.43
N SER K 26 41.13 29.75 -3.14
CA SER K 26 40.10 28.72 -3.26
C SER K 26 38.93 28.90 -2.29
N SER K 27 39.08 29.76 -1.28
CA SER K 27 38.01 30.02 -0.32
C SER K 27 37.27 31.29 -0.69
N ASN K 28 37.77 32.13 -1.58
CA ASN K 28 37.06 33.42 -1.75
C ASN K 28 36.48 33.52 -3.13
N LEU K 29 37.24 34.03 -4.06
CA LEU K 29 36.82 34.14 -5.47
C LEU K 29 36.59 32.74 -6.02
N GLY K 30 37.42 31.77 -5.63
CA GLY K 30 37.26 30.37 -6.05
C GLY K 30 36.26 29.57 -5.23
N ALA K 31 35.45 30.17 -4.37
CA ALA K 31 34.34 29.49 -3.66
C ALA K 31 33.17 30.08 -4.39
N THR K 32 33.36 30.35 -5.64
CA THR K 32 32.48 31.03 -6.59
C THR K 32 31.82 32.29 -6.07
N TYR K 33 32.60 33.16 -5.45
CA TYR K 33 32.09 34.45 -5.00
C TYR K 33 32.59 35.45 -6.02
N GLU K 34 31.83 36.51 -6.28
CA GLU K 34 32.26 37.49 -7.25
C GLU K 34 33.13 38.58 -6.63
N VAL K 35 33.61 39.49 -7.48
CA VAL K 35 34.50 40.57 -7.03
C VAL K 35 33.87 41.93 -7.23
N HIS K 36 33.95 42.73 -6.18
CA HIS K 36 33.39 44.06 -6.20
C HIS K 36 34.52 45.06 -6.14
N TRP K 37 34.35 46.23 -6.76
CA TRP K 37 35.42 47.22 -6.72
C TRP K 37 34.91 48.55 -6.22
N TYR K 38 35.78 49.24 -5.47
CA TYR K 38 35.51 50.56 -4.94
C TYR K 38 36.55 51.57 -5.36
N GLN K 39 36.11 52.79 -5.57
CA GLN K 39 36.99 53.91 -5.89
C GLN K 39 37.02 54.91 -4.75
N GLN K 40 38.16 55.06 -4.10
CA GLN K 40 38.26 55.98 -2.98
C GLN K 40 39.18 57.16 -3.27
N PHE K 41 38.68 58.34 -2.97
CA PHE K 41 39.48 59.54 -3.12
C PHE K 41 39.86 59.97 -1.73
N PRO K 42 41.02 60.59 -1.51
CA PRO K 42 41.44 61.04 -0.20
C PRO K 42 40.38 61.95 0.37
N GLY K 43 40.10 61.77 1.65
CA GLY K 43 39.13 62.58 2.36
C GLY K 43 37.71 62.01 2.39
N THR K 44 37.40 60.99 1.60
CA THR K 44 36.03 60.48 1.65
C THR K 44 35.89 58.96 1.77
N ALA K 45 34.63 58.52 1.87
CA ALA K 45 34.30 57.11 1.94
C ALA K 45 34.51 56.52 0.55
N PRO K 46 34.85 55.25 0.40
CA PRO K 46 34.94 54.57 -0.88
C PRO K 46 33.57 54.56 -1.51
N LYS K 47 33.49 54.57 -2.83
CA LYS K 47 32.17 54.41 -3.45
C LYS K 47 32.20 53.21 -4.36
N LEU K 48 31.06 52.57 -4.55
CA LEU K 48 31.03 51.41 -5.41
C LEU K 48 31.27 51.80 -6.85
N LEU K 49 32.17 51.08 -7.50
CA LEU K 49 32.52 51.31 -8.88
C LEU K 49 32.01 50.19 -9.78
N ILE K 50 32.22 48.94 -9.32
CA ILE K 50 31.83 47.70 -10.01
C ILE K 50 31.22 46.70 -9.04
N TYR K 51 30.20 45.97 -9.47
CA TYR K 51 29.65 44.91 -8.63
C TYR K 51 29.39 43.63 -9.39
N GLY K 52 29.43 42.50 -8.71
CA GLY K 52 29.13 41.28 -9.44
C GLY K 52 30.21 41.01 -10.48
N SER K 53 31.45 41.47 -10.25
CA SER K 53 32.58 41.34 -11.17
C SER K 53 32.49 42.24 -12.41
N THR K 54 31.37 42.21 -13.13
CA THR K 54 31.21 42.93 -14.38
C THR K 54 30.22 44.12 -14.45
N ASN K 55 29.38 44.36 -13.45
CA ASN K 55 28.34 45.38 -13.61
C ASN K 55 28.72 46.76 -13.09
N ARG K 56 28.11 47.80 -13.66
CA ARG K 56 28.31 49.16 -13.14
C ARG K 56 27.09 49.70 -12.40
N PRO K 57 27.27 50.48 -11.33
CA PRO K 57 26.27 51.27 -10.66
C PRO K 57 25.87 52.39 -11.59
N SER K 58 24.65 52.89 -11.46
CA SER K 58 24.31 54.03 -12.27
C SER K 58 25.24 55.16 -11.88
N GLY K 59 25.70 55.91 -12.88
CA GLY K 59 26.57 57.05 -12.66
C GLY K 59 28.06 56.73 -12.89
N VAL K 60 28.41 55.45 -12.97
CA VAL K 60 29.80 55.09 -13.21
C VAL K 60 30.11 55.10 -14.71
N PRO K 61 31.17 55.80 -15.16
CA PRO K 61 31.60 55.89 -16.54
C PRO K 61 31.94 54.55 -17.15
N GLU K 62 31.75 54.46 -18.46
CA GLU K 62 32.00 53.29 -19.31
C GLU K 62 33.46 52.88 -19.32
N ARG K 63 34.31 53.77 -18.84
CA ARG K 63 35.73 53.55 -18.73
C ARG K 63 36.00 52.40 -17.81
N PHE K 64 35.11 52.16 -16.83
CA PHE K 64 35.33 51.13 -15.84
C PHE K 64 34.55 49.85 -16.14
N SER K 65 35.27 48.76 -16.24
CA SER K 65 34.69 47.45 -16.51
C SER K 65 35.52 46.37 -15.86
N GLY K 66 34.91 45.38 -15.21
CA GLY K 66 35.73 44.33 -14.63
C GLY K 66 35.40 42.96 -15.16
N SER K 67 36.12 41.97 -14.66
CA SER K 67 35.94 40.58 -15.02
C SER K 67 36.53 39.64 -13.98
N LYS K 68 36.15 38.36 -14.05
CA LYS K 68 36.71 37.33 -13.17
C LYS K 68 36.94 36.02 -13.94
N SER K 69 38.04 35.34 -13.63
CA SER K 69 38.37 34.04 -14.22
C SER K 69 39.23 33.21 -13.26
N GLY K 70 38.93 31.92 -13.11
CA GLY K 70 39.73 31.13 -12.20
C GLY K 70 39.55 31.70 -10.81
N THR K 71 40.65 32.03 -10.15
CA THR K 71 40.65 32.60 -8.80
C THR K 71 41.17 34.03 -8.83
N SER K 72 41.26 34.60 -10.03
CA SER K 72 41.75 35.95 -10.21
C SER K 72 40.67 36.85 -10.78
N ALA K 73 40.83 38.14 -10.57
CA ALA K 73 39.91 39.13 -11.08
C ALA K 73 40.63 40.42 -11.41
N SER K 74 40.01 41.24 -12.22
CA SER K 74 40.61 42.52 -12.52
C SER K 74 39.63 43.62 -12.87
N LEU K 75 40.10 44.85 -12.71
CA LEU K 75 39.42 46.06 -13.11
C LEU K 75 40.15 46.73 -14.24
N THR K 76 39.44 47.01 -15.32
CA THR K 76 40.05 47.68 -16.44
C THR K 76 39.57 49.10 -16.50
N ILE K 77 40.50 50.03 -16.61
CA ILE K 77 40.15 51.43 -16.76
C ILE K 77 40.63 51.82 -18.16
N THR K 78 39.71 52.10 -19.08
CA THR K 78 40.17 52.38 -20.44
C THR K 78 39.98 53.83 -20.82
N GLY K 79 41.08 54.54 -21.04
CA GLY K 79 41.00 55.94 -21.39
C GLY K 79 41.15 56.77 -20.12
N LEU K 80 42.26 56.56 -19.40
CA LEU K 80 42.48 57.24 -18.13
C LEU K 80 42.32 58.73 -18.17
N GLN K 81 41.54 59.25 -17.24
CA GLN K 81 41.35 60.68 -17.13
C GLN K 81 42.00 61.20 -15.86
N ALA K 82 42.29 62.48 -15.78
CA ALA K 82 42.92 62.97 -14.56
C ALA K 82 42.08 62.70 -13.30
N GLU K 83 40.76 62.73 -13.44
CA GLU K 83 39.85 62.49 -12.32
C GLU K 83 39.85 61.03 -11.83
N ASP K 84 40.52 60.14 -12.55
CA ASP K 84 40.58 58.74 -12.18
C ASP K 84 41.71 58.45 -11.20
N GLU K 85 42.57 59.43 -10.90
CA GLU K 85 43.60 59.09 -9.93
C GLU K 85 42.88 58.78 -8.63
N ALA K 86 43.12 57.59 -8.09
CA ALA K 86 42.40 57.17 -6.88
C ALA K 86 42.97 55.88 -6.29
N ASP K 87 42.53 55.55 -5.09
CA ASP K 87 42.81 54.29 -4.42
C ASP K 87 41.74 53.26 -4.78
N TYR K 88 42.10 52.21 -5.48
CA TYR K 88 41.09 51.24 -5.89
C TYR K 88 41.19 50.00 -5.04
N TYR K 89 40.05 49.46 -4.63
CA TYR K 89 40.06 48.25 -3.81
C TYR K 89 39.14 47.19 -4.38
N CYS K 90 39.52 45.89 -4.24
CA CYS K 90 38.64 44.76 -4.59
C CYS K 90 38.07 44.14 -3.30
N GLN K 91 36.86 43.61 -3.42
CA GLN K 91 36.15 42.95 -2.33
C GLN K 91 35.49 41.65 -2.71
N SER K 92 35.54 40.68 -1.81
CA SER K 92 34.84 39.42 -1.99
C SER K 92 34.53 38.79 -0.65
N TYR K 93 34.07 37.55 -0.65
CA TYR K 93 33.74 36.84 0.59
C TYR K 93 34.58 35.59 0.73
N ASP K 94 35.19 35.43 1.89
CA ASP K 94 36.07 34.33 2.23
C ASP K 94 35.35 33.36 3.14
N THR K 95 35.28 32.09 2.76
CA THR K 95 34.52 31.11 3.55
C THR K 95 35.27 30.55 4.78
N SER K 96 36.56 30.85 4.94
CA SER K 96 37.33 30.32 6.06
C SER K 96 37.08 31.11 7.33
N LEU K 97 37.52 30.59 8.48
CA LEU K 97 37.38 31.28 9.77
C LEU K 97 35.94 31.65 10.09
N ARG K 98 35.02 30.76 9.75
CA ARG K 98 33.58 30.90 9.97
C ARG K 98 32.93 31.93 9.04
N GLY K 99 33.69 32.49 8.11
CA GLY K 99 33.16 33.38 7.12
C GLY K 99 33.42 34.86 7.39
N PHE K 100 33.96 35.55 6.41
CA PHE K 100 34.21 36.97 6.56
C PHE K 100 34.28 37.66 5.23
N TYR K 101 34.13 38.96 5.23
CA TYR K 101 34.28 39.70 4.00
C TYR K 101 35.68 40.13 3.95
N VAL K 102 36.23 40.18 2.74
CA VAL K 102 37.60 40.58 2.55
C VAL K 102 37.76 41.67 1.56
N PHE K 103 38.88 42.35 1.70
CA PHE K 103 39.29 43.41 0.83
C PHE K 103 40.66 43.12 0.30
N GLY K 104 40.99 43.70 -0.81
CA GLY K 104 42.33 43.55 -1.25
C GLY K 104 43.19 44.56 -0.55
N THR K 105 44.46 44.56 -0.90
CA THR K 105 45.42 45.44 -0.26
C THR K 105 45.32 46.88 -0.75
N GLY K 106 44.70 47.06 -1.90
CA GLY K 106 44.51 48.36 -2.53
C GLY K 106 45.59 48.68 -3.55
N THR K 107 45.20 49.44 -4.57
CA THR K 107 46.08 49.89 -5.65
C THR K 107 46.00 51.37 -5.87
N LYS K 108 47.14 52.04 -6.00
CA LYS K 108 47.07 53.45 -6.36
C LYS K 108 47.17 53.55 -7.87
N VAL K 109 46.18 54.14 -8.51
CA VAL K 109 46.24 54.29 -9.95
C VAL K 109 46.61 55.71 -10.27
N THR K 110 47.73 55.85 -10.98
CA THR K 110 48.32 57.14 -11.33
C THR K 110 48.27 57.48 -12.81
N VAL K 111 47.77 58.67 -13.10
CA VAL K 111 47.68 59.17 -14.46
C VAL K 111 48.92 60.04 -14.71
N LEU K 112 49.69 59.72 -15.77
CA LEU K 112 50.98 60.34 -16.15
C LEU K 112 50.90 61.14 -17.47
N GLN L 1 -44.59 35.67 7.47
CA GLN L 1 -44.67 36.45 6.24
C GLN L 1 -44.36 37.93 6.49
N SER L 2 -45.27 38.68 7.15
CA SER L 2 -45.11 40.12 7.48
C SER L 2 -44.34 40.21 8.78
N VAL L 3 -43.10 39.75 8.71
CA VAL L 3 -42.26 39.62 9.88
C VAL L 3 -41.10 40.57 9.94
N LEU L 4 -40.83 41.33 8.89
CA LEU L 4 -39.72 42.26 9.04
C LEU L 4 -40.36 43.58 9.47
N THR L 5 -40.06 43.99 10.67
CA THR L 5 -40.74 45.15 11.20
C THR L 5 -40.23 46.42 10.59
N GLN L 6 -41.16 47.25 10.14
CA GLN L 6 -40.87 48.53 9.55
C GLN L 6 -41.72 49.54 10.30
N PRO L 7 -41.33 50.82 10.40
CA PRO L 7 -42.16 51.82 10.99
C PRO L 7 -43.34 52.00 10.05
N PRO L 8 -44.55 52.26 10.51
CA PRO L 8 -45.68 52.48 9.65
C PRO L 8 -45.57 53.77 8.84
N SER L 9 -44.78 54.72 9.33
CA SER L 9 -44.62 55.98 8.66
C SER L 9 -43.31 56.67 8.98
N VAL L 10 -42.72 57.24 7.95
CA VAL L 10 -41.49 58.02 7.95
C VAL L 10 -41.75 59.32 7.22
N SER L 11 -41.25 60.43 7.73
CA SER L 11 -41.50 61.67 7.04
C SER L 11 -40.43 62.72 7.22
N GLY L 12 -40.50 63.71 6.35
CA GLY L 12 -39.62 64.87 6.42
C GLY L 12 -39.89 65.81 5.27
N ALA L 13 -39.30 66.99 5.34
CA ALA L 13 -39.47 68.04 4.35
C ALA L 13 -38.78 67.65 3.06
N PRO L 14 -39.19 68.17 1.90
CA PRO L 14 -38.49 67.94 0.68
C PRO L 14 -37.10 68.50 0.88
N GLY L 15 -36.13 67.76 0.42
CA GLY L 15 -34.73 68.09 0.54
C GLY L 15 -34.05 67.45 1.76
N GLN L 16 -34.83 66.88 2.68
CA GLN L 16 -34.28 66.25 3.88
C GLN L 16 -33.93 64.77 3.73
N ARG L 17 -33.08 64.32 4.63
CA ARG L 17 -32.67 62.93 4.73
C ARG L 17 -33.51 62.18 5.75
N VAL L 18 -34.15 61.11 5.30
CA VAL L 18 -34.96 60.29 6.20
C VAL L 18 -34.58 58.83 6.02
N THR L 19 -34.87 58.01 7.02
CA THR L 19 -34.60 56.59 6.85
C THR L 19 -35.79 55.73 7.20
N VAL L 20 -35.83 54.56 6.59
CA VAL L 20 -36.83 53.55 6.85
C VAL L 20 -36.13 52.34 7.41
N SER L 21 -36.47 51.93 8.61
CA SER L 21 -35.80 50.78 9.18
C SER L 21 -36.52 49.49 8.77
N CYS L 22 -35.84 48.34 8.97
CA CYS L 22 -36.29 46.98 8.73
C CYS L 22 -35.65 46.04 9.76
N THR L 23 -36.44 45.50 10.67
CA THR L 23 -35.84 44.65 11.70
C THR L 23 -36.24 43.20 11.52
N GLY L 24 -35.24 42.33 11.44
CA GLY L 24 -35.49 40.93 11.26
C GLY L 24 -35.16 40.14 12.50
N SER L 25 -34.93 38.84 12.26
CA SER L 25 -34.62 37.90 13.35
C SER L 25 -33.45 37.04 12.90
N SER L 26 -33.14 35.98 13.65
CA SER L 26 -32.06 35.08 13.20
C SER L 26 -32.38 34.38 11.87
N SER L 27 -33.61 33.90 11.68
CA SER L 27 -33.87 33.15 10.42
C SER L 27 -33.70 34.08 9.24
N ASN L 28 -34.19 35.33 9.35
CA ASN L 28 -34.06 36.32 8.25
C ASN L 28 -32.89 37.26 8.55
N LEU L 29 -31.91 37.34 7.64
CA LEU L 29 -30.74 38.25 7.81
C LEU L 29 -29.80 37.70 8.88
N GLY L 30 -30.30 37.45 10.09
CA GLY L 30 -29.47 36.84 11.15
C GLY L 30 -28.90 35.51 10.70
N ALA L 31 -29.35 35.02 9.53
CA ALA L 31 -28.89 33.74 9.01
C ALA L 31 -28.15 34.03 7.73
N THR L 32 -27.64 35.25 7.71
CA THR L 32 -26.85 35.98 6.71
C THR L 32 -27.53 36.13 5.36
N TYR L 33 -28.83 36.43 5.35
CA TYR L 33 -29.52 36.70 4.06
C TYR L 33 -29.50 38.22 3.87
N GLU L 34 -29.75 38.71 2.65
CA GLU L 34 -29.61 40.16 2.41
C GLU L 34 -30.97 40.84 2.43
N VAL L 35 -30.99 42.18 2.45
CA VAL L 35 -32.28 42.86 2.42
C VAL L 35 -32.52 43.58 1.09
N HIS L 36 -33.69 43.37 0.55
CA HIS L 36 -34.06 43.97 -0.71
C HIS L 36 -35.15 44.97 -0.45
N TRP L 37 -35.22 46.05 -1.24
CA TRP L 37 -36.27 47.04 -1.04
C TRP L 37 -37.03 47.31 -2.31
N TYR L 38 -38.34 47.54 -2.14
CA TYR L 38 -39.24 47.87 -3.23
C TYR L 38 -39.96 49.17 -3.00
N GLN L 39 -40.20 49.89 -4.08
CA GLN L 39 -40.96 51.14 -4.05
C GLN L 39 -42.28 50.96 -4.78
N GLN L 40 -43.38 51.04 -4.06
CA GLN L 40 -44.69 50.87 -4.66
C GLN L 40 -45.53 52.14 -4.66
N PHE L 41 -46.08 52.45 -5.81
CA PHE L 41 -46.96 53.60 -5.91
C PHE L 41 -48.36 53.04 -6.04
N PRO L 42 -49.40 53.71 -5.55
CA PRO L 42 -50.76 53.24 -5.65
C PRO L 42 -51.10 52.99 -7.09
N GLY L 43 -51.78 51.88 -7.34
CA GLY L 43 -52.20 51.50 -8.68
C GLY L 43 -51.24 50.59 -9.44
N THR L 44 -50.01 50.40 -8.95
CA THR L 44 -49.11 49.53 -9.70
C THR L 44 -48.38 48.47 -8.88
N ALA L 45 -47.61 47.64 -9.59
CA ALA L 45 -46.78 46.61 -8.98
C ALA L 45 -45.60 47.30 -8.30
N PRO L 46 -45.03 46.76 -7.23
CA PRO L 46 -43.83 47.27 -6.61
C PRO L 46 -42.70 47.17 -7.60
N LYS L 47 -41.72 48.06 -7.52
CA LYS L 47 -40.55 47.89 -8.37
C LYS L 47 -39.32 47.80 -7.51
N LEU L 48 -38.31 47.11 -7.97
CA LEU L 48 -37.09 46.98 -7.19
C LEU L 48 -36.39 48.31 -7.08
N LEU L 49 -36.02 48.67 -5.86
CA LEU L 49 -35.32 49.90 -5.59
C LEU L 49 -33.87 49.64 -5.19
N ILE L 50 -33.68 48.65 -4.30
CA ILE L 50 -32.38 48.23 -3.75
C ILE L 50 -32.27 46.71 -3.72
N TYR L 51 -31.10 46.17 -4.01
CA TYR L 51 -30.89 44.73 -3.87
C TYR L 51 -29.59 44.38 -3.19
N GLY L 52 -29.52 43.24 -2.54
CA GLY L 52 -28.26 42.89 -1.93
C GLY L 52 -27.92 43.86 -0.82
N SER L 53 -28.92 44.47 -0.16
CA SER L 53 -28.77 45.47 0.90
C SER L 53 -28.29 46.83 0.40
N THR L 54 -27.21 46.87 -0.37
CA THR L 54 -26.60 48.13 -0.80
C THR L 54 -26.64 48.52 -2.29
N ASN L 55 -27.06 47.64 -3.21
CA ASN L 55 -26.94 47.97 -4.63
C ASN L 55 -28.18 48.59 -5.25
N ARG L 56 -27.98 49.39 -6.31
CA ARG L 56 -29.13 49.93 -7.05
C ARG L 56 -29.31 49.27 -8.42
N PRO L 57 -30.56 49.08 -8.87
CA PRO L 57 -30.92 48.70 -10.22
C PRO L 57 -30.62 49.87 -11.13
N SER L 58 -30.36 49.61 -12.39
CA SER L 58 -30.18 50.73 -13.27
C SER L 58 -31.47 51.52 -13.29
N GLY L 59 -31.37 52.84 -13.30
CA GLY L 59 -32.53 53.72 -13.34
C GLY L 59 -32.95 54.25 -11.97
N VAL L 60 -32.43 53.68 -10.89
CA VAL L 60 -32.76 54.16 -9.56
C VAL L 60 -31.86 55.32 -9.16
N PRO L 61 -32.41 56.46 -8.72
CA PRO L 61 -31.68 57.65 -8.30
C PRO L 61 -30.75 57.38 -7.14
N GLU L 62 -29.68 58.17 -7.08
CA GLU L 62 -28.62 58.15 -6.06
C GLU L 62 -29.13 58.47 -4.67
N ARG L 63 -30.34 59.00 -4.62
CA ARG L 63 -31.02 59.34 -3.39
C ARG L 63 -31.24 58.12 -2.56
N PHE L 64 -31.37 56.94 -3.22
CA PHE L 64 -31.67 55.71 -2.52
C PHE L 64 -30.44 54.84 -2.30
N SER L 65 -30.19 54.53 -1.05
CA SER L 65 -29.06 53.69 -0.67
C SER L 65 -29.39 52.91 0.59
N GLY L 66 -29.06 51.62 0.64
CA GLY L 66 -29.36 50.90 1.87
C GLY L 66 -28.13 50.30 2.52
N SER L 67 -28.36 49.64 3.65
CA SER L 67 -27.32 48.97 4.41
C SER L 67 -27.89 47.91 5.34
N LYS L 68 -27.02 47.03 5.84
CA LYS L 68 -27.41 46.01 6.82
C LYS L 68 -26.33 45.83 7.89
N SER L 69 -26.76 45.64 9.14
CA SER L 69 -25.86 45.38 10.26
C SER L 69 -26.55 44.54 11.34
N GLY L 70 -25.86 43.54 11.89
CA GLY L 70 -26.52 42.73 12.90
C GLY L 70 -27.71 42.04 12.25
N THR L 71 -28.90 42.21 12.83
CA THR L 71 -30.13 41.63 12.33
C THR L 71 -31.08 42.71 11.85
N SER L 72 -30.55 43.92 11.69
CA SER L 72 -31.34 45.06 11.26
C SER L 72 -30.85 45.58 9.92
N ALA L 73 -31.71 46.29 9.22
CA ALA L 73 -31.38 46.89 7.96
C ALA L 73 -32.15 48.17 7.75
N SER L 74 -31.68 49.00 6.85
CA SER L 74 -32.39 50.22 6.55
C SER L 74 -32.20 50.75 5.15
N LEU L 75 -33.16 51.57 4.74
CA LEU L 75 -33.14 52.32 3.49
C LEU L 75 -33.02 53.79 3.77
N THR L 76 -32.05 54.44 3.18
CA THR L 76 -31.88 55.86 3.36
C THR L 76 -32.31 56.57 2.10
N ILE L 77 -33.15 57.58 2.26
CA ILE L 77 -33.56 58.39 1.14
C ILE L 77 -33.00 59.79 1.42
N THR L 78 -32.03 60.24 0.64
CA THR L 78 -31.44 61.53 0.97
C THR L 78 -31.78 62.60 -0.03
N GLY L 79 -32.53 63.62 0.41
CA GLY L 79 -32.94 64.67 -0.49
C GLY L 79 -34.32 64.36 -1.02
N LEU L 80 -35.29 64.16 -0.11
CA LEU L 80 -36.64 63.77 -0.51
C LEU L 80 -37.26 64.65 -1.55
N GLN L 81 -37.80 64.02 -2.57
CA GLN L 81 -38.50 64.73 -3.63
C GLN L 81 -39.98 64.42 -3.58
N ALA L 82 -40.82 65.26 -4.16
CA ALA L 82 -42.25 64.95 -4.11
C ALA L 82 -42.58 63.58 -4.74
N GLU L 83 -41.84 63.19 -5.76
CA GLU L 83 -42.07 61.91 -6.44
C GLU L 83 -41.69 60.69 -5.59
N ASP L 84 -41.07 60.91 -4.44
CA ASP L 84 -40.67 59.82 -3.57
C ASP L 84 -41.79 59.41 -2.61
N GLU L 85 -42.92 60.13 -2.59
CA GLU L 85 -43.95 59.65 -1.69
C GLU L 85 -44.37 58.28 -2.19
N ALA L 86 -44.28 57.26 -1.34
CA ALA L 86 -44.56 55.89 -1.76
C ALA L 86 -44.62 54.93 -0.58
N ASP L 87 -45.09 53.72 -0.86
CA ASP L 87 -45.09 52.59 0.08
C ASP L 87 -43.79 51.80 -0.09
N TYR L 88 -42.95 51.79 0.92
CA TYR L 88 -41.67 51.10 0.79
C TYR L 88 -41.71 49.80 1.55
N TYR L 89 -41.17 48.74 0.95
CA TYR L 89 -41.15 47.44 1.62
C TYR L 89 -39.77 46.84 1.63
N CYS L 90 -39.41 46.09 2.69
CA CYS L 90 -38.17 45.31 2.76
C CYS L 90 -38.48 43.83 2.56
N GLN L 91 -37.54 43.12 1.97
CA GLN L 91 -37.64 41.69 1.70
C GLN L 91 -36.39 40.90 2.03
N SER L 92 -36.59 39.71 2.58
CA SER L 92 -35.47 38.80 2.83
C SER L 92 -35.96 37.36 2.83
N TYR L 93 -35.12 36.43 3.25
CA TYR L 93 -35.48 35.02 3.29
C TYR L 93 -35.38 34.48 4.71
N ASP L 94 -36.43 33.82 5.15
CA ASP L 94 -36.56 33.25 6.49
C ASP L 94 -36.37 31.75 6.42
N THR L 95 -35.43 31.22 7.20
CA THR L 95 -35.13 29.78 7.13
C THR L 95 -36.10 28.87 7.92
N SER L 96 -37.00 29.45 8.72
CA SER L 96 -37.92 28.65 9.53
C SER L 96 -39.09 28.15 8.70
N LEU L 97 -39.87 27.20 9.24
CA LEU L 97 -41.06 26.67 8.56
C LEU L 97 -40.75 26.12 7.18
N ARG L 98 -39.62 25.45 7.05
CA ARG L 98 -39.13 24.84 5.82
C ARG L 98 -38.66 25.85 4.78
N GLY L 99 -38.64 27.13 5.12
CA GLY L 99 -38.12 28.16 4.26
C GLY L 99 -39.17 28.97 3.53
N PHE L 100 -39.09 30.28 3.63
CA PHE L 100 -40.04 31.13 2.92
C PHE L 100 -39.46 32.51 2.71
N TYR L 101 -40.02 33.23 1.77
CA TYR L 101 -39.59 34.59 1.57
C TYR L 101 -40.47 35.44 2.40
N VAL L 102 -39.91 36.51 2.92
CA VAL L 102 -40.65 37.41 3.76
C VAL L 102 -40.58 38.83 3.32
N PHE L 103 -41.57 39.58 3.76
CA PHE L 103 -41.67 40.99 3.51
C PHE L 103 -41.84 41.70 4.81
N GLY L 104 -41.49 42.95 4.83
CA GLY L 104 -41.78 43.69 6.01
C GLY L 104 -43.20 44.16 5.98
N THR L 105 -43.58 44.88 7.00
CA THR L 105 -44.95 45.34 7.12
C THR L 105 -45.27 46.52 6.21
N GLY L 106 -44.23 47.19 5.75
CA GLY L 106 -44.34 48.34 4.87
C GLY L 106 -44.30 49.66 5.62
N THR L 107 -43.76 50.68 4.95
CA THR L 107 -43.65 52.04 5.48
C THR L 107 -44.20 53.07 4.53
N LYS L 108 -45.00 54.00 5.00
CA LYS L 108 -45.40 55.08 4.12
C LYS L 108 -44.43 56.23 4.30
N VAL L 109 -43.79 56.64 3.22
CA VAL L 109 -42.86 57.76 3.35
C VAL L 109 -43.52 58.99 2.78
N THR L 110 -43.64 60.00 3.66
CA THR L 110 -44.33 61.25 3.35
C THR L 110 -43.41 62.47 3.26
N VAL L 111 -43.55 63.20 2.17
CA VAL L 111 -42.78 64.41 1.93
C VAL L 111 -43.67 65.59 2.38
N LEU L 112 -43.12 66.43 3.29
CA LEU L 112 -43.80 67.57 3.97
C LEU L 112 -43.22 68.95 3.55
C1 NAG M . -31.00 9.45 2.01
C2 NAG M . -30.84 10.18 0.62
C3 NAG M . -32.19 10.18 -0.15
C4 NAG M . -32.64 8.68 -0.36
C5 NAG M . -32.77 8.00 1.05
C6 NAG M . -33.13 6.51 0.95
C7 NAG M . -29.39 12.45 1.02
C8 NAG M . -29.74 13.88 1.30
N2 NAG M . -30.31 11.52 0.86
O3 NAG M . -32.01 10.85 -1.40
O4 NAG M . -33.93 8.63 -1.03
O5 NAG M . -31.47 8.08 1.77
O6 NAG M . -33.39 5.94 2.23
O7 NAG M . -28.20 12.10 0.94
C1 NAG M . -33.91 8.16 -2.47
C2 NAG M . -35.39 7.84 -2.92
C3 NAG M . -35.35 7.37 -4.42
C4 NAG M . -34.69 8.47 -5.32
C5 NAG M . -33.23 8.74 -4.78
C6 NAG M . -32.50 9.88 -5.50
C7 NAG M . -36.82 6.92 -1.10
C8 NAG M . -37.28 5.74 -0.29
N2 NAG M . -35.93 6.73 -2.07
O3 NAG M . -36.70 7.15 -4.88
O4 NAG M . -34.62 8.02 -6.67
O5 NAG M . -33.30 9.15 -3.35
O6 NAG M . -31.84 9.45 -6.69
O7 NAG M . -37.28 8.04 -0.83
C1 NAG N . 9.29 -7.64 -30.15
C2 NAG N . 9.85 -6.16 -30.32
C3 NAG N . 11.06 -6.16 -31.30
C4 NAG N . 12.17 -7.10 -30.70
C5 NAG N . 11.59 -8.54 -30.53
C6 NAG N . 12.56 -9.51 -29.87
C7 NAG N . 7.70 -4.50 -30.66
C8 NAG N . 6.98 -3.96 -31.85
N2 NAG N . 8.74 -5.31 -30.78
O3 NAG N . 11.53 -4.81 -31.44
O4 NAG N . 13.33 -7.16 -31.59
O5 NAG N . 10.38 -8.48 -29.65
O6 NAG N . 12.07 -10.85 -29.87
O7 NAG N . 7.35 -4.20 -29.51
C1 NAG N . 14.57 -6.44 -31.13
C2 NAG N . 15.79 -6.89 -32.03
C3 NAG N . 17.07 -6.12 -31.55
C4 NAG N . 16.82 -4.58 -31.61
C5 NAG N . 15.59 -4.22 -30.71
C6 NAG N . 15.17 -2.74 -30.75
C7 NAG N . 15.65 -9.27 -32.77
C8 NAG N . 15.89 -10.72 -32.49
N2 NAG N . 16.00 -8.36 -31.85
O3 NAG N . 18.17 -6.46 -32.40
O4 NAG N . 17.99 -3.89 -31.13
O5 NAG N . 14.41 -5.00 -31.17
O6 NAG N . 15.90 -1.93 -29.85
O7 NAG N . 15.14 -8.94 -33.85
C1 NAG O . 20.63 19.88 15.28
C2 NAG O . 19.74 21.11 14.82
C3 NAG O . 19.83 22.26 15.86
C4 NAG O . 19.31 21.70 17.24
C5 NAG O . 20.20 20.47 17.65
C6 NAG O . 19.73 19.81 18.94
C7 NAG O . 20.22 21.52 12.16
C8 NAG O . 21.17 22.39 11.39
N2 NAG O . 20.19 21.51 13.48
O3 NAG O . 19.02 23.35 15.41
O4 NAG O . 19.41 22.72 18.27
O5 NAG O . 20.15 19.43 16.59
O6 NAG O . 20.63 18.81 19.40
O7 NAG O . 19.43 20.77 11.57
C1 NAG O . 18.10 23.32 18.75
C2 NAG O . 18.36 24.14 20.07
C3 NAG O . 16.99 24.77 20.53
C4 NAG O . 16.39 25.66 19.39
C5 NAG O . 16.19 24.77 18.11
C6 NAG O . 15.71 25.54 16.88
C7 NAG O . 20.14 23.16 21.52
C8 NAG O . 20.53 22.18 22.58
N2 NAG O . 18.85 23.21 21.12
O3 NAG O . 17.22 25.58 21.69
O4 NAG O . 15.14 26.20 19.82
O5 NAG O . 17.50 24.16 17.72
O6 NAG O . 14.29 25.69 16.84
O7 NAG O . 21.00 23.91 21.04
C1 NAG P . -29.24 -40.15 33.28
C2 NAG P . -29.77 -38.97 32.35
C3 NAG P . -30.07 -37.72 33.24
C4 NAG P . -31.13 -38.10 34.34
C5 NAG P . -30.56 -39.28 35.20
C6 NAG P . -31.56 -39.76 36.26
C7 NAG P . -28.73 -39.01 30.06
C8 NAG P . -27.59 -38.63 29.16
N2 NAG P . -28.69 -38.64 31.36
O3 NAG P . -30.60 -36.65 32.42
O4 NAG P . -31.36 -36.96 35.17
O5 NAG P . -30.26 -40.44 34.32
O6 NAG P . -30.95 -40.70 37.16
O7 NAG P . -29.69 -39.64 29.60
C1 NAG Q . -19.62 -40.56 13.60
C2 NAG Q . -19.85 -41.22 12.17
C3 NAG Q . -20.35 -40.13 11.17
C4 NAG Q . -21.68 -39.50 11.72
C5 NAG Q . -21.43 -38.89 13.15
C6 NAG Q . -22.70 -38.35 13.79
C7 NAG Q . -17.57 -42.66 11.59
C8 NAG Q . -16.44 -42.37 10.65
N2 NAG Q . -18.58 -41.81 11.71
O3 NAG Q . -20.61 -40.73 9.89
O4 NAG Q . -22.11 -38.46 10.82
O5 NAG Q . -20.89 -39.95 14.04
O6 NAG Q . -22.44 -37.57 14.96
O7 NAG Q . -17.56 -43.69 12.28
C1 NAG R . -33.75 3.63 6.51
C2 NAG R . -34.75 4.85 6.77
C3 NAG R . -36.16 4.27 7.13
C4 NAG R . -36.67 3.37 5.95
C5 NAG R . -35.63 2.21 5.70
C6 NAG R . -35.99 1.32 4.50
C7 NAG R . -34.05 6.64 8.75
C8 NAG R . -32.96 6.56 9.79
N2 NAG R . -34.22 5.65 7.89
O3 NAG R . -37.07 5.37 7.31
O4 NAG R . -37.94 2.81 6.29
O5 NAG R . -34.30 2.80 5.42
O6 NAG R . -36.09 2.05 3.27
O7 NAG R . -34.80 7.62 8.71
C1 NAG S . -14.71 42.74 3.59
C2 NAG S . -13.23 42.60 4.18
C3 NAG S . -12.88 43.93 4.93
C4 NAG S . -12.97 45.14 3.93
C5 NAG S . -14.43 45.21 3.36
C6 NAG S . -14.59 46.29 2.28
C7 NAG S . -12.74 40.51 5.87
C8 NAG S . -13.65 39.44 6.38
N2 NAG S . -13.19 41.43 5.06
O3 NAG S . -11.52 43.84 5.43
O4 NAG S . -12.67 46.35 4.64
O5 NAG S . -14.76 43.91 2.70
O6 NAG S . -15.96 46.45 1.90
O7 NAG S . -11.55 40.52 6.22
C1 NAG T . 10.79 -58.79 -1.48
C2 NAG T . 11.13 -57.62 -2.52
C3 NAG T . 10.03 -57.60 -3.62
C4 NAG T . 9.96 -59.01 -4.34
C5 NAG T . 9.65 -60.11 -3.27
C6 NAG T . 9.63 -61.52 -3.85
C7 NAG T . 12.26 -55.66 -1.44
C8 NAG T . 12.14 -54.37 -0.68
N2 NAG T . 11.14 -56.33 -1.78
O3 NAG T . 10.34 -56.59 -4.60
O4 NAG T . 8.92 -58.98 -5.32
O5 NAG T . 10.71 -60.07 -2.19
O6 NAG T . 9.16 -62.48 -2.90
O7 NAG T . 13.38 -56.09 -1.73
C1 NAG U . 20.21 -41.66 8.41
C2 NAG U . 21.67 -41.15 8.81
C3 NAG U . 22.09 -40.00 7.84
C4 NAG U . 22.05 -40.50 6.36
C5 NAG U . 20.61 -41.03 6.03
C6 NAG U . 20.51 -41.65 4.63
C7 NAG U . 21.66 -40.75 11.53
C8 NAG U . 21.63 -39.49 12.32
N2 NAG U . 21.66 -40.71 10.21
O3 NAG U . 23.43 -39.58 8.16
O4 NAG U . 22.39 -39.43 5.48
O5 NAG U . 20.23 -42.09 7.01
O6 NAG U . 19.16 -41.88 4.23
O7 NAG U . 21.69 -41.85 12.11
C1 NAG V . 10.35 -15.36 -29.18
C2 NAG V . 10.05 -15.19 -30.74
C3 NAG V . 10.79 -16.33 -31.51
C4 NAG V . 12.33 -16.26 -31.22
C5 NAG V . 12.56 -16.39 -29.68
C6 NAG V . 14.03 -16.23 -29.26
C7 NAG V . 7.41 -15.20 -31.53
C8 NAG V . 6.17 -15.55 -30.75
N2 NAG V . 8.59 -15.27 -30.95
O3 NAG V . 10.56 -16.15 -32.93
O4 NAG V . 12.99 -17.33 -31.91
O5 NAG V . 11.80 -15.32 -28.98
O6 NAG V . 14.60 -14.98 -29.67
O7 NAG V . 7.32 -14.87 -32.72
C1 NAG W . -16.46 17.79 -38.32
C2 NAG W . -17.53 17.87 -37.16
C3 NAG W . -18.91 18.29 -37.78
C4 NAG W . -18.76 19.68 -38.50
C5 NAG W . -17.65 19.56 -39.61
C6 NAG W . -17.34 20.90 -40.29
C7 NAG W . -17.95 15.61 -35.66
C8 NAG W . -17.33 14.25 -35.76
N2 NAG W . -17.59 16.56 -36.50
O3 NAG W . -19.88 18.41 -36.74
O4 NAG W . -20.00 20.05 -39.09
O5 NAG W . -16.38 19.10 -38.99
O6 NAG W . -16.47 20.73 -41.40
O7 NAG W . -18.79 15.84 -34.78
C1 NAG X . 24.87 -30.51 45.00
C2 NAG X . 24.86 -28.96 44.66
C3 NAG X . 26.19 -28.60 43.91
C4 NAG X . 27.42 -28.99 44.80
C5 NAG X . 27.36 -30.52 45.13
C6 NAG X . 28.49 -30.98 46.05
C7 NAG X . 22.56 -28.08 44.20
C8 NAG X . 21.44 -27.86 43.23
N2 NAG X . 23.69 -28.68 43.77
O3 NAG X . 26.23 -27.18 43.63
O4 NAG X . 28.62 -28.69 44.09
O5 NAG X . 26.06 -30.83 45.81
O6 NAG X . 28.52 -32.41 46.17
O7 NAG X . 22.43 -27.70 45.37
C1 NAG Y . 4.63 -23.33 40.61
C2 NAG Y . 3.38 -22.73 41.39
C3 NAG Y . 3.29 -21.20 41.10
C4 NAG Y . 4.61 -20.50 41.54
C5 NAG Y . 5.83 -21.14 40.79
C6 NAG Y . 7.18 -20.58 41.25
C7 NAG Y . 1.25 -24.39 40.82
C8 NAG Y . 0.07 -24.18 39.93
N2 NAG Y . 2.17 -23.44 40.95
O3 NAG Y . 2.18 -20.65 41.84
O4 NAG Y . 4.53 -19.10 41.23
O5 NAG Y . 5.85 -22.61 41.04
O6 NAG Y . 8.25 -20.97 40.38
O7 NAG Y . 1.37 -25.45 41.46
C1 NAG Z . 23.25 14.91 20.78
C2 NAG Z . 24.42 15.99 20.61
C3 NAG Z . 25.17 16.12 21.98
C4 NAG Z . 24.16 16.56 23.11
C5 NAG Z . 23.00 15.50 23.19
C6 NAG Z . 21.91 15.87 24.19
C7 NAG Z . 26.30 15.51 18.66
C8 NAG Z . 26.53 14.28 17.82
N2 NAG Z . 25.32 15.53 19.56
O3 NAG Z . 26.19 17.13 21.85
O4 NAG Z . 24.84 16.64 24.35
O5 NAG Z . 22.35 15.36 21.86
O6 NAG Z . 21.29 17.13 23.90
O7 NAG Z . 27.02 16.51 18.52
C1 NAG AA . 26.62 31.04 -19.58
C2 NAG AA . 26.29 29.86 -20.60
C3 NAG AA . 27.21 30.02 -21.86
C4 NAG AA . 26.96 31.42 -22.53
C5 NAG AA . 27.25 32.55 -21.47
C6 NAG AA . 26.92 33.95 -21.99
C7 NAG AA . 26.55 27.29 -19.69
C8 NAG AA . 26.99 26.78 -18.35
N2 NAG AA . 26.50 28.58 -19.92
O3 NAG AA . 26.89 28.99 -22.82
O4 NAG AA . 27.82 31.58 -23.65
O5 NAG AA . 26.42 32.33 -20.27
O6 NAG AA . 27.36 34.96 -21.08
O7 NAG AA . 26.24 26.50 -20.58
#